data_7ED5
#
_entry.id   7ED5
#
_cell.length_a   1.00
_cell.length_b   1.00
_cell.length_c   1.00
_cell.angle_alpha   90.00
_cell.angle_beta   90.00
_cell.angle_gamma   90.00
#
_symmetry.space_group_name_H-M   'P 1'
#
loop_
_entity.id
_entity.type
_entity.pdbx_description
1 polymer 'RNA-directed RNA polymerase'
2 polymer 'Non-structural protein 8'
3 polymer 'Non-structural protein 7'
4 polymer "RNA (5'-R(P*GP*CP*UP*AP*UP*GP*UP*GP*AP*GP*AP*UP*UP*AP*AP*GP*UP*UP*AP*U*(AT9))-3')"
5 polymer "RNA (5'-R(P*CP*CP*CP*CP*AP*UP*AP*AP*CP*UP*UP*AP*AP*UP*CP*UP*CP*AP*CP*AP*UP*AP*GP*C)-3')"
6 non-polymer 'ZINC ION'
7 non-polymer 'MAGNESIUM ION'
8 non-polymer '[[(2R,3R,4R,5R)-5-(2-azanyl-6-oxidanylidene-1H-purin-9-yl)-4-fluoranyl-4-methyl-3-oxidanyl-oxolan-2-yl]methoxy-oxidanyl-phosphoryl] phosphono hydrogen phosphate'
#
loop_
_entity_poly.entity_id
_entity_poly.type
_entity_poly.pdbx_seq_one_letter_code
_entity_poly.pdbx_strand_id
1 'polypeptide(L)'
;MHHHHHHHHWSHPQFEKENLYFQGSADAQSFLNRVCGVSAARLTPCGTGTSTDVVYRAFDIYNDKVAGFAKFLKTNCCRF
QEKDEDDNLIDSYFVVKRHTFSNYQHEETIYNLLKDCPAVAKHDFFKFRIDGDMVPHISRQRLTKYTMADLVYALRHFDE
GNCDTLKEILVTYNCCDDDYFNKKDWYDFVENPDILRVYANLGERVRQALLKTVQFCDAMRNAGIVGVLTLDNQDLNGNW
YDFGDFIQTTPGSGVPVVDSYYSLLMPILTLTRALTAESHVDTDLTKPYIKWDLLKYDFTEERLKLFDRYFKYWDQTYHP
NCVNCLDDRCILHCANFNVLFSTVFPPTSFGPLVRKIFVDGVPFVVSTGYHFRELGVVHNQDVNLHSSRLSFKELLVYAA
DPAMHAASGNLLLDKRTTCFSVAALTNNVAFQTVKPGNFNKDFYDFAVSKGFFKEGSSVELKHFFFAQDGNAAISDYDYY
RYNLPTMCDIRQLLFVVEVVDKYFDCYDGGCINANQVIVNNLDKSAGFPFNKWGKARLYYDSMSYEDQDALFAYTKRNVI
PTITQMNLKYAISAKNRARTVAGVSICSTMTNRQFHQKLLKSIAATRGATVVIGTSKFYGGWHNMLKTVYSDVENPHLMG
WDYPKCDRAMPNMLRIMASLVLARKHTTCCSLSHRFYRLANECAQVLSEMVMCGGSLYVKPGGTSSGDATTAYANSVFNI
CQAVTANVNALLSTDGNKIADKYVRNLQHRLYECLYRNRDVDTDFVNEFYAYLRKHFSMMILSDDAVVCFNSTYASQGLV
ASIKNFKSVLYYQNNVFMSEAKCWTETDLTKGPHEFCSQHTMLVKQGDDYVYLPYPDPSRILGAGCFVDDIVKTDGTLMI
ERFVSLAIDAYPLTKHPNQEYADVFHLYLQYIRKLHDELTGHMLDMYSVMLTNDNTSRYWEPEFYEAMYTPHTVLQ
;
A
2 'polypeptide(L)'
;MHHHHHHDYKDDDDKENLYFQGAIASEFSSLPSYAAFATAQEAYEQAVANGDSEVVLKKLKKSLNVAKSEFDRDAAMQRK
LEKMADQAMTQMYKQARSEDKRAKVTSAMQTMLFTMLRKLDNDALNNIINNARDGCVPLNIIPLTTAAKLMVVIPDYNTY
KNTCDGTTFTYASALWEIQQVVDADSKIVQLSEISMDNSPNLAWPLIVTALRANSAVKLQ
;
B,D
3 'polypeptide(L)'
;MSKMSDVKCTSVVLLSVLQQLRVESSSKLWAQCVQLHNDILLAKDTTEAFEKMVSLLSVLLSMQGAVDINKLCEEMLDNR
ATLQGGGGSGLNDIFEAQKIEWHEHHHHHH
;
C
4 'polyribonucleotide' GCUAUGUGAGAUUAAGUUAU I
5 'polyribonucleotide' CCCCCCCCCCAUAACUUAAUCUCACAUAGC J
#
loop_
_chem_comp.id
_chem_comp.type
_chem_comp.name
_chem_comp.formula
A RNA linking ADENOSINE-5'-MONOPHOSPHATE 'C10 H14 N5 O7 P'
AT9 non-polymer '[[(2R,3R,4R,5R)-5-(2-azanyl-6-oxidanylidene-1H-purin-9-yl)-4-fluoranyl-4-methyl-3-oxidanyl-oxolan-2-yl]methoxy-oxidanyl-phosphoryl] phosphono hydrogen phosphate' 'C11 H17 F N5 O13 P3'
C RNA linking CYTIDINE-5'-MONOPHOSPHATE 'C9 H14 N3 O8 P'
G RNA linking GUANOSINE-5'-MONOPHOSPHATE 'C10 H14 N5 O8 P'
MG non-polymer 'MAGNESIUM ION' 'Mg 2'
U RNA linking URIDINE-5'-MONOPHOSPHATE 'C9 H13 N2 O9 P'
ZN non-polymer 'ZINC ION' 'Zn 2'
#
# COMPACT_ATOMS: atom_id res chain seq x y z
N ALA A 28 52.49 6.42 29.68
CA ALA A 28 53.42 7.50 30.00
C ALA A 28 52.78 8.86 29.76
N GLN A 29 53.15 9.84 30.59
CA GLN A 29 52.62 11.19 30.45
C GLN A 29 53.33 11.98 29.36
N SER A 30 54.57 11.62 29.04
CA SER A 30 55.30 12.32 27.98
C SER A 30 54.66 12.07 26.61
N PHE A 31 54.13 10.88 26.38
CA PHE A 31 53.45 10.59 25.13
C PHE A 31 52.23 11.49 24.94
N LEU A 32 51.44 11.68 26.00
CA LEU A 32 50.28 12.56 25.91
C LEU A 32 50.70 13.99 25.62
N ASN A 33 51.77 14.47 26.27
CA ASN A 33 52.26 15.81 26.00
C ASN A 33 52.76 15.95 24.58
N ARG A 34 53.35 14.90 24.02
CA ARG A 34 53.83 14.96 22.65
C ARG A 34 52.70 14.88 21.63
N VAL A 35 51.60 14.21 21.97
CA VAL A 35 50.47 14.10 21.05
C VAL A 35 49.89 15.48 20.77
N CYS A 36 49.69 16.28 21.81
CA CYS A 36 49.19 17.64 21.68
C CYS A 36 50.40 18.58 21.71
N GLY A 37 50.82 19.03 20.52
CA GLY A 37 52.01 19.84 20.41
C GLY A 37 51.74 21.33 20.39
N VAL A 38 51.84 21.94 19.21
CA VAL A 38 51.60 23.38 19.08
C VAL A 38 50.17 23.72 19.47
N SER A 39 49.21 22.86 19.11
CA SER A 39 47.83 23.08 19.50
C SER A 39 47.68 22.97 21.02
N ALA A 40 46.92 23.90 21.60
CA ALA A 40 46.68 23.92 23.04
C ALA A 40 45.42 23.11 23.33
N ALA A 41 45.61 21.81 23.47
CA ALA A 41 44.52 20.87 23.71
C ALA A 41 44.77 20.10 25.00
N ARG A 42 43.71 19.92 25.79
CA ARG A 42 43.76 19.13 27.00
C ARG A 42 43.20 17.75 26.70
N LEU A 43 44.04 16.72 26.83
CA LEU A 43 43.71 15.38 26.41
C LEU A 43 43.64 14.44 27.61
N THR A 44 42.68 13.52 27.55
CA THR A 44 42.55 12.43 28.49
C THR A 44 42.69 11.11 27.75
N PRO A 45 43.55 10.20 28.20
CA PRO A 45 43.73 8.94 27.46
C PRO A 45 42.43 8.16 27.36
N CYS A 46 42.18 7.60 26.18
CA CYS A 46 41.00 6.78 25.94
C CYS A 46 41.32 5.29 26.10
N GLY A 47 42.55 4.95 26.43
CA GLY A 47 42.94 3.57 26.66
C GLY A 47 43.64 3.39 27.99
N THR A 48 44.87 2.88 27.96
CA THR A 48 45.66 2.69 29.17
C THR A 48 47.13 2.72 28.81
N GLY A 49 47.87 3.67 29.38
CA GLY A 49 49.29 3.78 29.10
C GLY A 49 49.54 4.20 27.66
N THR A 50 50.69 3.76 27.13
CA THR A 50 51.07 4.03 25.77
C THR A 50 50.57 2.97 24.78
N SER A 51 49.84 1.97 25.27
CA SER A 51 49.34 0.92 24.40
C SER A 51 48.26 1.46 23.46
N THR A 52 47.95 0.66 22.44
CA THR A 52 46.97 1.06 21.43
C THR A 52 45.56 0.88 22.00
N ASP A 53 44.55 1.17 21.17
CA ASP A 53 43.16 1.05 21.57
C ASP A 53 42.42 0.27 20.49
N VAL A 54 41.73 -0.79 20.88
CA VAL A 54 41.00 -1.65 19.96
C VAL A 54 39.58 -1.15 19.84
N VAL A 55 39.12 -0.94 18.61
CA VAL A 55 37.76 -0.49 18.34
C VAL A 55 37.12 -1.43 17.33
N TYR A 56 35.80 -1.52 17.37
CA TYR A 56 35.02 -2.39 16.50
C TYR A 56 34.16 -1.49 15.61
N ARG A 57 34.72 -1.08 14.48
CA ARG A 57 34.07 -0.14 13.58
C ARG A 57 33.88 -0.77 12.21
N ALA A 58 33.00 -0.16 11.42
CA ALA A 58 32.73 -0.63 10.07
C ALA A 58 33.77 -0.09 9.10
N PHE A 59 34.16 -0.93 8.15
CA PHE A 59 35.17 -0.57 7.16
C PHE A 59 34.70 -0.95 5.78
N ASP A 60 35.10 -0.15 4.79
CA ASP A 60 34.87 -0.44 3.38
C ASP A 60 36.21 -0.85 2.80
N ILE A 61 36.51 -2.14 2.87
CA ILE A 61 37.84 -2.65 2.57
C ILE A 61 37.81 -3.40 1.25
N TYR A 62 38.93 -3.35 0.53
CA TYR A 62 39.08 -4.07 -0.74
C TYR A 62 40.56 -4.41 -0.90
N ASN A 63 40.92 -5.64 -0.57
CA ASN A 63 42.27 -6.13 -0.73
C ASN A 63 42.26 -7.36 -1.65
N ASP A 64 43.42 -8.00 -1.77
CA ASP A 64 43.51 -9.27 -2.48
C ASP A 64 43.09 -10.45 -1.61
N LYS A 65 42.84 -10.23 -0.32
CA LYS A 65 42.41 -11.26 0.60
C LYS A 65 40.98 -11.09 1.08
N VAL A 66 40.53 -9.85 1.27
CA VAL A 66 39.18 -9.56 1.75
C VAL A 66 38.62 -8.39 0.95
N ALA A 67 37.31 -8.39 0.77
CA ALA A 67 36.63 -7.30 0.08
C ALA A 67 35.17 -7.29 0.51
N GLY A 68 34.77 -6.22 1.20
CA GLY A 68 33.39 -6.10 1.65
C GLY A 68 33.21 -4.87 2.48
N PHE A 69 31.97 -4.70 2.96
CA PHE A 69 31.60 -3.60 3.85
C PHE A 69 31.11 -4.21 5.16
N ALA A 70 32.04 -4.49 6.06
CA ALA A 70 31.74 -5.16 7.31
C ALA A 70 32.46 -4.46 8.45
N LYS A 71 32.26 -4.98 9.67
CA LYS A 71 32.87 -4.43 10.86
C LYS A 71 34.09 -5.26 11.25
N PHE A 72 35.22 -4.59 11.45
CA PHE A 72 36.47 -5.25 11.79
C PHE A 72 37.01 -4.67 13.09
N LEU A 73 38.05 -5.29 13.64
CA LEU A 73 38.68 -4.76 14.84
C LEU A 73 39.95 -4.06 14.43
N LYS A 74 40.08 -2.78 14.78
CA LYS A 74 41.24 -2.01 14.41
C LYS A 74 42.11 -1.89 15.61
N THR A 75 43.27 -2.51 15.59
CA THR A 75 44.10 -2.53 16.78
C THR A 75 45.32 -1.65 16.85
N ASN A 76 45.44 -0.65 16.00
CA ASN A 76 46.53 0.30 16.15
C ASN A 76 45.83 1.48 16.79
N CYS A 77 46.19 2.72 16.47
CA CYS A 77 45.45 3.88 16.94
C CYS A 77 45.28 4.14 18.40
N CYS A 78 46.15 4.93 19.00
CA CYS A 78 45.98 5.32 20.37
C CYS A 78 45.04 6.54 20.46
N ARG A 79 43.74 6.35 20.70
CA ARG A 79 42.75 7.40 20.84
C ARG A 79 43.04 8.26 22.07
N PHE A 80 42.78 9.56 21.94
CA PHE A 80 42.97 10.51 23.03
C PHE A 80 41.84 11.52 22.96
N GLN A 81 40.84 11.37 23.82
CA GLN A 81 39.71 12.29 23.84
C GLN A 81 40.13 13.62 24.45
N GLU A 82 39.63 14.71 23.86
CA GLU A 82 39.94 16.06 24.32
C GLU A 82 38.81 16.56 25.21
N LYS A 83 39.17 17.10 26.37
CA LYS A 83 38.22 17.67 27.30
C LYS A 83 38.29 19.19 27.23
N ASP A 84 37.14 19.84 27.43
CA ASP A 84 37.06 21.29 27.29
C ASP A 84 37.73 21.98 28.48
N GLU A 85 37.61 23.31 28.51
CA GLU A 85 38.20 24.08 29.61
C GLU A 85 37.58 23.71 30.94
N ASP A 86 36.27 23.46 30.96
CA ASP A 86 35.56 23.05 32.17
C ASP A 86 35.64 21.55 32.44
N ASP A 87 36.62 20.86 31.86
CA ASP A 87 36.85 19.43 32.08
C ASP A 87 35.65 18.59 31.67
N ASN A 88 34.99 18.97 30.57
CA ASN A 88 33.91 18.17 30.00
C ASN A 88 34.37 17.57 28.68
N LEU A 89 34.18 16.26 28.53
CA LEU A 89 34.62 15.57 27.33
C LEU A 89 33.77 15.99 26.14
N ILE A 90 34.43 16.31 25.03
CA ILE A 90 33.75 16.70 23.80
C ILE A 90 34.08 15.70 22.71
N ASP A 91 33.49 15.89 21.52
CA ASP A 91 33.71 14.97 20.41
C ASP A 91 34.95 15.41 19.62
N SER A 92 36.11 15.20 20.26
CA SER A 92 37.39 15.55 19.66
C SER A 92 38.41 14.53 20.12
N TYR A 93 38.95 13.76 19.17
CA TYR A 93 39.88 12.68 19.48
C TYR A 93 41.16 12.85 18.68
N PHE A 94 42.25 12.36 19.25
CA PHE A 94 43.58 12.42 18.63
C PHE A 94 44.04 10.98 18.42
N VAL A 95 43.69 10.40 17.27
CA VAL A 95 44.04 9.02 16.96
C VAL A 95 45.49 9.01 16.47
N VAL A 96 46.37 8.37 17.23
CA VAL A 96 47.80 8.32 16.91
C VAL A 96 48.07 6.93 16.34
N LYS A 97 47.99 6.83 15.02
CA LYS A 97 48.20 5.55 14.36
C LYS A 97 49.67 5.15 14.38
N ARG A 98 49.94 3.89 14.70
CA ARG A 98 51.28 3.32 14.65
C ARG A 98 51.34 2.32 13.51
N HIS A 99 52.30 2.51 12.60
CA HIS A 99 52.44 1.63 11.44
C HIS A 99 53.92 1.67 11.05
N THR A 100 54.25 1.11 9.88
CA THR A 100 55.64 1.00 9.47
C THR A 100 56.21 2.37 9.09
N PHE A 101 57.54 2.42 9.02
CA PHE A 101 58.23 3.66 8.68
C PHE A 101 57.91 4.11 7.26
N SER A 102 57.86 3.17 6.31
CA SER A 102 57.64 3.52 4.92
C SER A 102 56.28 4.18 4.72
N ASN A 103 55.23 3.61 5.32
CA ASN A 103 53.92 4.22 5.23
C ASN A 103 53.90 5.59 5.90
N TYR A 104 54.62 5.73 7.01
CA TYR A 104 54.71 7.01 7.70
C TYR A 104 55.31 8.08 6.80
N GLN A 105 56.45 7.79 6.19
CA GLN A 105 57.12 8.76 5.34
C GLN A 105 56.40 9.01 4.03
N HIS A 106 55.63 8.04 3.53
CA HIS A 106 54.82 8.28 2.34
C HIS A 106 53.61 9.15 2.67
N GLU A 107 52.94 8.87 3.78
CA GLU A 107 51.80 9.67 4.22
C GLU A 107 52.23 11.09 4.55
N GLU A 108 53.46 11.27 5.05
CA GLU A 108 53.96 12.62 5.30
C GLU A 108 54.04 13.41 4.00
N THR A 109 54.57 12.79 2.94
CA THR A 109 54.67 13.48 1.65
C THR A 109 53.29 13.78 1.08
N ILE A 110 52.37 12.82 1.15
CA ILE A 110 51.03 13.05 0.61
C ILE A 110 50.32 14.16 1.38
N TYR A 111 50.47 14.17 2.71
CA TYR A 111 49.87 15.23 3.51
C TYR A 111 50.46 16.58 3.17
N ASN A 112 51.79 16.65 3.02
CA ASN A 112 52.43 17.90 2.65
C ASN A 112 51.93 18.39 1.29
N LEU A 113 51.62 17.47 0.38
CA LEU A 113 51.01 17.86 -0.89
C LEU A 113 49.56 18.31 -0.69
N LEU A 114 48.88 17.76 0.31
CA LEU A 114 47.47 18.06 0.56
C LEU A 114 47.26 18.84 1.86
N LYS A 115 48.27 19.62 2.27
CA LYS A 115 48.19 20.32 3.55
C LYS A 115 47.19 21.46 3.50
N ASP A 116 47.15 22.21 2.41
CA ASP A 116 46.36 23.44 2.33
C ASP A 116 44.88 23.20 2.10
N CYS A 117 44.46 21.97 1.85
CA CYS A 117 43.04 21.71 1.64
C CYS A 117 42.28 21.87 2.96
N PRO A 118 41.14 22.57 2.94
CA PRO A 118 40.36 22.76 4.17
C PRO A 118 39.56 21.53 4.59
N ALA A 119 39.59 20.45 3.81
CA ALA A 119 38.86 19.23 4.14
C ALA A 119 39.79 18.09 4.55
N VAL A 120 40.99 18.42 5.03
CA VAL A 120 41.97 17.43 5.44
C VAL A 120 42.21 17.60 6.94
N ALA A 121 42.09 16.50 7.69
CA ALA A 121 42.33 16.55 9.12
C ALA A 121 43.78 16.90 9.41
N LYS A 122 43.99 17.69 10.46
CA LYS A 122 45.32 18.16 10.82
C LYS A 122 46.18 16.98 11.27
N HIS A 123 47.15 16.60 10.43
CA HIS A 123 48.07 15.52 10.74
C HIS A 123 49.28 16.06 11.49
N ASP A 124 49.83 15.24 12.38
CA ASP A 124 51.06 15.56 13.09
C ASP A 124 51.94 14.32 13.08
N PHE A 125 53.11 14.43 12.47
CA PHE A 125 54.02 13.31 12.29
C PHE A 125 55.19 13.45 13.27
N PHE A 126 55.39 12.42 14.10
CA PHE A 126 56.47 12.44 15.07
C PHE A 126 56.88 11.01 15.37
N LYS A 127 58.10 10.86 15.89
CA LYS A 127 58.64 9.57 16.30
C LYS A 127 58.88 9.62 17.81
N PHE A 128 58.30 8.67 18.53
CA PHE A 128 58.41 8.61 19.98
C PHE A 128 58.95 7.24 20.38
N ARG A 129 59.96 7.23 21.24
CA ARG A 129 60.55 5.98 21.72
C ARG A 129 59.58 5.30 22.68
N ILE A 130 59.14 4.09 22.31
CA ILE A 130 58.18 3.35 23.12
C ILE A 130 58.93 2.43 24.07
N ASP A 131 59.72 1.50 23.52
CA ASP A 131 60.47 0.56 24.34
C ASP A 131 61.88 0.35 23.83
N GLY A 132 62.46 1.33 23.14
CA GLY A 132 63.77 1.19 22.57
C GLY A 132 63.78 1.40 21.07
N ASP A 133 62.62 1.21 20.45
CA ASP A 133 62.43 1.43 19.02
C ASP A 133 61.52 2.63 18.83
N MET A 134 62.00 3.63 18.09
CA MET A 134 61.22 4.84 17.86
C MET A 134 60.13 4.58 16.83
N VAL A 135 58.95 4.18 17.30
CA VAL A 135 57.85 3.87 16.38
C VAL A 135 57.35 5.14 15.73
N PRO A 136 57.28 5.21 14.40
CA PRO A 136 56.75 6.42 13.75
C PRO A 136 55.26 6.56 14.01
N HIS A 137 54.85 7.74 14.46
CA HIS A 137 53.48 8.02 14.81
C HIS A 137 52.87 9.02 13.83
N ILE A 138 51.59 8.79 13.50
CA ILE A 138 50.84 9.67 12.60
C ILE A 138 49.63 10.15 13.39
N SER A 139 49.74 11.33 14.01
CA SER A 139 48.70 11.84 14.89
C SER A 139 47.75 12.72 14.11
N ARG A 140 46.47 12.38 14.14
CA ARG A 140 45.43 13.17 13.50
C ARG A 140 44.64 13.91 14.58
N GLN A 141 44.44 15.21 14.40
CA GLN A 141 43.97 16.09 15.45
C GLN A 141 42.51 16.47 15.25
N ARG A 142 41.73 16.37 16.33
CA ARG A 142 40.36 16.88 16.39
C ARG A 142 39.48 16.26 15.31
N LEU A 143 39.28 14.95 15.44
CA LEU A 143 38.35 14.20 14.60
C LEU A 143 37.37 13.44 15.47
N THR A 144 36.15 13.27 14.94
CA THR A 144 35.05 12.74 15.73
C THR A 144 35.26 11.27 16.06
N LYS A 145 34.42 10.78 16.98
CA LYS A 145 34.50 9.38 17.41
C LYS A 145 34.20 8.42 16.27
N TYR A 146 33.14 8.69 15.52
CA TYR A 146 32.68 7.82 14.46
C TYR A 146 32.95 8.44 13.10
N THR A 147 32.97 7.58 12.07
CA THR A 147 33.19 8.00 10.70
C THR A 147 31.87 7.89 9.92
N MET A 148 31.92 8.31 8.66
CA MET A 148 30.75 8.15 7.79
C MET A 148 30.46 6.68 7.51
N ALA A 149 31.49 5.84 7.50
CA ALA A 149 31.26 4.40 7.33
C ALA A 149 30.43 3.86 8.48
N ASP A 150 30.72 4.29 9.71
CA ASP A 150 29.93 3.84 10.86
C ASP A 150 28.48 4.28 10.74
N LEU A 151 28.25 5.54 10.32
CA LEU A 151 26.89 6.04 10.18
C LEU A 151 26.12 5.27 9.12
N VAL A 152 26.73 5.07 7.96
CA VAL A 152 26.02 4.38 6.87
C VAL A 152 25.83 2.91 7.21
N TYR A 153 26.75 2.30 7.95
CA TYR A 153 26.56 0.91 8.37
C TYR A 153 25.43 0.81 9.39
N ALA A 154 25.36 1.76 10.33
CA ALA A 154 24.29 1.75 11.31
C ALA A 154 22.93 1.94 10.65
N LEU A 155 22.85 2.83 9.66
CA LEU A 155 21.59 3.11 9.01
C LEU A 155 21.26 2.11 7.90
N ARG A 156 22.23 1.29 7.48
CA ARG A 156 22.00 0.31 6.42
C ARG A 156 22.00 -1.12 6.92
N HIS A 157 22.46 -1.37 8.15
CA HIS A 157 22.45 -2.68 8.78
C HIS A 157 21.74 -2.60 10.12
N PHE A 158 20.57 -1.96 10.11
CA PHE A 158 19.88 -1.63 11.35
C PHE A 158 19.38 -2.89 12.05
N ASP A 159 19.66 -2.98 13.35
CA ASP A 159 19.12 -4.02 14.21
C ASP A 159 18.63 -3.36 15.48
N GLU A 160 17.34 -3.55 15.79
CA GLU A 160 16.74 -2.85 16.93
C GLU A 160 17.36 -3.24 18.26
N GLY A 161 18.06 -4.36 18.33
CA GLY A 161 18.74 -4.75 19.56
C GLY A 161 20.13 -4.17 19.66
N ASN A 162 20.96 -4.40 18.63
CA ASN A 162 22.33 -3.90 18.61
C ASN A 162 22.38 -2.61 17.78
N CYS A 163 21.80 -1.55 18.35
CA CYS A 163 21.81 -0.24 17.71
C CYS A 163 22.45 0.80 18.62
N ASP A 164 23.56 0.44 19.26
CA ASP A 164 24.23 1.37 20.17
C ASP A 164 24.97 2.46 19.42
N THR A 165 25.58 2.12 18.28
CA THR A 165 26.31 3.14 17.50
C THR A 165 25.35 4.20 16.96
N LEU A 166 24.22 3.79 16.41
CA LEU A 166 23.24 4.75 15.93
C LEU A 166 22.69 5.59 17.08
N LYS A 167 22.44 4.96 18.23
CA LYS A 167 21.96 5.70 19.39
C LYS A 167 22.96 6.77 19.82
N GLU A 168 24.25 6.42 19.89
CA GLU A 168 25.26 7.39 20.28
C GLU A 168 25.39 8.49 19.24
N ILE A 169 25.34 8.14 17.95
CA ILE A 169 25.44 9.14 16.89
C ILE A 169 24.26 10.12 16.96
N LEU A 170 23.07 9.63 17.34
CA LEU A 170 21.93 10.52 17.50
C LEU A 170 22.05 11.36 18.76
N VAL A 171 22.58 10.80 19.85
CA VAL A 171 22.74 11.56 21.08
C VAL A 171 23.71 12.72 20.88
N THR A 172 24.88 12.44 20.32
CA THR A 172 25.76 13.52 19.92
C THR A 172 25.23 14.14 18.63
N TYR A 173 25.79 15.28 18.24
CA TYR A 173 25.28 16.05 17.10
C TYR A 173 23.77 16.25 17.26
N ASN A 174 23.40 17.01 18.29
CA ASN A 174 22.12 16.86 18.97
C ASN A 174 20.93 16.70 18.03
N CYS A 175 20.32 15.53 18.10
CA CYS A 175 19.08 15.16 17.42
C CYS A 175 18.03 14.66 18.40
N CYS A 176 18.43 13.85 19.37
CA CYS A 176 17.56 13.31 20.41
C CYS A 176 18.05 13.81 21.77
N ASP A 177 17.41 13.32 22.83
CA ASP A 177 17.75 13.72 24.20
C ASP A 177 18.08 12.52 25.07
N ASP A 178 18.45 11.39 24.46
CA ASP A 178 18.77 10.14 25.16
C ASP A 178 17.54 9.56 25.83
N ASP A 179 16.40 10.24 25.72
CA ASP A 179 15.12 9.74 26.19
C ASP A 179 14.18 9.37 25.06
N TYR A 180 14.47 9.80 23.83
CA TYR A 180 13.68 9.39 22.68
C TYR A 180 13.70 7.89 22.46
N PHE A 181 14.76 7.21 22.92
CA PHE A 181 14.87 5.77 22.78
C PHE A 181 14.08 5.01 23.83
N ASN A 182 13.50 5.70 24.80
CA ASN A 182 12.59 5.07 25.75
C ASN A 182 11.23 4.76 25.16
N LYS A 183 10.92 5.32 23.99
CA LYS A 183 9.69 4.98 23.29
C LYS A 183 9.75 3.54 22.82
N LYS A 184 8.56 2.96 22.61
CA LYS A 184 8.50 1.56 22.22
C LYS A 184 8.97 1.37 20.78
N ASP A 185 8.22 1.92 19.83
CA ASP A 185 8.60 1.88 18.42
C ASP A 185 9.17 3.23 17.99
N TRP A 186 10.42 3.47 18.40
CA TRP A 186 11.07 4.72 18.05
C TRP A 186 11.77 4.67 16.71
N TYR A 187 11.60 3.59 15.94
CA TYR A 187 12.28 3.44 14.66
C TYR A 187 11.37 2.88 13.57
N ASP A 188 10.06 2.76 13.83
CA ASP A 188 9.21 1.92 13.00
C ASP A 188 8.84 2.54 11.66
N PHE A 189 8.93 3.87 11.53
CA PHE A 189 8.58 4.61 10.32
C PHE A 189 7.08 4.56 10.02
N VAL A 190 6.33 3.81 10.82
CA VAL A 190 4.87 3.78 10.72
C VAL A 190 4.32 4.18 12.09
N GLU A 191 4.66 3.40 13.10
CA GLU A 191 4.49 3.85 14.47
C GLU A 191 5.57 4.87 14.80
N ASN A 192 5.17 5.97 15.42
CA ASN A 192 6.04 7.12 15.64
C ASN A 192 6.67 7.58 14.32
N PRO A 193 5.89 8.21 13.43
CA PRO A 193 6.47 8.74 12.19
C PRO A 193 7.38 9.94 12.41
N ASP A 194 7.72 10.25 13.66
CA ASP A 194 8.68 11.34 13.95
C ASP A 194 10.11 10.88 13.94
N ILE A 195 10.40 9.73 13.33
CA ILE A 195 11.77 9.23 13.23
C ILE A 195 12.27 9.74 11.90
N LEU A 196 11.44 10.49 11.20
CA LEU A 196 11.84 11.04 9.94
C LEU A 196 12.63 12.25 10.28
N ARG A 197 12.29 12.92 11.38
CA ARG A 197 13.13 14.00 11.84
C ARG A 197 13.99 13.23 12.80
N VAL A 198 14.87 13.86 13.56
CA VAL A 198 15.85 13.15 14.39
C VAL A 198 16.83 12.50 13.42
N TYR A 199 16.40 12.18 12.21
CA TYR A 199 17.28 11.67 11.20
C TYR A 199 17.57 12.86 10.35
N ALA A 200 16.55 13.62 9.96
CA ALA A 200 16.76 14.76 9.09
C ALA A 200 17.74 15.77 9.68
N ASN A 201 17.94 15.77 11.00
CA ASN A 201 18.89 16.69 11.61
C ASN A 201 20.34 16.35 11.28
N LEU A 202 20.60 15.16 10.78
CA LEU A 202 21.91 14.80 10.25
C LEU A 202 22.09 15.21 8.80
N GLY A 203 21.05 15.77 8.19
CA GLY A 203 21.11 16.10 6.78
C GLY A 203 22.16 17.16 6.48
N GLU A 204 22.22 18.20 7.31
CA GLU A 204 23.23 19.24 7.10
C GLU A 204 24.63 18.71 7.34
N ARG A 205 24.80 17.82 8.31
CA ARG A 205 26.10 17.18 8.52
C ARG A 205 26.53 16.40 7.29
N VAL A 206 25.61 15.62 6.72
CA VAL A 206 25.95 14.83 5.53
C VAL A 206 26.21 15.73 4.32
N ARG A 207 25.45 16.82 4.20
CA ARG A 207 25.65 17.74 3.09
C ARG A 207 26.99 18.46 3.19
N GLN A 208 27.39 18.86 4.41
CA GLN A 208 28.72 19.42 4.59
C GLN A 208 29.81 18.39 4.31
N ALA A 209 29.56 17.12 4.66
CA ALA A 209 30.51 16.07 4.32
C ALA A 209 30.66 15.92 2.81
N LEU A 210 29.54 16.01 2.08
CA LEU A 210 29.60 15.94 0.62
C LEU A 210 30.39 17.11 0.05
N LEU A 211 30.16 18.31 0.57
CA LEU A 211 30.93 19.46 0.12
C LEU A 211 32.41 19.28 0.40
N LYS A 212 32.74 18.76 1.59
CA LYS A 212 34.15 18.57 1.93
C LYS A 212 34.81 17.48 1.10
N THR A 213 34.07 16.42 0.74
CA THR A 213 34.67 15.41 -0.13
C THR A 213 34.83 15.92 -1.55
N VAL A 214 33.94 16.81 -2.01
CA VAL A 214 34.17 17.44 -3.30
C VAL A 214 35.41 18.32 -3.24
N GLN A 215 35.60 19.06 -2.15
CA GLN A 215 36.82 19.84 -1.98
C GLN A 215 38.06 18.96 -1.98
N PHE A 216 37.97 17.80 -1.29
CA PHE A 216 39.09 16.87 -1.23
C PHE A 216 39.42 16.33 -2.62
N CYS A 217 38.40 15.98 -3.40
CA CYS A 217 38.63 15.49 -4.75
C CYS A 217 39.25 16.57 -5.62
N ASP A 218 38.80 17.82 -5.47
CA ASP A 218 39.40 18.93 -6.22
C ASP A 218 40.87 19.09 -5.85
N ALA A 219 41.20 19.00 -4.56
CA ALA A 219 42.59 19.12 -4.13
C ALA A 219 43.43 17.98 -4.69
N MET A 220 42.90 16.76 -4.67
CA MET A 220 43.62 15.61 -5.21
C MET A 220 43.88 15.79 -6.71
N ARG A 221 42.87 16.23 -7.46
CA ARG A 221 43.05 16.42 -8.89
C ARG A 221 44.05 17.53 -9.19
N ASN A 222 43.96 18.64 -8.45
CA ASN A 222 44.87 19.75 -8.69
C ASN A 222 46.28 19.49 -8.17
N ALA A 223 46.47 18.48 -7.32
CA ALA A 223 47.79 18.16 -6.79
C ALA A 223 48.41 16.91 -7.40
N GLY A 224 47.64 16.12 -8.15
CA GLY A 224 48.18 15.00 -8.88
C GLY A 224 48.16 13.66 -8.18
N ILE A 225 47.50 13.55 -7.04
CA ILE A 225 47.44 12.30 -6.29
C ILE A 225 46.24 11.47 -6.75
N VAL A 226 46.48 10.21 -7.05
CA VAL A 226 45.44 9.27 -7.47
C VAL A 226 45.19 8.31 -6.31
N GLY A 227 43.94 8.19 -5.89
CA GLY A 227 43.61 7.33 -4.77
C GLY A 227 42.14 6.96 -4.77
N VAL A 228 41.81 6.01 -3.90
CA VAL A 228 40.45 5.51 -3.76
C VAL A 228 39.85 6.09 -2.48
N LEU A 229 38.72 6.76 -2.60
CA LEU A 229 38.05 7.37 -1.45
C LEU A 229 37.13 6.35 -0.80
N THR A 230 37.24 6.23 0.52
CA THR A 230 36.43 5.30 1.30
C THR A 230 35.74 6.04 2.42
N LEU A 231 34.59 5.52 2.83
CA LEU A 231 33.80 6.17 3.88
C LEU A 231 34.51 6.14 5.22
N ASP A 232 35.23 5.05 5.51
CA ASP A 232 35.90 4.90 6.80
C ASP A 232 37.07 5.86 6.97
N ASN A 233 37.49 6.57 5.91
CA ASN A 233 38.58 7.53 5.99
C ASN A 233 38.09 8.97 6.10
N GLN A 234 36.80 9.16 6.39
CA GLN A 234 36.21 10.48 6.58
C GLN A 234 35.39 10.45 7.85
N ASP A 235 35.73 11.34 8.79
CA ASP A 235 35.01 11.40 10.06
C ASP A 235 33.63 12.04 9.85
N LEU A 236 32.91 12.21 10.96
CA LEU A 236 31.56 12.78 10.90
C LEU A 236 31.60 14.30 10.86
N ASN A 237 32.75 14.87 10.53
CA ASN A 237 32.89 16.31 10.32
C ASN A 237 33.26 16.68 8.89
N GLY A 238 33.58 15.69 8.04
CA GLY A 238 33.99 15.92 6.68
C GLY A 238 35.48 15.84 6.45
N ASN A 239 36.28 15.85 7.50
CA ASN A 239 37.73 15.80 7.35
C ASN A 239 38.18 14.43 6.83
N TRP A 240 39.30 14.44 6.12
CA TRP A 240 39.83 13.24 5.47
C TRP A 240 41.21 12.93 6.00
N TYR A 241 41.56 11.64 6.04
CA TYR A 241 42.85 11.18 6.55
C TYR A 241 43.18 9.89 5.84
N ASP A 242 44.18 9.14 6.29
CA ASP A 242 44.63 7.90 5.63
C ASP A 242 45.02 8.09 4.19
N PHE A 243 46.26 8.48 3.97
CA PHE A 243 46.75 8.71 2.65
C PHE A 243 47.76 7.64 2.41
N GLY A 244 47.56 6.49 3.02
CA GLY A 244 48.49 5.40 2.80
C GLY A 244 48.44 4.79 1.41
N ASP A 245 47.24 4.64 0.86
CA ASP A 245 47.06 4.02 -0.45
C ASP A 245 46.93 5.04 -1.58
N PHE A 246 47.61 6.17 -1.44
CA PHE A 246 47.57 7.25 -2.43
C PHE A 246 48.90 7.28 -3.18
N ILE A 247 48.82 7.34 -4.50
CA ILE A 247 49.99 7.42 -5.36
C ILE A 247 50.05 8.81 -5.97
N GLN A 248 51.27 9.33 -6.14
CA GLN A 248 51.47 10.67 -6.65
C GLN A 248 51.80 10.63 -8.14
N THR A 249 51.12 11.48 -8.91
CA THR A 249 51.36 11.59 -10.34
C THR A 249 51.64 13.04 -10.72
N THR A 250 51.65 13.33 -12.02
CA THR A 250 51.89 14.70 -12.46
C THR A 250 50.79 15.63 -11.95
N PRO A 251 51.11 16.85 -11.53
CA PRO A 251 50.08 17.74 -11.00
C PRO A 251 49.03 18.05 -12.04
N GLY A 252 47.79 18.20 -11.57
CA GLY A 252 46.67 18.46 -12.45
C GLY A 252 46.07 17.24 -13.09
N SER A 253 46.52 16.04 -12.75
CA SER A 253 46.05 14.81 -13.36
C SER A 253 45.66 13.77 -12.32
N GLY A 254 45.14 14.22 -11.19
CA GLY A 254 44.69 13.30 -10.17
C GLY A 254 43.38 12.63 -10.55
N VAL A 255 43.24 11.37 -10.14
CA VAL A 255 42.06 10.59 -10.48
C VAL A 255 41.47 9.98 -9.21
N PRO A 256 40.73 10.74 -8.41
CA PRO A 256 40.03 10.14 -7.26
C PRO A 256 38.99 9.13 -7.71
N VAL A 257 38.85 8.06 -6.93
CA VAL A 257 37.86 7.02 -7.19
C VAL A 257 36.77 7.15 -6.14
N VAL A 258 35.57 7.51 -6.57
CA VAL A 258 34.48 7.82 -5.65
C VAL A 258 33.27 6.95 -5.92
N ASP A 259 33.51 5.72 -6.40
CA ASP A 259 32.40 4.81 -6.66
C ASP A 259 31.83 4.24 -5.38
N SER A 260 32.65 3.57 -4.58
CA SER A 260 32.18 2.94 -3.36
C SER A 260 31.63 3.98 -2.38
N TYR A 261 32.35 5.09 -2.21
CA TYR A 261 31.97 6.15 -1.28
C TYR A 261 30.58 6.66 -1.57
N TYR A 262 30.39 7.27 -2.74
CA TYR A 262 29.10 7.84 -3.09
C TYR A 262 28.03 6.76 -3.15
N SER A 263 28.36 5.59 -3.69
CA SER A 263 27.37 4.54 -3.88
C SER A 263 26.81 4.06 -2.55
N LEU A 264 27.69 3.81 -1.57
CA LEU A 264 27.21 3.41 -0.26
C LEU A 264 26.59 4.57 0.50
N LEU A 265 26.90 5.81 0.13
CA LEU A 265 26.31 6.95 0.81
C LEU A 265 24.92 7.30 0.27
N MET A 266 24.58 6.86 -0.95
CA MET A 266 23.32 7.25 -1.56
C MET A 266 22.09 7.00 -0.69
N PRO A 267 21.88 5.82 -0.10
CA PRO A 267 20.65 5.62 0.68
C PRO A 267 20.54 6.53 1.89
N ILE A 268 21.66 7.06 2.38
CA ILE A 268 21.62 7.94 3.55
C ILE A 268 21.31 9.37 3.14
N LEU A 269 21.53 9.71 1.87
CA LEU A 269 21.26 11.07 1.42
C LEU A 269 19.79 11.43 1.45
N THR A 270 18.90 10.43 1.49
CA THR A 270 17.47 10.68 1.52
C THR A 270 16.81 10.34 2.85
N LEU A 271 17.41 9.45 3.66
CA LEU A 271 16.92 9.24 5.01
C LEU A 271 17.10 10.48 5.86
N THR A 272 18.27 11.10 5.77
CA THR A 272 18.58 12.31 6.52
C THR A 272 18.19 13.58 5.79
N ARG A 273 17.72 13.48 4.54
CA ARG A 273 17.34 14.64 3.74
C ARG A 273 18.47 15.66 3.69
N ALA A 274 19.60 15.24 3.14
CA ALA A 274 20.78 16.09 3.11
C ALA A 274 20.56 17.34 2.26
N LEU A 275 19.83 17.21 1.16
CA LEU A 275 19.62 18.33 0.25
C LEU A 275 18.35 19.11 0.59
N THR A 276 18.24 19.54 1.85
CA THR A 276 17.17 20.44 2.26
C THR A 276 17.63 21.88 2.37
N ALA A 277 18.92 22.11 2.60
CA ALA A 277 19.45 23.47 2.62
C ALA A 277 19.46 24.11 1.24
N GLU A 278 19.29 23.34 0.18
CA GLU A 278 19.30 23.85 -1.19
C GLU A 278 17.96 24.46 -1.60
N SER A 279 17.00 24.49 -0.67
CA SER A 279 15.71 25.11 -0.92
C SER A 279 15.63 26.54 -0.42
N HIS A 280 16.73 27.11 0.07
CA HIS A 280 16.74 28.43 0.67
C HIS A 280 17.47 29.42 -0.24
N VAL A 281 17.34 30.70 0.11
CA VAL A 281 17.73 31.78 -0.80
C VAL A 281 19.22 31.70 -1.12
N ASP A 282 20.06 31.61 -0.09
CA ASP A 282 21.50 31.53 -0.26
C ASP A 282 22.02 30.17 0.19
N THR A 283 21.17 29.15 0.09
CA THR A 283 21.49 27.79 0.55
C THR A 283 21.91 27.80 2.01
N ASP A 284 21.21 28.60 2.81
CA ASP A 284 21.44 28.70 4.24
C ASP A 284 20.16 28.34 4.98
N LEU A 285 20.27 27.44 5.95
CA LEU A 285 19.09 26.92 6.65
C LEU A 285 18.35 27.99 7.44
N THR A 286 18.96 29.14 7.69
CA THR A 286 18.29 30.23 8.41
C THR A 286 17.50 31.14 7.48
N LYS A 287 17.93 31.26 6.23
CA LYS A 287 17.27 32.14 5.27
C LYS A 287 15.96 31.53 4.78
N PRO A 288 15.04 32.35 4.28
CA PRO A 288 13.75 31.82 3.81
C PRO A 288 13.91 30.97 2.56
N TYR A 289 12.83 30.28 2.22
CA TYR A 289 12.82 29.38 1.07
C TYR A 289 12.90 30.16 -0.23
N ILE A 290 13.33 29.49 -1.31
CA ILE A 290 13.36 30.14 -2.63
C ILE A 290 11.94 30.06 -3.08
N LYS A 291 11.48 31.08 -3.79
CA LYS A 291 10.10 31.11 -4.19
C LYS A 291 9.85 30.24 -5.39
N TRP A 292 10.65 30.38 -6.45
CA TRP A 292 10.48 29.62 -7.70
C TRP A 292 9.23 30.01 -8.49
N ASP A 293 9.41 30.36 -9.75
CA ASP A 293 8.27 30.72 -10.58
C ASP A 293 7.32 29.58 -10.61
N LEU A 294 6.04 29.86 -10.52
CA LEU A 294 5.05 28.81 -10.50
C LEU A 294 5.00 28.16 -11.85
N LEU A 295 5.27 28.93 -12.89
CA LEU A 295 5.21 28.42 -14.25
C LEU A 295 6.42 27.60 -14.63
N LYS A 296 7.57 27.81 -14.00
CA LYS A 296 8.80 27.10 -14.33
C LYS A 296 8.64 25.61 -14.05
N TYR A 297 9.01 24.79 -15.02
CA TYR A 297 8.88 23.34 -14.91
C TYR A 297 10.10 22.57 -15.38
N ASP A 298 11.09 23.22 -15.97
CA ASP A 298 12.20 22.49 -16.58
C ASP A 298 13.17 21.96 -15.52
N PHE A 299 13.80 22.86 -14.77
CA PHE A 299 14.68 22.50 -13.66
C PHE A 299 15.80 21.55 -14.10
N THR A 300 16.35 21.80 -15.29
CA THR A 300 17.47 21.00 -15.78
C THR A 300 18.80 21.63 -15.42
N GLU A 301 18.94 22.94 -15.58
CA GLU A 301 20.17 23.62 -15.18
C GLU A 301 20.39 23.51 -13.68
N GLU A 302 19.32 23.60 -12.89
CA GLU A 302 19.45 23.42 -11.45
C GLU A 302 19.91 22.01 -11.11
N ARG A 303 19.39 21.00 -11.81
CA ARG A 303 19.82 19.63 -11.57
C ARG A 303 21.30 19.45 -11.93
N LEU A 304 21.73 20.04 -13.05
CA LEU A 304 23.12 19.96 -13.44
C LEU A 304 24.02 20.65 -12.41
N LYS A 305 23.60 21.80 -11.90
CA LYS A 305 24.37 22.50 -10.88
C LYS A 305 24.47 21.69 -9.60
N LEU A 306 23.35 21.07 -9.19
CA LEU A 306 23.40 20.22 -8.00
C LEU A 306 24.35 19.04 -8.19
N PHE A 307 24.29 18.41 -9.37
CA PHE A 307 25.18 17.28 -9.64
C PHE A 307 26.64 17.72 -9.62
N ASP A 308 26.94 18.86 -10.24
CA ASP A 308 28.32 19.34 -10.28
C ASP A 308 28.79 19.87 -8.93
N ARG A 309 27.87 20.20 -8.02
CA ARG A 309 28.26 20.65 -6.69
C ARG A 309 28.48 19.50 -5.72
N TYR A 310 27.61 18.49 -5.76
CA TYR A 310 27.70 17.39 -4.79
C TYR A 310 28.33 16.13 -5.36
N PHE A 311 28.13 15.84 -6.64
CA PHE A 311 28.68 14.64 -7.26
C PHE A 311 29.60 15.01 -8.41
N LYS A 312 30.51 15.97 -8.17
CA LYS A 312 31.32 16.53 -9.25
C LYS A 312 32.16 15.46 -9.94
N TYR A 313 32.75 14.55 -9.16
CA TYR A 313 33.70 13.58 -9.68
C TYR A 313 33.09 12.21 -9.93
N TRP A 314 31.77 12.10 -9.91
CA TRP A 314 31.11 10.88 -10.35
C TRP A 314 31.26 10.78 -11.86
N ASP A 315 32.16 9.91 -12.32
CA ASP A 315 32.63 9.93 -13.70
C ASP A 315 31.57 9.48 -14.70
N GLN A 316 30.50 8.83 -14.27
CA GLN A 316 29.46 8.41 -15.21
C GLN A 316 28.57 9.59 -15.59
N THR A 317 28.23 9.66 -16.88
CA THR A 317 27.42 10.76 -17.36
C THR A 317 26.02 10.70 -16.77
N TYR A 318 25.52 11.87 -16.35
CA TYR A 318 24.19 11.99 -15.77
C TYR A 318 23.33 12.83 -16.70
N HIS A 319 22.17 12.27 -17.09
CA HIS A 319 21.24 12.97 -17.95
C HIS A 319 20.08 13.48 -17.11
N PRO A 320 19.88 14.80 -17.00
CA PRO A 320 18.74 15.30 -16.21
C PRO A 320 17.40 14.78 -16.72
N ASN A 321 17.25 14.65 -18.02
CA ASN A 321 16.06 14.06 -18.63
C ASN A 321 16.40 12.66 -19.13
N CYS A 322 15.63 11.66 -18.71
CA CYS A 322 15.92 10.28 -19.03
C CYS A 322 15.64 9.94 -20.49
N VAL A 323 15.04 10.85 -21.26
CA VAL A 323 14.76 10.59 -22.67
C VAL A 323 16.04 10.45 -23.48
N ASN A 324 17.17 10.95 -22.96
CA ASN A 324 18.44 10.90 -23.67
C ASN A 324 19.30 9.71 -23.27
N CYS A 325 18.75 8.75 -22.53
CA CYS A 325 19.53 7.65 -21.99
C CYS A 325 19.74 6.54 -23.02
N LEU A 326 20.73 5.69 -22.75
CA LEU A 326 21.17 4.72 -23.75
C LEU A 326 20.30 3.47 -23.77
N ASP A 327 20.33 2.66 -22.69
CA ASP A 327 19.40 1.55 -22.58
C ASP A 327 19.25 1.17 -21.11
N ASP A 328 18.24 1.74 -20.46
CA ASP A 328 17.71 1.31 -19.16
C ASP A 328 18.71 1.51 -18.01
N ARG A 329 19.99 1.67 -18.35
CA ARG A 329 21.03 1.78 -17.34
C ARG A 329 21.23 3.21 -16.90
N CYS A 330 21.36 4.15 -17.84
CA CYS A 330 21.14 5.53 -17.47
C CYS A 330 19.73 5.77 -16.97
N ILE A 331 18.75 4.98 -17.41
CA ILE A 331 17.42 5.16 -16.86
C ILE A 331 17.45 5.02 -15.34
N LEU A 332 17.93 3.87 -14.85
CA LEU A 332 18.03 3.71 -13.39
C LEU A 332 19.03 4.69 -12.78
N HIS A 333 20.21 4.82 -13.40
CA HIS A 333 21.29 5.63 -12.84
C HIS A 333 20.91 7.09 -12.69
N CYS A 334 20.43 7.70 -13.78
CA CYS A 334 20.02 9.09 -13.75
C CYS A 334 18.68 9.26 -13.04
N ALA A 335 17.88 8.20 -12.93
CA ALA A 335 16.61 8.32 -12.23
C ALA A 335 16.80 8.43 -10.72
N ASN A 336 17.78 7.72 -10.16
CA ASN A 336 17.99 7.90 -8.73
C ASN A 336 18.53 9.30 -8.42
N PHE A 337 19.39 9.83 -9.28
CA PHE A 337 19.86 11.20 -9.13
C PHE A 337 18.69 12.18 -9.24
N ASN A 338 17.77 11.93 -10.18
CA ASN A 338 16.62 12.79 -10.35
C ASN A 338 15.70 12.73 -9.13
N VAL A 339 15.51 11.54 -8.56
CA VAL A 339 14.62 11.44 -7.39
C VAL A 339 15.28 12.07 -6.17
N LEU A 340 16.62 12.10 -6.13
CA LEU A 340 17.29 12.83 -5.07
C LEU A 340 17.15 14.34 -5.27
N PHE A 341 17.32 14.82 -6.50
CA PHE A 341 17.31 16.25 -6.77
C PHE A 341 15.91 16.85 -6.79
N SER A 342 14.87 16.04 -7.01
CA SER A 342 13.52 16.55 -7.10
C SER A 342 12.91 16.91 -5.76
N THR A 343 13.55 16.50 -4.65
CA THR A 343 13.09 16.93 -3.33
C THR A 343 13.41 18.39 -3.05
N VAL A 344 14.22 19.03 -3.90
CA VAL A 344 14.53 20.44 -3.72
C VAL A 344 13.49 21.32 -4.42
N PHE A 345 13.07 20.91 -5.60
CA PHE A 345 12.15 21.68 -6.42
C PHE A 345 10.74 21.63 -5.86
N PRO A 346 9.94 22.67 -6.10
CA PRO A 346 8.57 22.70 -5.56
C PRO A 346 7.74 21.54 -6.11
N PRO A 347 6.87 20.96 -5.29
CA PRO A 347 6.05 19.83 -5.76
C PRO A 347 4.95 20.24 -6.72
N THR A 348 4.69 21.52 -6.90
CA THR A 348 3.64 21.97 -7.81
C THR A 348 4.07 21.96 -9.27
N SER A 349 5.37 21.82 -9.54
CA SER A 349 5.87 21.77 -10.91
C SER A 349 5.94 20.36 -11.47
N PHE A 350 5.72 19.34 -10.65
CA PHE A 350 5.74 17.96 -11.11
C PHE A 350 4.32 17.53 -11.48
N GLY A 351 4.12 17.18 -12.74
CA GLY A 351 2.82 16.78 -13.23
C GLY A 351 2.70 16.98 -14.72
N PRO A 352 1.50 16.75 -15.26
CA PRO A 352 1.29 16.97 -16.69
C PRO A 352 1.53 18.43 -17.06
N LEU A 353 2.13 18.63 -18.23
CA LEU A 353 2.37 19.96 -18.78
C LEU A 353 1.30 20.24 -19.83
N VAL A 354 0.42 21.18 -19.53
CA VAL A 354 -0.73 21.47 -20.39
C VAL A 354 -0.35 22.55 -21.38
N ARG A 355 -1.05 22.55 -22.52
CA ARG A 355 -0.85 23.57 -23.55
C ARG A 355 -2.20 23.82 -24.21
N LYS A 356 -2.45 25.07 -24.56
CA LYS A 356 -3.73 25.50 -25.12
C LYS A 356 -3.73 25.22 -26.63
N ILE A 357 -4.31 24.09 -27.02
CA ILE A 357 -4.44 23.75 -28.43
C ILE A 357 -5.81 24.17 -28.91
N PHE A 358 -5.93 24.39 -30.22
CA PHE A 358 -7.17 24.87 -30.84
C PHE A 358 -7.75 23.76 -31.69
N VAL A 359 -8.93 23.27 -31.30
CA VAL A 359 -9.67 22.28 -32.08
C VAL A 359 -10.93 22.95 -32.62
N ASP A 360 -11.06 22.95 -33.95
CA ASP A 360 -12.19 23.58 -34.63
C ASP A 360 -12.31 25.06 -34.26
N GLY A 361 -11.19 25.70 -33.92
CA GLY A 361 -11.19 27.07 -33.47
C GLY A 361 -11.50 27.28 -32.01
N VAL A 362 -11.82 26.22 -31.28
CA VAL A 362 -12.15 26.31 -29.85
C VAL A 362 -10.93 25.85 -29.07
N PRO A 363 -10.32 26.71 -28.25
CA PRO A 363 -9.09 26.32 -27.55
C PRO A 363 -9.33 25.38 -26.37
N PHE A 364 -8.80 24.16 -26.47
CA PHE A 364 -8.79 23.25 -25.34
C PHE A 364 -7.59 23.53 -24.43
N VAL A 365 -7.47 22.74 -23.37
CA VAL A 365 -6.28 22.72 -22.53
C VAL A 365 -5.94 21.25 -22.27
N VAL A 366 -4.96 20.74 -23.00
CA VAL A 366 -4.63 19.32 -22.96
C VAL A 366 -3.15 19.15 -22.66
N SER A 367 -2.81 17.99 -22.12
CA SER A 367 -1.43 17.70 -21.76
C SER A 367 -0.56 17.62 -23.01
N THR A 368 0.63 18.22 -22.92
CA THR A 368 1.62 18.20 -23.99
C THR A 368 2.98 17.84 -23.41
N GLY A 369 3.00 16.78 -22.61
CA GLY A 369 4.20 16.31 -21.97
C GLY A 369 3.92 15.91 -20.55
N TYR A 370 5.00 15.75 -19.79
CA TYR A 370 4.93 15.35 -18.39
C TYR A 370 6.27 15.63 -17.73
N HIS A 371 6.23 16.10 -16.49
CA HIS A 371 7.44 16.39 -15.71
C HIS A 371 7.50 15.40 -14.55
N PHE A 372 8.31 14.36 -14.71
CA PHE A 372 8.47 13.34 -13.69
C PHE A 372 9.53 13.74 -12.68
N ARG A 373 9.42 13.17 -11.48
CA ARG A 373 10.45 13.36 -10.47
C ARG A 373 11.69 12.52 -10.73
N GLU A 374 11.59 11.52 -11.60
CA GLU A 374 12.70 10.64 -11.93
C GLU A 374 13.08 10.68 -13.40
N LEU A 375 12.10 10.77 -14.30
CA LEU A 375 12.36 10.78 -15.73
C LEU A 375 12.56 12.18 -16.29
N GLY A 376 12.54 13.20 -15.44
CA GLY A 376 12.74 14.55 -15.93
C GLY A 376 11.57 15.03 -16.78
N VAL A 377 11.86 15.96 -17.69
CA VAL A 377 10.86 16.51 -18.58
C VAL A 377 10.75 15.63 -19.82
N VAL A 378 9.54 15.17 -20.10
CA VAL A 378 9.25 14.36 -21.27
C VAL A 378 8.18 15.08 -22.08
N HIS A 379 8.44 15.26 -23.38
CA HIS A 379 7.53 15.98 -24.26
C HIS A 379 6.91 15.03 -25.26
N ASN A 380 5.61 15.19 -25.49
CA ASN A 380 4.92 14.38 -26.49
C ASN A 380 5.44 14.73 -27.89
N GLN A 381 5.63 13.70 -28.71
CA GLN A 381 6.17 13.89 -30.04
C GLN A 381 5.11 14.24 -31.09
N ASP A 382 3.88 13.78 -30.90
CA ASP A 382 2.79 14.06 -31.82
C ASP A 382 1.87 15.09 -31.17
N VAL A 383 1.91 16.32 -31.68
CA VAL A 383 1.08 17.41 -31.19
C VAL A 383 0.34 18.04 -32.36
N ASN A 384 -0.95 18.30 -32.18
CA ASN A 384 -1.80 18.91 -33.20
C ASN A 384 -2.41 20.20 -32.67
N LEU A 385 -1.67 21.29 -32.80
CA LEU A 385 -2.14 22.59 -32.31
C LEU A 385 -3.40 23.03 -33.02
N HIS A 386 -3.46 22.84 -34.33
CA HIS A 386 -4.62 23.21 -35.14
C HIS A 386 -5.29 21.93 -35.64
N SER A 387 -6.46 21.63 -35.08
CA SER A 387 -7.24 20.47 -35.48
C SER A 387 -8.65 20.91 -35.86
N SER A 388 -9.24 20.22 -36.82
CA SER A 388 -10.58 20.53 -37.29
C SER A 388 -11.63 19.49 -36.90
N ARG A 389 -11.21 18.28 -36.52
CA ARG A 389 -12.14 17.23 -36.13
C ARG A 389 -11.40 16.24 -35.24
N LEU A 390 -12.11 15.75 -34.23
CA LEU A 390 -11.55 14.80 -33.28
C LEU A 390 -12.16 13.42 -33.52
N SER A 391 -11.31 12.42 -33.69
CA SER A 391 -11.76 11.05 -33.90
C SER A 391 -12.06 10.42 -32.54
N PHE A 392 -12.40 9.13 -32.56
CA PHE A 392 -12.68 8.44 -31.29
C PHE A 392 -11.42 8.30 -30.45
N LYS A 393 -10.27 8.03 -31.09
CA LYS A 393 -9.03 7.90 -30.35
C LYS A 393 -8.64 9.22 -29.69
N GLU A 394 -8.73 10.32 -30.44
CA GLU A 394 -8.39 11.63 -29.88
C GLU A 394 -9.36 12.03 -28.78
N LEU A 395 -10.66 11.77 -28.97
CA LEU A 395 -11.64 12.08 -27.95
C LEU A 395 -11.37 11.27 -26.68
N LEU A 396 -11.06 9.99 -26.83
CA LEU A 396 -10.77 9.15 -25.68
C LEU A 396 -9.50 9.57 -24.97
N VAL A 397 -8.49 10.01 -25.73
CA VAL A 397 -7.26 10.49 -25.11
C VAL A 397 -7.50 11.78 -24.34
N TYR A 398 -8.25 12.72 -24.93
CA TYR A 398 -8.50 13.99 -24.27
C TYR A 398 -9.40 13.83 -23.05
N ALA A 399 -10.38 12.91 -23.13
CA ALA A 399 -11.29 12.69 -22.02
C ALA A 399 -10.62 12.02 -20.83
N ALA A 400 -9.59 11.22 -21.06
CA ALA A 400 -8.86 10.59 -19.97
C ALA A 400 -7.78 11.47 -19.37
N ASP A 401 -7.38 12.52 -20.08
CA ASP A 401 -6.38 13.43 -19.55
C ASP A 401 -6.95 14.20 -18.37
N PRO A 402 -6.18 14.39 -17.29
CA PRO A 402 -6.65 15.19 -16.17
C PRO A 402 -6.58 16.69 -16.39
N ALA A 403 -6.13 17.14 -17.57
CA ALA A 403 -5.97 18.57 -17.81
C ALA A 403 -7.30 19.29 -17.82
N MET A 404 -8.25 18.78 -18.61
CA MET A 404 -9.56 19.43 -18.71
C MET A 404 -10.34 19.30 -17.39
N HIS A 405 -10.15 18.21 -16.67
CA HIS A 405 -10.88 18.02 -15.42
C HIS A 405 -10.33 18.91 -14.31
N ALA A 406 -9.00 19.01 -14.19
CA ALA A 406 -8.41 19.84 -13.16
C ALA A 406 -8.54 21.32 -13.47
N ALA A 407 -8.31 21.71 -14.73
CA ALA A 407 -8.42 23.12 -15.11
C ALA A 407 -9.85 23.62 -14.93
N SER A 408 -10.83 22.82 -15.32
CA SER A 408 -12.23 23.18 -15.15
C SER A 408 -12.79 22.61 -13.85
N GLY A 409 -12.17 23.05 -12.75
CA GLY A 409 -12.57 22.61 -11.43
C GLY A 409 -12.13 23.59 -10.38
N ASN A 410 -12.90 23.66 -9.29
CA ASN A 410 -12.58 24.57 -8.21
C ASN A 410 -11.30 24.15 -7.50
N LEU A 411 -10.55 25.15 -7.03
CA LEU A 411 -9.35 24.88 -6.26
C LEU A 411 -9.72 24.17 -4.96
N LEU A 412 -8.88 23.22 -4.56
CA LEU A 412 -9.14 22.42 -3.37
C LEU A 412 -7.98 22.55 -2.39
N LEU A 413 -8.32 22.70 -1.11
CA LEU A 413 -7.35 22.70 -0.01
C LEU A 413 -7.85 21.66 0.99
N ASP A 414 -7.45 20.40 0.79
CA ASP A 414 -7.89 19.30 1.63
C ASP A 414 -6.91 19.16 2.78
N LYS A 415 -7.31 19.60 3.97
CA LYS A 415 -6.44 19.53 5.14
C LYS A 415 -6.49 18.17 5.82
N ARG A 416 -7.35 17.25 5.38
CA ARG A 416 -7.43 15.94 5.99
C ARG A 416 -6.22 15.07 5.64
N THR A 417 -5.50 15.41 4.58
CA THR A 417 -4.36 14.62 4.12
C THR A 417 -3.17 15.53 3.88
N THR A 418 -1.98 14.92 3.84
CA THR A 418 -0.77 15.62 3.46
C THR A 418 -0.45 15.49 1.98
N CYS A 419 -1.21 14.68 1.24
CA CYS A 419 -1.01 14.57 -0.19
C CYS A 419 -1.44 15.85 -0.89
N PHE A 420 -0.81 16.12 -2.04
CA PHE A 420 -1.10 17.33 -2.79
C PHE A 420 -2.51 17.27 -3.36
N SER A 421 -3.28 18.34 -3.14
CA SER A 421 -4.63 18.44 -3.68
C SER A 421 -4.63 19.33 -4.91
N VAL A 422 -5.27 18.87 -5.98
CA VAL A 422 -5.24 19.60 -7.25
C VAL A 422 -6.51 20.42 -7.40
N ALA A 423 -7.66 19.75 -7.48
CA ALA A 423 -8.92 20.45 -7.70
C ALA A 423 -10.07 19.57 -7.25
N ALA A 424 -11.23 20.20 -7.07
CA ALA A 424 -12.47 19.51 -6.75
C ALA A 424 -13.37 19.60 -7.98
N LEU A 425 -13.59 18.48 -8.63
CA LEU A 425 -14.36 18.47 -9.85
C LEU A 425 -15.76 18.95 -9.56
N THR A 426 -16.34 18.48 -8.48
CA THR A 426 -17.70 18.83 -8.15
C THR A 426 -17.72 19.83 -6.99
N ASN A 427 -18.82 20.54 -6.83
CA ASN A 427 -18.95 21.52 -5.75
C ASN A 427 -19.25 20.93 -4.39
N ASN A 428 -19.27 19.61 -4.25
CA ASN A 428 -19.57 18.96 -2.98
C ASN A 428 -18.52 17.89 -2.70
N VAL A 429 -18.23 17.64 -1.43
CA VAL A 429 -17.31 16.56 -1.10
C VAL A 429 -18.08 15.29 -0.82
N ALA A 430 -17.72 14.20 -1.48
CA ALA A 430 -18.43 12.93 -1.34
C ALA A 430 -17.82 12.12 -0.19
N PHE A 431 -18.67 11.70 0.73
CA PHE A 431 -18.27 10.86 1.87
C PHE A 431 -18.89 9.48 1.67
N GLN A 432 -18.04 8.47 1.50
CA GLN A 432 -18.48 7.12 1.25
C GLN A 432 -18.32 6.27 2.50
N THR A 433 -19.40 5.63 2.92
CA THR A 433 -19.43 4.78 4.10
C THR A 433 -19.55 3.32 3.69
N VAL A 434 -18.97 2.43 4.49
CA VAL A 434 -19.01 1.00 4.25
C VAL A 434 -20.13 0.39 5.08
N LYS A 435 -21.05 -0.30 4.41
CA LYS A 435 -22.17 -0.95 5.07
C LYS A 435 -21.69 -2.21 5.80
N PRO A 436 -22.23 -2.49 6.98
CA PRO A 436 -21.93 -3.76 7.64
C PRO A 436 -22.49 -4.94 6.87
N GLY A 437 -21.84 -6.09 7.01
CA GLY A 437 -22.28 -7.28 6.32
C GLY A 437 -23.56 -7.84 6.91
N ASN A 438 -24.22 -8.69 6.12
CA ASN A 438 -25.46 -9.32 6.54
C ASN A 438 -25.18 -10.61 7.29
N PHE A 439 -26.07 -10.94 8.21
CA PHE A 439 -25.90 -12.07 9.11
C PHE A 439 -26.73 -13.25 8.63
N ASN A 440 -26.08 -14.40 8.45
CA ASN A 440 -26.75 -15.64 8.07
C ASN A 440 -27.13 -16.37 9.35
N LYS A 441 -28.33 -16.08 9.86
CA LYS A 441 -28.74 -16.65 11.14
C LYS A 441 -29.02 -18.15 11.03
N ASP A 442 -29.47 -18.62 9.85
CA ASP A 442 -29.74 -20.04 9.68
C ASP A 442 -28.47 -20.86 9.84
N PHE A 443 -27.40 -20.45 9.16
CA PHE A 443 -26.13 -21.18 9.27
C PHE A 443 -25.55 -21.09 10.67
N TYR A 444 -25.64 -19.92 11.30
CA TYR A 444 -25.14 -19.78 12.66
C TYR A 444 -25.90 -20.68 13.63
N ASP A 445 -27.23 -20.73 13.51
CA ASP A 445 -28.02 -21.60 14.37
C ASP A 445 -27.68 -23.06 14.12
N PHE A 446 -27.50 -23.45 12.86
CA PHE A 446 -27.12 -24.82 12.54
C PHE A 446 -25.77 -25.17 13.14
N ALA A 447 -24.80 -24.25 13.04
CA ALA A 447 -23.49 -24.48 13.62
C ALA A 447 -23.56 -24.61 15.13
N VAL A 448 -24.33 -23.74 15.78
CA VAL A 448 -24.45 -23.80 17.24
C VAL A 448 -25.11 -25.11 17.65
N SER A 449 -26.10 -25.56 16.88
CA SER A 449 -26.73 -26.84 17.18
C SER A 449 -25.75 -28.00 17.07
N LYS A 450 -24.71 -27.86 16.25
CA LYS A 450 -23.70 -28.90 16.06
C LYS A 450 -22.51 -28.75 17.00
N GLY A 451 -22.69 -28.10 18.15
CA GLY A 451 -21.62 -27.98 19.12
C GLY A 451 -20.54 -26.99 18.77
N PHE A 452 -20.82 -26.03 17.91
CA PHE A 452 -19.84 -25.01 17.56
C PHE A 452 -20.05 -23.76 18.41
N PHE A 453 -19.02 -22.90 18.42
CA PHE A 453 -19.05 -21.64 19.15
C PHE A 453 -19.37 -21.84 20.63
N LYS A 454 -18.54 -22.67 21.27
CA LYS A 454 -18.66 -22.93 22.70
C LYS A 454 -17.51 -22.25 23.44
N GLU A 455 -17.72 -22.04 24.73
CA GLU A 455 -16.73 -21.37 25.56
C GLU A 455 -15.50 -22.26 25.70
N GLY A 456 -14.37 -21.80 25.18
CA GLY A 456 -13.13 -22.55 25.23
C GLY A 456 -12.77 -23.29 23.96
N SER A 457 -13.63 -23.28 22.95
CA SER A 457 -13.33 -23.96 21.70
C SER A 457 -12.19 -23.26 20.97
N SER A 458 -11.37 -24.05 20.27
CA SER A 458 -10.24 -23.50 19.54
C SER A 458 -10.67 -22.72 18.30
N VAL A 459 -11.87 -22.97 17.79
CA VAL A 459 -12.38 -22.29 16.60
C VAL A 459 -13.40 -21.25 17.06
N GLU A 460 -13.06 -19.98 16.89
CA GLU A 460 -13.92 -18.87 17.25
C GLU A 460 -13.97 -17.87 16.11
N LEU A 461 -15.07 -17.13 16.03
CA LEU A 461 -15.27 -16.16 14.96
C LEU A 461 -14.30 -15.00 15.12
N LYS A 462 -13.45 -14.78 14.11
CA LYS A 462 -12.50 -13.68 14.13
C LYS A 462 -12.49 -12.89 12.82
N HIS A 463 -13.25 -13.31 11.81
CA HIS A 463 -13.35 -12.59 10.54
C HIS A 463 -14.75 -12.04 10.42
N PHE A 464 -14.86 -10.72 10.27
CA PHE A 464 -16.14 -10.04 10.21
C PHE A 464 -16.12 -9.02 9.09
N PHE A 465 -17.30 -8.44 8.82
CA PHE A 465 -17.46 -7.37 7.84
C PHE A 465 -17.41 -6.05 8.60
N PHE A 466 -16.21 -5.49 8.72
CA PHE A 466 -16.03 -4.25 9.44
C PHE A 466 -16.57 -3.08 8.63
N ALA A 467 -17.36 -2.23 9.27
CA ALA A 467 -17.94 -1.06 8.64
C ALA A 467 -17.11 0.18 8.95
N GLN A 468 -17.21 1.17 8.07
CA GLN A 468 -16.44 2.39 8.19
C GLN A 468 -17.36 3.60 8.05
N ASP A 469 -16.90 4.73 8.57
CA ASP A 469 -17.64 5.98 8.54
C ASP A 469 -17.34 6.74 7.27
N GLY A 470 -17.76 8.01 7.21
CA GLY A 470 -17.56 8.80 6.01
C GLY A 470 -16.09 9.07 5.72
N ASN A 471 -15.31 9.32 6.77
CA ASN A 471 -13.88 9.60 6.61
C ASN A 471 -13.09 8.29 6.55
N ALA A 472 -13.40 7.50 5.53
CA ALA A 472 -12.78 6.19 5.34
C ALA A 472 -11.90 6.14 4.09
N ALA A 473 -12.45 6.52 2.93
CA ALA A 473 -11.66 6.49 1.71
C ALA A 473 -10.48 7.45 1.79
N ILE A 474 -10.71 8.67 2.28
CA ILE A 474 -9.64 9.64 2.41
C ILE A 474 -8.65 9.20 3.49
N SER A 475 -9.13 8.59 4.57
CA SER A 475 -8.23 8.11 5.62
C SER A 475 -7.32 7.00 5.10
N ASP A 476 -7.86 6.09 4.30
CA ASP A 476 -7.03 5.03 3.72
C ASP A 476 -6.10 5.58 2.66
N TYR A 477 -6.54 6.59 1.90
CA TYR A 477 -5.65 7.22 0.93
C TYR A 477 -4.50 7.94 1.62
N ASP A 478 -4.73 8.46 2.82
CA ASP A 478 -3.66 9.12 3.55
C ASP A 478 -2.80 8.09 4.28
N TYR A 479 -2.38 7.05 3.57
CA TYR A 479 -1.31 6.17 3.99
C TYR A 479 -0.13 6.23 3.04
N TYR A 480 -0.24 6.97 1.94
CA TYR A 480 0.88 7.22 1.05
C TYR A 480 1.92 8.14 1.68
N ARG A 481 1.61 8.75 2.82
CA ARG A 481 2.62 9.47 3.58
C ARG A 481 3.76 8.57 4.03
N TYR A 482 3.53 7.26 4.08
CA TYR A 482 4.59 6.30 4.34
C TYR A 482 5.52 6.11 3.15
N ASN A 483 5.15 6.63 1.98
CA ASN A 483 6.00 6.56 0.80
C ASN A 483 6.89 7.79 0.77
N LEU A 484 8.19 7.58 0.83
CA LEU A 484 9.17 8.66 0.87
C LEU A 484 10.08 8.59 -0.35
N PRO A 485 10.67 9.71 -0.76
CA PRO A 485 11.65 9.66 -1.86
C PRO A 485 12.90 8.91 -1.43
N THR A 486 13.08 7.70 -1.97
CA THR A 486 14.18 6.83 -1.57
C THR A 486 15.21 6.79 -2.68
N MET A 487 16.44 7.15 -2.36
CA MET A 487 17.56 7.06 -3.29
C MET A 487 18.26 5.73 -3.09
N CYS A 488 18.37 4.95 -4.16
CA CYS A 488 18.90 3.60 -4.09
C CYS A 488 20.40 3.58 -4.38
N ASP A 489 21.01 2.43 -4.09
CA ASP A 489 22.43 2.21 -4.37
C ASP A 489 22.54 1.69 -5.80
N ILE A 490 22.87 2.58 -6.72
CA ILE A 490 22.88 2.20 -8.14
C ILE A 490 23.97 1.18 -8.43
N ARG A 491 25.15 1.32 -7.80
CA ARG A 491 26.19 0.34 -8.04
C ARG A 491 25.81 -1.05 -7.54
N GLN A 492 24.81 -1.12 -6.65
CA GLN A 492 24.25 -2.39 -6.18
C GLN A 492 22.96 -2.75 -6.90
N LEU A 493 22.11 -1.75 -7.18
CA LEU A 493 20.85 -2.02 -7.87
C LEU A 493 21.09 -2.47 -9.31
N LEU A 494 22.15 -1.97 -9.96
CA LEU A 494 22.43 -2.32 -11.35
C LEU A 494 22.94 -3.75 -11.50
N PHE A 495 23.29 -4.41 -10.40
CA PHE A 495 23.60 -5.84 -10.39
C PHE A 495 22.44 -6.67 -9.85
N VAL A 496 21.71 -6.12 -8.88
CA VAL A 496 20.48 -6.75 -8.42
C VAL A 496 19.50 -6.92 -9.57
N VAL A 497 19.43 -5.93 -10.46
CA VAL A 497 18.51 -6.00 -11.59
C VAL A 497 18.95 -7.10 -12.56
N GLU A 498 20.25 -7.30 -12.73
CA GLU A 498 20.73 -8.38 -13.59
C GLU A 498 20.38 -9.74 -13.00
N VAL A 499 20.58 -9.91 -11.68
CA VAL A 499 20.25 -11.19 -11.06
C VAL A 499 18.74 -11.43 -11.14
N VAL A 500 17.93 -10.39 -10.94
CA VAL A 500 16.48 -10.54 -11.05
C VAL A 500 16.08 -10.89 -12.48
N ASP A 501 16.74 -10.29 -13.47
CA ASP A 501 16.47 -10.62 -14.86
C ASP A 501 16.81 -12.09 -15.13
N LYS A 502 17.89 -12.58 -14.55
CA LYS A 502 18.20 -14.01 -14.66
C LYS A 502 17.09 -14.85 -14.04
N TYR A 503 16.57 -14.42 -12.88
CA TYR A 503 15.40 -15.08 -12.31
C TYR A 503 14.20 -15.03 -13.24
N PHE A 504 14.10 -14.00 -14.08
CA PHE A 504 12.95 -13.83 -14.97
C PHE A 504 13.25 -14.30 -16.39
N ASP A 505 14.19 -15.23 -16.55
CA ASP A 505 14.46 -15.82 -17.86
C ASP A 505 13.44 -16.90 -18.16
N CYS A 506 13.70 -17.69 -19.20
CA CYS A 506 12.83 -18.80 -19.64
C CYS A 506 11.39 -18.35 -19.88
N TYR A 507 11.19 -17.05 -20.10
CA TYR A 507 9.89 -16.49 -20.43
C TYR A 507 9.98 -15.77 -21.76
N ASP A 508 8.88 -15.82 -22.52
CA ASP A 508 8.76 -15.10 -23.77
C ASP A 508 7.75 -13.98 -23.63
N GLY A 509 8.09 -12.81 -24.18
CA GLY A 509 7.22 -11.66 -24.06
C GLY A 509 7.46 -10.71 -25.22
N GLY A 510 6.62 -9.69 -25.28
CA GLY A 510 6.68 -8.72 -26.35
C GLY A 510 5.32 -8.09 -26.55
N CYS A 511 5.22 -7.33 -27.64
CA CYS A 511 3.97 -6.66 -27.99
C CYS A 511 3.10 -7.57 -28.83
N ILE A 512 1.79 -7.45 -28.62
CA ILE A 512 0.81 -8.22 -29.37
C ILE A 512 -0.25 -7.25 -29.90
N ASN A 513 -0.92 -7.66 -30.98
CA ASN A 513 -1.96 -6.84 -31.56
C ASN A 513 -3.24 -6.95 -30.72
N ALA A 514 -4.20 -6.09 -31.05
CA ALA A 514 -5.49 -6.13 -30.37
C ALA A 514 -6.27 -7.41 -30.65
N ASN A 515 -5.88 -8.17 -31.68
CA ASN A 515 -6.55 -9.44 -31.96
C ASN A 515 -6.28 -10.47 -30.87
N GLN A 516 -5.07 -10.45 -30.30
CA GLN A 516 -4.61 -11.50 -29.40
C GLN A 516 -4.73 -11.13 -27.93
N VAL A 517 -5.45 -10.07 -27.61
CA VAL A 517 -5.62 -9.63 -26.22
C VAL A 517 -6.79 -10.37 -25.60
N ILE A 518 -6.54 -11.04 -24.49
CA ILE A 518 -7.55 -11.81 -23.78
C ILE A 518 -7.97 -11.00 -22.55
N VAL A 519 -9.27 -10.67 -22.48
CA VAL A 519 -9.82 -9.89 -21.38
C VAL A 519 -10.92 -10.71 -20.72
N ASN A 520 -10.83 -10.87 -19.40
CA ASN A 520 -11.82 -11.58 -18.62
C ASN A 520 -12.71 -10.58 -17.91
N ASN A 521 -14.03 -10.81 -17.97
CA ASN A 521 -15.01 -9.94 -17.32
C ASN A 521 -14.89 -8.50 -17.84
N LEU A 522 -15.24 -8.35 -19.12
CA LEU A 522 -15.06 -7.07 -19.81
C LEU A 522 -15.66 -5.91 -19.02
N ASP A 523 -16.88 -6.07 -18.52
CA ASP A 523 -17.64 -4.95 -17.98
C ASP A 523 -17.41 -4.81 -16.47
N LYS A 524 -16.22 -4.30 -16.13
CA LYS A 524 -15.96 -4.05 -14.71
C LYS A 524 -16.19 -2.59 -14.31
N SER A 525 -15.35 -1.67 -14.78
CA SER A 525 -15.52 -0.26 -14.41
C SER A 525 -15.39 0.70 -15.59
N ALA A 526 -14.43 0.42 -16.48
CA ALA A 526 -13.96 1.30 -17.55
C ALA A 526 -13.18 2.50 -17.05
N GLY A 527 -13.07 2.70 -15.74
CA GLY A 527 -12.27 3.79 -15.20
C GLY A 527 -12.96 5.14 -15.33
N PHE A 528 -12.36 6.13 -14.68
CA PHE A 528 -12.84 7.52 -14.69
C PHE A 528 -12.19 8.28 -15.85
N PRO A 529 -12.95 9.16 -16.55
CA PRO A 529 -14.36 9.47 -16.35
C PRO A 529 -15.29 8.57 -17.15
N PHE A 530 -14.75 7.46 -17.64
CA PHE A 530 -15.52 6.56 -18.50
C PHE A 530 -16.62 5.82 -17.76
N ASN A 531 -16.66 5.87 -16.43
CA ASN A 531 -17.76 5.26 -15.69
C ASN A 531 -19.09 5.96 -16.01
N LYS A 532 -19.05 7.24 -16.38
CA LYS A 532 -20.25 8.02 -16.61
C LYS A 532 -21.00 7.61 -17.86
N TRP A 533 -20.40 6.79 -18.72
CA TRP A 533 -21.03 6.43 -20.00
C TRP A 533 -21.15 4.93 -20.23
N GLY A 534 -20.50 4.10 -19.43
CA GLY A 534 -20.64 2.67 -19.60
C GLY A 534 -19.47 1.93 -18.96
N LYS A 535 -19.46 0.62 -19.19
CA LYS A 535 -18.39 -0.23 -18.69
C LYS A 535 -17.33 -0.40 -19.78
N ALA A 536 -16.28 -1.17 -19.46
CA ALA A 536 -15.19 -1.37 -20.40
C ALA A 536 -15.62 -2.18 -21.62
N ARG A 537 -16.74 -2.90 -21.54
CA ARG A 537 -17.26 -3.58 -22.72
C ARG A 537 -17.63 -2.59 -23.80
N LEU A 538 -18.19 -1.44 -23.41
CA LEU A 538 -18.54 -0.41 -24.38
C LEU A 538 -17.31 0.11 -25.11
N TYR A 539 -16.22 0.36 -24.37
CA TYR A 539 -15.02 0.91 -24.98
C TYR A 539 -14.17 -0.15 -25.69
N TYR A 540 -14.41 -1.43 -25.41
CA TYR A 540 -13.79 -2.49 -26.19
C TYR A 540 -14.57 -2.82 -27.45
N ASP A 541 -15.87 -2.58 -27.46
CA ASP A 541 -16.69 -2.80 -28.64
C ASP A 541 -16.72 -1.60 -29.56
N SER A 542 -16.71 -0.39 -29.00
CA SER A 542 -16.74 0.81 -29.81
C SER A 542 -15.43 1.02 -30.56
N MET A 543 -14.30 0.65 -29.96
CA MET A 543 -13.01 0.81 -30.60
C MET A 543 -12.69 -0.43 -31.42
N SER A 544 -12.52 -0.25 -32.73
CA SER A 544 -12.14 -1.35 -33.59
C SER A 544 -10.70 -1.78 -33.30
N TYR A 545 -10.32 -2.92 -33.88
CA TYR A 545 -8.98 -3.45 -33.64
C TYR A 545 -7.91 -2.50 -34.15
N GLU A 546 -8.13 -1.91 -35.33
CA GLU A 546 -7.19 -0.93 -35.85
C GLU A 546 -7.15 0.33 -34.98
N ASP A 547 -8.30 0.73 -34.41
CA ASP A 547 -8.31 1.86 -33.50
C ASP A 547 -7.49 1.57 -32.25
N GLN A 548 -7.63 0.37 -31.70
CA GLN A 548 -6.83 -0.01 -30.53
C GLN A 548 -5.34 -0.05 -30.87
N ASP A 549 -5.00 -0.57 -32.05
CA ASP A 549 -3.61 -0.60 -32.47
C ASP A 549 -3.04 0.81 -32.63
N ALA A 550 -3.84 1.72 -33.21
CA ALA A 550 -3.40 3.10 -33.35
C ALA A 550 -3.22 3.78 -31.99
N LEU A 551 -4.13 3.50 -31.05
CA LEU A 551 -3.98 4.06 -29.71
C LEU A 551 -2.72 3.53 -29.04
N PHE A 552 -2.44 2.23 -29.19
CA PHE A 552 -1.22 1.66 -28.63
C PHE A 552 0.03 2.27 -29.25
N ALA A 553 0.01 2.47 -30.57
CA ALA A 553 1.14 3.10 -31.25
C ALA A 553 1.33 4.54 -30.80
N TYR A 554 0.23 5.25 -30.54
CA TYR A 554 0.33 6.62 -30.03
C TYR A 554 0.99 6.64 -28.66
N THR A 555 0.77 5.60 -27.85
CA THR A 555 1.37 5.54 -26.53
C THR A 555 2.89 5.44 -26.61
N LYS A 556 3.42 4.76 -27.64
CA LYS A 556 4.85 4.61 -27.79
C LYS A 556 5.56 5.89 -28.20
N ARG A 557 4.82 6.95 -28.55
CA ARG A 557 5.41 8.21 -28.95
C ARG A 557 4.91 9.39 -28.14
N ASN A 558 3.99 9.18 -27.20
CA ASN A 558 3.43 10.27 -26.42
C ASN A 558 3.16 9.78 -25.00
N VAL A 559 2.90 10.72 -24.11
CA VAL A 559 2.59 10.44 -22.71
C VAL A 559 1.13 10.77 -22.46
N ILE A 560 0.38 9.81 -21.94
CA ILE A 560 -1.04 9.98 -21.68
C ILE A 560 -1.31 9.85 -20.19
N PRO A 561 -1.40 10.95 -19.45
CA PRO A 561 -1.79 10.85 -18.04
C PRO A 561 -3.27 10.52 -17.89
N THR A 562 -3.59 9.68 -16.92
CA THR A 562 -4.95 9.22 -16.70
C THR A 562 -5.37 9.48 -15.26
N ILE A 563 -6.68 9.51 -15.04
CA ILE A 563 -7.26 9.67 -13.72
C ILE A 563 -7.71 8.31 -13.21
N THR A 564 -7.35 7.99 -11.96
CA THR A 564 -7.68 6.73 -11.34
C THR A 564 -8.60 6.96 -10.15
N GLN A 565 -9.66 6.18 -10.05
CA GLN A 565 -10.64 6.32 -9.00
C GLN A 565 -10.36 5.32 -7.88
N MET A 566 -10.51 5.79 -6.64
CA MET A 566 -10.34 4.97 -5.46
C MET A 566 -11.71 4.48 -4.99
N ASN A 567 -11.83 3.19 -4.73
CA ASN A 567 -13.08 2.58 -4.29
C ASN A 567 -12.83 1.75 -3.04
N LEU A 568 -13.75 1.84 -2.08
CA LEU A 568 -13.65 1.09 -0.85
C LEU A 568 -14.07 -0.36 -1.10
N LYS A 569 -13.25 -1.30 -0.61
CA LYS A 569 -13.59 -2.72 -0.74
C LYS A 569 -14.67 -3.10 0.25
N TYR A 570 -15.47 -4.10 -0.13
CA TYR A 570 -16.55 -4.64 0.70
C TYR A 570 -16.30 -6.15 0.80
N ALA A 571 -15.47 -6.54 1.75
CA ALA A 571 -15.08 -7.94 1.91
C ALA A 571 -14.75 -8.21 3.37
N ILE A 572 -14.77 -9.48 3.73
CA ILE A 572 -14.52 -9.89 5.11
C ILE A 572 -13.03 -9.81 5.40
N SER A 573 -12.68 -9.50 6.64
CA SER A 573 -11.30 -9.41 7.06
C SER A 573 -11.24 -9.57 8.58
N ALA A 574 -10.03 -9.83 9.08
CA ALA A 574 -9.79 -9.98 10.51
C ALA A 574 -9.25 -8.71 11.15
N LYS A 575 -9.10 -7.63 10.40
CA LYS A 575 -8.56 -6.38 10.92
C LYS A 575 -9.51 -5.23 10.59
N ASN A 576 -9.48 -4.22 11.46
CA ASN A 576 -10.33 -3.04 11.29
C ASN A 576 -9.86 -2.12 10.18
N ARG A 577 -8.66 -2.33 9.65
CA ARG A 577 -8.12 -1.44 8.63
C ARG A 577 -8.97 -1.50 7.37
N ALA A 578 -9.29 -0.31 6.83
CA ALA A 578 -10.04 -0.23 5.59
C ALA A 578 -9.14 -0.52 4.40
N ARG A 579 -9.76 -1.00 3.32
CA ARG A 579 -9.04 -1.36 2.10
C ARG A 579 -9.64 -0.62 0.92
N THR A 580 -8.78 -0.01 0.11
CA THR A 580 -9.20 0.70 -1.10
C THR A 580 -8.49 0.10 -2.30
N VAL A 581 -9.20 0.11 -3.44
CA VAL A 581 -8.67 -0.40 -4.70
C VAL A 581 -8.70 0.71 -5.73
N ALA A 582 -7.63 0.81 -6.51
CA ALA A 582 -7.48 1.86 -7.50
C ALA A 582 -8.04 1.40 -8.83
N GLY A 583 -9.11 2.04 -9.29
CA GLY A 583 -9.69 1.73 -10.58
C GLY A 583 -9.07 2.54 -11.69
N VAL A 584 -8.12 1.94 -12.40
CA VAL A 584 -7.36 2.64 -13.42
C VAL A 584 -8.20 2.76 -14.69
N SER A 585 -8.02 3.88 -15.39
CA SER A 585 -8.81 4.16 -16.58
C SER A 585 -8.58 3.12 -17.67
N ILE A 586 -9.61 2.91 -18.49
CA ILE A 586 -9.50 1.92 -19.56
C ILE A 586 -8.48 2.35 -20.60
N CYS A 587 -8.27 3.65 -20.78
CA CYS A 587 -7.26 4.13 -21.72
C CYS A 587 -5.88 3.62 -21.37
N SER A 588 -5.62 3.39 -20.07
CA SER A 588 -4.36 2.83 -19.63
C SER A 588 -4.33 1.31 -19.75
N THR A 589 -5.42 0.66 -19.31
CA THR A 589 -5.44 -0.80 -19.26
C THR A 589 -5.40 -1.41 -20.66
N MET A 590 -6.07 -0.78 -21.63
CA MET A 590 -6.09 -1.33 -22.98
C MET A 590 -4.68 -1.37 -23.57
N THR A 591 -3.90 -0.32 -23.38
CA THR A 591 -2.54 -0.30 -23.90
C THR A 591 -1.61 -1.19 -23.08
N ASN A 592 -1.78 -1.20 -21.76
CA ASN A 592 -0.94 -2.04 -20.91
C ASN A 592 -1.15 -3.52 -21.21
N ARG A 593 -2.38 -3.91 -21.54
CA ARG A 593 -2.65 -5.31 -21.86
C ARG A 593 -1.92 -5.72 -23.14
N GLN A 594 -2.01 -4.91 -24.18
CA GLN A 594 -1.27 -5.21 -25.41
C GLN A 594 0.23 -5.19 -25.18
N PHE A 595 0.70 -4.38 -24.23
CA PHE A 595 2.13 -4.34 -23.96
C PHE A 595 2.61 -5.57 -23.18
N HIS A 596 1.77 -6.08 -22.27
CA HIS A 596 2.26 -7.04 -21.28
C HIS A 596 1.51 -8.36 -21.22
N GLN A 597 0.68 -8.70 -22.20
CA GLN A 597 0.07 -10.03 -22.15
C GLN A 597 0.85 -11.10 -22.90
N LYS A 598 1.87 -10.76 -23.67
CA LYS A 598 2.77 -11.81 -24.13
C LYS A 598 3.56 -12.38 -22.97
N LEU A 599 4.05 -11.51 -22.09
CA LEU A 599 4.45 -11.90 -20.74
C LEU A 599 3.19 -11.98 -19.88
N LEU A 600 3.38 -12.25 -18.58
CA LEU A 600 2.30 -12.26 -17.61
C LEU A 600 1.31 -13.40 -17.86
N LYS A 601 1.52 -14.12 -18.97
CA LYS A 601 0.78 -15.33 -19.26
C LYS A 601 1.68 -16.54 -19.44
N SER A 602 2.92 -16.35 -19.89
CA SER A 602 3.94 -17.38 -19.77
C SER A 602 4.38 -17.53 -18.33
N ILE A 603 4.32 -16.44 -17.55
CA ILE A 603 4.59 -16.53 -16.13
C ILE A 603 3.51 -17.35 -15.44
N ALA A 604 2.26 -17.16 -15.84
CA ALA A 604 1.13 -17.89 -15.27
C ALA A 604 0.95 -19.28 -15.87
N ALA A 605 1.73 -19.63 -16.90
CA ALA A 605 1.65 -20.95 -17.52
C ALA A 605 2.94 -21.75 -17.35
N THR A 606 3.90 -21.25 -16.60
CA THR A 606 5.15 -21.94 -16.35
C THR A 606 5.12 -22.56 -14.95
N ARG A 607 5.36 -23.86 -14.87
CA ARG A 607 5.35 -24.60 -13.62
C ARG A 607 6.77 -25.00 -13.25
N GLY A 608 7.12 -24.78 -11.98
CA GLY A 608 8.43 -25.10 -11.49
C GLY A 608 9.41 -23.94 -11.42
N ALA A 609 8.96 -22.72 -11.68
CA ALA A 609 9.81 -21.55 -11.64
C ALA A 609 9.75 -20.90 -10.26
N THR A 610 10.55 -19.85 -10.06
CA THR A 610 10.55 -19.14 -8.79
C THR A 610 9.19 -18.49 -8.52
N VAL A 611 8.62 -17.86 -9.53
CA VAL A 611 7.31 -17.23 -9.41
C VAL A 611 6.24 -18.32 -9.53
N VAL A 612 5.33 -18.38 -8.56
CA VAL A 612 4.32 -19.43 -8.52
C VAL A 612 2.95 -18.86 -8.83
N ILE A 613 2.92 -17.75 -9.56
CA ILE A 613 1.64 -17.20 -10.01
C ILE A 613 1.08 -18.08 -11.11
N GLY A 614 -0.19 -18.45 -10.97
CA GLY A 614 -0.87 -19.30 -11.92
C GLY A 614 -0.84 -20.78 -11.57
N THR A 615 -0.03 -21.17 -10.60
CA THR A 615 0.02 -22.57 -10.17
C THR A 615 -1.11 -22.83 -9.18
N SER A 616 -2.01 -23.73 -9.54
CA SER A 616 -3.14 -24.05 -8.67
C SER A 616 -2.68 -24.85 -7.45
N LYS A 617 -3.44 -24.73 -6.37
CA LYS A 617 -3.17 -25.47 -5.15
C LYS A 617 -3.90 -26.80 -5.10
N PHE A 618 -4.72 -27.10 -6.10
CA PHE A 618 -5.48 -28.34 -6.16
C PHE A 618 -4.76 -29.38 -7.00
N TYR A 619 -5.19 -30.63 -6.85
CA TYR A 619 -4.62 -31.76 -7.59
C TYR A 619 -3.12 -31.85 -7.39
N GLY A 620 -2.68 -31.67 -6.15
CA GLY A 620 -1.28 -31.82 -5.82
C GLY A 620 -0.40 -30.64 -6.15
N GLY A 621 -0.98 -29.47 -6.44
CA GLY A 621 -0.16 -28.31 -6.76
C GLY A 621 0.66 -27.83 -5.58
N TRP A 622 0.05 -27.79 -4.39
CA TRP A 622 0.76 -27.35 -3.20
C TRP A 622 1.98 -28.22 -2.94
N HIS A 623 1.81 -29.54 -2.98
CA HIS A 623 2.93 -30.46 -2.80
C HIS A 623 3.96 -30.26 -3.90
N ASN A 624 3.52 -30.01 -5.13
CA ASN A 624 4.46 -29.82 -6.23
C ASN A 624 5.35 -28.62 -5.99
N MET A 625 4.77 -27.46 -5.65
CA MET A 625 5.59 -26.28 -5.40
C MET A 625 6.48 -26.47 -4.18
N LEU A 626 5.95 -27.09 -3.13
CA LEU A 626 6.76 -27.29 -1.91
C LEU A 626 7.97 -28.17 -2.19
N LYS A 627 7.78 -29.27 -2.91
CA LYS A 627 8.92 -30.10 -3.28
C LYS A 627 9.80 -29.44 -4.33
N THR A 628 9.26 -28.48 -5.08
CA THR A 628 10.09 -27.74 -6.03
C THR A 628 11.09 -26.85 -5.29
N VAL A 629 10.64 -26.13 -4.27
CA VAL A 629 11.54 -25.23 -3.56
C VAL A 629 12.35 -25.94 -2.47
N TYR A 630 11.95 -27.13 -2.04
CA TYR A 630 12.83 -27.91 -1.18
C TYR A 630 14.11 -28.29 -1.90
N SER A 631 14.00 -28.62 -3.20
CA SER A 631 15.12 -28.81 -4.12
C SER A 631 16.28 -29.60 -3.51
N ASP A 632 17.46 -28.97 -3.47
CA ASP A 632 18.68 -29.65 -3.06
C ASP A 632 19.46 -28.86 -2.02
N VAL A 633 18.78 -28.02 -1.22
CA VAL A 633 19.46 -27.28 -0.17
C VAL A 633 19.98 -28.25 0.88
N GLU A 634 21.24 -28.06 1.30
CA GLU A 634 21.91 -29.05 2.14
C GLU A 634 21.33 -29.10 3.55
N ASN A 635 21.13 -27.94 4.18
CA ASN A 635 20.61 -27.85 5.54
C ASN A 635 19.41 -26.92 5.52
N PRO A 636 18.24 -27.43 5.14
CA PRO A 636 17.11 -26.55 4.85
C PRO A 636 16.39 -26.07 6.11
N HIS A 637 16.07 -24.79 6.12
CA HIS A 637 15.03 -24.21 6.98
C HIS A 637 14.01 -23.52 6.09
N LEU A 638 13.03 -22.88 6.72
CA LEU A 638 12.01 -22.12 6.01
C LEU A 638 11.95 -20.71 6.56
N MET A 639 11.59 -19.77 5.70
CA MET A 639 11.58 -18.37 6.07
C MET A 639 10.54 -17.64 5.23
N GLY A 640 9.88 -16.67 5.84
CA GLY A 640 8.84 -15.93 5.16
C GLY A 640 8.71 -14.52 5.71
N TRP A 641 7.87 -13.74 5.03
CA TRP A 641 7.63 -12.35 5.41
C TRP A 641 6.31 -11.92 4.78
N ASP A 642 5.92 -10.66 5.05
CA ASP A 642 4.64 -10.15 4.56
C ASP A 642 4.73 -8.75 3.98
N TYR A 643 5.91 -8.11 4.00
CA TYR A 643 6.10 -6.77 3.45
C TYR A 643 5.09 -5.78 4.03
N PRO A 644 5.27 -5.34 5.28
CA PRO A 644 4.29 -4.44 5.90
C PRO A 644 4.14 -3.15 5.12
N LYS A 645 2.90 -2.65 5.06
CA LYS A 645 2.58 -1.39 4.39
C LYS A 645 3.00 -1.41 2.92
N CYS A 646 2.79 -2.55 2.27
CA CYS A 646 3.06 -2.62 0.84
C CYS A 646 2.00 -1.84 0.07
N ASP A 647 2.30 -1.56 -1.21
CA ASP A 647 1.43 -0.86 -2.14
C ASP A 647 1.38 0.62 -1.77
N ARG A 648 1.99 0.97 -0.63
CA ARG A 648 2.01 2.35 -0.17
C ARG A 648 3.36 2.78 0.39
N ALA A 649 4.30 1.86 0.61
CA ALA A 649 5.65 2.20 1.00
C ALA A 649 6.68 1.76 -0.02
N MET A 650 6.26 1.20 -1.15
CA MET A 650 7.19 0.77 -2.17
C MET A 650 7.96 1.98 -2.70
N PRO A 651 9.28 1.91 -2.80
CA PRO A 651 10.04 3.06 -3.29
C PRO A 651 9.67 3.40 -4.73
N ASN A 652 9.75 4.68 -5.04
CA ASN A 652 9.42 5.17 -6.38
C ASN A 652 10.42 4.68 -7.41
N MET A 653 11.61 4.24 -6.99
CA MET A 653 12.61 3.67 -7.87
C MET A 653 12.43 2.18 -8.13
N LEU A 654 11.99 1.42 -7.13
CA LEU A 654 11.84 -0.02 -7.32
C LEU A 654 10.68 -0.36 -8.24
N ARG A 655 9.61 0.44 -8.25
CA ARG A 655 8.56 0.23 -9.23
C ARG A 655 9.05 0.49 -10.64
N ILE A 656 9.88 1.51 -10.83
CA ILE A 656 10.47 1.78 -12.13
C ILE A 656 11.37 0.61 -12.55
N MET A 657 12.17 0.10 -11.62
CA MET A 657 13.01 -1.04 -11.91
C MET A 657 12.18 -2.26 -12.27
N ALA A 658 11.05 -2.45 -11.58
CA ALA A 658 10.15 -3.55 -11.90
C ALA A 658 9.61 -3.43 -13.32
N SER A 659 9.13 -2.24 -13.68
CA SER A 659 8.59 -2.04 -15.02
C SER A 659 9.68 -2.19 -16.07
N LEU A 660 10.93 -1.85 -15.74
CA LEU A 660 12.03 -2.06 -16.66
C LEU A 660 12.33 -3.54 -16.84
N VAL A 661 12.29 -4.31 -15.75
CA VAL A 661 12.54 -5.74 -15.84
C VAL A 661 11.46 -6.43 -16.67
N LEU A 662 10.19 -6.08 -16.44
CA LEU A 662 9.12 -6.65 -17.25
C LEU A 662 9.14 -6.14 -18.69
N ALA A 663 9.87 -5.07 -18.98
CA ALA A 663 9.99 -4.55 -20.34
C ALA A 663 11.24 -5.04 -21.06
N ARG A 664 12.02 -5.91 -20.43
CA ARG A 664 13.22 -6.44 -21.08
C ARG A 664 12.91 -7.48 -22.14
N LYS A 665 11.71 -8.04 -22.16
CA LYS A 665 11.29 -8.91 -23.27
C LYS A 665 10.76 -8.11 -24.44
N HIS A 666 11.52 -7.10 -24.88
CA HIS A 666 11.08 -6.22 -25.96
C HIS A 666 12.23 -5.80 -26.86
N THR A 667 13.32 -6.57 -26.90
CA THR A 667 14.50 -6.18 -27.66
C THR A 667 14.28 -6.20 -29.16
N THR A 668 13.16 -6.77 -29.63
CA THR A 668 12.89 -6.86 -31.06
C THR A 668 11.66 -6.05 -31.46
N CYS A 669 10.56 -6.17 -30.73
CA CYS A 669 9.33 -5.48 -31.12
C CYS A 669 9.46 -3.96 -30.94
N CYS A 670 10.11 -3.53 -29.87
CA CYS A 670 10.18 -2.11 -29.51
C CYS A 670 11.61 -1.59 -29.62
N SER A 671 11.72 -0.32 -30.00
CA SER A 671 13.00 0.37 -30.05
C SER A 671 13.30 0.97 -28.67
N LEU A 672 14.36 1.78 -28.59
CA LEU A 672 14.68 2.43 -27.33
C LEU A 672 13.66 3.51 -27.00
N SER A 673 13.32 4.35 -27.97
CA SER A 673 12.36 5.43 -27.72
C SER A 673 10.99 4.88 -27.36
N HIS A 674 10.56 3.83 -28.06
CA HIS A 674 9.25 3.23 -27.76
C HIS A 674 9.23 2.67 -26.34
N ARG A 675 10.28 1.96 -25.94
CA ARG A 675 10.33 1.42 -24.59
C ARG A 675 10.36 2.52 -23.54
N PHE A 676 11.14 3.57 -23.78
CA PHE A 676 11.18 4.67 -22.82
C PHE A 676 9.83 5.36 -22.70
N TYR A 677 9.14 5.56 -23.83
CA TYR A 677 7.86 6.24 -23.78
C TYR A 677 6.78 5.36 -23.14
N ARG A 678 6.86 4.04 -23.34
CA ARG A 678 5.96 3.15 -22.62
C ARG A 678 6.22 3.20 -21.12
N LEU A 679 7.49 3.24 -20.72
CA LEU A 679 7.82 3.38 -19.31
C LEU A 679 7.31 4.71 -18.75
N ALA A 680 7.47 5.79 -19.51
CA ALA A 680 6.98 7.09 -19.09
C ALA A 680 5.46 7.10 -18.95
N ASN A 681 4.76 6.47 -19.89
CA ASN A 681 3.31 6.35 -19.78
C ASN A 681 2.92 5.58 -18.54
N GLU A 682 3.59 4.46 -18.28
CA GLU A 682 3.27 3.65 -17.11
C GLU A 682 3.50 4.44 -15.82
N CYS A 683 4.61 5.18 -15.76
CA CYS A 683 4.87 6.00 -14.58
C CYS A 683 3.83 7.11 -14.43
N ALA A 684 3.45 7.74 -15.54
CA ALA A 684 2.49 8.85 -15.48
C ALA A 684 1.11 8.39 -15.05
N GLN A 685 0.66 7.23 -15.51
CA GLN A 685 -0.71 6.79 -15.28
C GLN A 685 -0.82 5.74 -14.18
N VAL A 686 0.31 5.34 -13.58
CA VAL A 686 0.29 4.35 -12.51
C VAL A 686 1.02 4.89 -11.29
N LEU A 687 2.21 5.45 -11.51
CA LEU A 687 3.11 5.82 -10.42
C LEU A 687 2.89 7.25 -9.94
N SER A 688 2.98 8.23 -10.83
CA SER A 688 2.67 9.62 -10.52
C SER A 688 1.24 9.97 -10.91
N GLU A 689 0.34 9.00 -10.80
CA GLU A 689 -1.03 9.14 -11.23
C GLU A 689 -1.81 10.13 -10.37
N MET A 690 -2.86 10.70 -10.95
CA MET A 690 -3.78 11.59 -10.25
C MET A 690 -4.87 10.74 -9.62
N VAL A 691 -4.78 10.55 -8.30
CA VAL A 691 -5.77 9.76 -7.57
C VAL A 691 -7.01 10.61 -7.33
N MET A 692 -8.18 10.08 -7.66
CA MET A 692 -9.46 10.74 -7.43
C MET A 692 -10.14 10.06 -6.25
N CYS A 693 -9.94 10.61 -5.06
CA CYS A 693 -10.59 10.12 -3.86
C CYS A 693 -11.81 10.98 -3.56
N GLY A 694 -12.96 10.34 -3.37
CA GLY A 694 -14.20 11.08 -3.17
C GLY A 694 -14.69 11.71 -4.46
N GLY A 695 -14.65 13.04 -4.52
CA GLY A 695 -15.07 13.75 -5.71
C GLY A 695 -14.05 14.78 -6.17
N SER A 696 -12.81 14.64 -5.70
CA SER A 696 -11.76 15.60 -5.99
C SER A 696 -10.47 14.87 -6.36
N LEU A 697 -9.62 15.56 -7.11
CA LEU A 697 -8.38 14.98 -7.60
C LEU A 697 -7.24 15.28 -6.65
N TYR A 698 -6.45 14.25 -6.33
CA TYR A 698 -5.24 14.38 -5.54
C TYR A 698 -4.05 13.92 -6.37
N VAL A 699 -2.86 13.95 -5.77
CA VAL A 699 -1.64 13.51 -6.42
C VAL A 699 -1.07 12.34 -5.61
N LYS A 700 -0.88 11.21 -6.27
CA LYS A 700 -0.30 10.05 -5.59
C LYS A 700 1.21 10.25 -5.47
N PRO A 701 1.77 10.23 -4.25
CA PRO A 701 3.21 10.41 -4.11
C PRO A 701 4.02 9.36 -4.83
N GLY A 702 3.52 8.13 -4.89
CA GLY A 702 4.24 7.07 -5.57
C GLY A 702 3.63 5.72 -5.24
N GLY A 703 4.43 4.68 -5.42
CA GLY A 703 3.99 3.32 -5.14
C GLY A 703 3.18 2.74 -6.27
N THR A 704 3.06 1.42 -6.30
CA THR A 704 2.32 0.76 -7.37
C THR A 704 0.83 0.99 -7.21
N SER A 705 0.08 0.73 -8.28
CA SER A 705 -1.37 0.74 -8.25
C SER A 705 -1.87 -0.68 -8.03
N SER A 706 -2.88 -0.81 -7.18
CA SER A 706 -3.45 -2.12 -6.91
C SER A 706 -4.12 -2.67 -8.14
N GLY A 707 -4.60 -1.81 -9.01
CA GLY A 707 -5.33 -2.32 -10.14
C GLY A 707 -4.86 -1.87 -11.49
N ASP A 708 -3.56 -1.92 -11.74
CA ASP A 708 -3.07 -1.57 -13.06
C ASP A 708 -3.25 -2.69 -14.06
N ALA A 709 -2.20 -3.41 -14.40
CA ALA A 709 -2.32 -4.55 -15.28
C ALA A 709 -1.33 -5.55 -14.76
N THR A 710 -0.30 -5.05 -14.10
CA THR A 710 0.74 -5.91 -13.59
C THR A 710 0.95 -5.87 -12.08
N THR A 711 -0.07 -5.63 -11.25
CA THR A 711 0.21 -5.48 -9.82
C THR A 711 0.89 -6.72 -9.26
N ALA A 712 0.36 -7.90 -9.59
CA ALA A 712 0.91 -9.14 -9.03
C ALA A 712 2.32 -9.39 -9.50
N TYR A 713 2.59 -9.17 -10.79
CA TYR A 713 3.91 -9.48 -11.34
C TYR A 713 4.94 -8.42 -10.95
N ALA A 714 4.52 -7.16 -10.90
CA ALA A 714 5.41 -6.12 -10.37
C ALA A 714 5.74 -6.38 -8.91
N ASN A 715 4.75 -6.81 -8.12
CA ASN A 715 5.03 -7.18 -6.74
C ASN A 715 5.98 -8.36 -6.67
N SER A 716 5.82 -9.34 -7.56
CA SER A 716 6.70 -10.51 -7.54
C SER A 716 8.14 -10.13 -7.86
N VAL A 717 8.35 -9.29 -8.88
CA VAL A 717 9.72 -8.88 -9.20
C VAL A 717 10.30 -8.00 -8.10
N PHE A 718 9.46 -7.14 -7.50
CA PHE A 718 9.91 -6.34 -6.35
C PHE A 718 10.26 -7.23 -5.16
N ASN A 719 9.60 -8.38 -5.03
CA ASN A 719 9.90 -9.32 -3.95
C ASN A 719 11.18 -10.10 -4.23
N ILE A 720 11.43 -10.44 -5.50
CA ILE A 720 12.71 -11.05 -5.85
C ILE A 720 13.85 -10.08 -5.55
N CYS A 721 13.66 -8.81 -5.89
CA CYS A 721 14.53 -7.77 -5.36
C CYS A 721 14.29 -7.60 -3.86
N GLN A 722 15.27 -7.00 -3.18
CA GLN A 722 15.25 -6.83 -1.73
C GLN A 722 15.36 -8.18 -1.02
N ALA A 723 15.33 -9.26 -1.78
CA ALA A 723 15.74 -10.59 -1.33
C ALA A 723 17.09 -10.96 -1.93
N VAL A 724 17.25 -10.76 -3.24
CA VAL A 724 18.59 -10.84 -3.81
C VAL A 724 19.48 -9.74 -3.25
N THR A 725 18.91 -8.56 -2.99
CA THR A 725 19.66 -7.50 -2.33
C THR A 725 20.05 -7.89 -0.91
N ALA A 726 19.13 -8.54 -0.20
CA ALA A 726 19.44 -9.02 1.15
C ALA A 726 20.58 -10.03 1.12
N ASN A 727 20.56 -10.95 0.15
CA ASN A 727 21.66 -11.89 0.00
C ASN A 727 22.97 -11.16 -0.31
N VAL A 728 22.91 -10.16 -1.18
CA VAL A 728 24.12 -9.45 -1.60
C VAL A 728 24.77 -8.76 -0.41
N ASN A 729 23.98 -7.98 0.35
CA ASN A 729 24.57 -7.23 1.45
C ASN A 729 24.62 -8.01 2.75
N ALA A 730 24.17 -9.26 2.76
CA ALA A 730 24.50 -10.18 3.84
C ALA A 730 25.77 -10.96 3.55
N LEU A 731 26.09 -11.18 2.28
CA LEU A 731 27.34 -11.82 1.90
C LEU A 731 28.50 -10.84 1.86
N LEU A 732 28.24 -9.56 1.56
CA LEU A 732 29.29 -8.56 1.59
C LEU A 732 29.64 -8.12 3.01
N SER A 733 28.67 -8.12 3.92
CA SER A 733 28.89 -7.65 5.29
C SER A 733 29.47 -8.71 6.20
N THR A 734 30.10 -9.74 5.64
CA THR A 734 30.72 -10.80 6.42
C THR A 734 32.23 -10.65 6.36
N ASP A 735 32.89 -10.95 7.48
CA ASP A 735 34.35 -10.87 7.57
C ASP A 735 34.95 -11.93 6.65
N GLY A 736 35.55 -11.48 5.55
CA GLY A 736 36.12 -12.39 4.57
C GLY A 736 37.29 -13.19 5.09
N ASN A 737 37.99 -12.68 6.10
CA ASN A 737 39.09 -13.44 6.69
C ASN A 737 38.60 -14.60 7.54
N LYS A 738 37.36 -14.55 8.03
CA LYS A 738 36.80 -15.60 8.86
C LYS A 738 36.02 -16.64 8.07
N ILE A 739 35.98 -16.52 6.75
CA ILE A 739 35.27 -17.49 5.93
C ILE A 739 36.19 -18.66 5.62
N ALA A 740 35.75 -19.87 6.01
CA ALA A 740 36.58 -21.05 5.82
C ALA A 740 36.61 -21.50 4.36
N ASP A 741 35.47 -21.49 3.68
CA ASP A 741 35.40 -21.96 2.31
C ASP A 741 36.11 -21.00 1.37
N LYS A 742 36.98 -21.53 0.52
CA LYS A 742 37.73 -20.69 -0.42
C LYS A 742 36.93 -20.36 -1.66
N TYR A 743 35.75 -20.94 -1.86
CA TYR A 743 34.92 -20.61 -3.01
C TYR A 743 34.03 -19.41 -2.74
N VAL A 744 33.32 -19.43 -1.61
CA VAL A 744 32.43 -18.31 -1.30
C VAL A 744 33.23 -17.06 -0.96
N ARG A 745 34.45 -17.21 -0.44
CA ARG A 745 35.30 -16.04 -0.21
C ARG A 745 35.66 -15.35 -1.52
N ASN A 746 36.09 -16.13 -2.51
CA ASN A 746 36.36 -15.57 -3.83
C ASN A 746 35.09 -15.02 -4.47
N LEU A 747 33.95 -15.67 -4.22
CA LEU A 747 32.68 -15.14 -4.71
C LEU A 747 32.38 -13.77 -4.12
N GLN A 748 32.65 -13.60 -2.82
CA GLN A 748 32.45 -12.30 -2.18
C GLN A 748 33.39 -11.25 -2.76
N HIS A 749 34.66 -11.62 -2.95
CA HIS A 749 35.61 -10.69 -3.55
C HIS A 749 35.16 -10.25 -4.94
N ARG A 750 34.75 -11.21 -5.77
CA ARG A 750 34.33 -10.88 -7.13
C ARG A 750 33.01 -10.15 -7.14
N LEU A 751 32.15 -10.39 -6.15
CA LEU A 751 30.90 -9.65 -6.04
C LEU A 751 31.15 -8.19 -5.71
N TYR A 752 32.06 -7.92 -4.77
CA TYR A 752 32.42 -6.54 -4.49
C TYR A 752 33.05 -5.88 -5.71
N GLU A 753 33.88 -6.63 -6.45
CA GLU A 753 34.44 -6.11 -7.68
C GLU A 753 33.35 -5.73 -8.67
N CYS A 754 32.43 -6.65 -8.94
CA CYS A 754 31.37 -6.39 -9.91
C CYS A 754 30.42 -5.30 -9.45
N LEU A 755 30.33 -5.05 -8.15
CA LEU A 755 29.45 -3.99 -7.66
C LEU A 755 30.13 -2.62 -7.78
N TYR A 756 31.27 -2.44 -7.11
CA TYR A 756 31.83 -1.11 -6.92
C TYR A 756 33.12 -0.86 -7.68
N ARG A 757 33.59 -1.81 -8.49
CA ARG A 757 34.81 -1.62 -9.27
C ARG A 757 34.65 -1.99 -10.74
N ASN A 758 33.48 -2.46 -11.15
CA ASN A 758 33.24 -2.87 -12.53
C ASN A 758 32.04 -2.10 -13.08
N ARG A 759 32.15 -1.68 -14.34
CA ARG A 759 31.12 -0.86 -14.97
C ARG A 759 30.13 -1.67 -15.78
N ASP A 760 30.61 -2.52 -16.68
CA ASP A 760 29.74 -3.30 -17.54
C ASP A 760 29.28 -4.58 -16.83
N VAL A 761 28.25 -5.20 -17.38
CA VAL A 761 27.67 -6.40 -16.79
C VAL A 761 28.57 -7.60 -17.10
N ASP A 762 28.97 -8.32 -16.07
CA ASP A 762 29.74 -9.55 -16.22
C ASP A 762 28.77 -10.72 -16.23
N THR A 763 28.36 -11.15 -17.43
CA THR A 763 27.34 -12.19 -17.53
C THR A 763 27.79 -13.49 -16.89
N ASP A 764 29.09 -13.79 -16.91
CA ASP A 764 29.59 -15.00 -16.26
C ASP A 764 29.31 -14.96 -14.76
N PHE A 765 29.62 -13.84 -14.11
CA PHE A 765 29.37 -13.73 -12.68
C PHE A 765 27.93 -13.35 -12.37
N VAL A 766 27.10 -13.11 -13.37
CA VAL A 766 25.66 -12.99 -13.14
C VAL A 766 24.99 -14.36 -13.17
N ASN A 767 25.42 -15.23 -14.08
CA ASN A 767 25.00 -16.63 -14.02
C ASN A 767 25.53 -17.28 -12.74
N GLU A 768 26.78 -17.00 -12.39
CA GLU A 768 27.28 -17.30 -11.07
C GLU A 768 26.63 -16.35 -10.05
N PHE A 769 26.60 -16.80 -8.81
CA PHE A 769 25.91 -16.18 -7.70
C PHE A 769 24.40 -16.27 -7.88
N TYR A 770 23.96 -16.51 -9.11
CA TYR A 770 22.56 -16.88 -9.35
C TYR A 770 22.39 -18.37 -9.21
N ALA A 771 23.33 -19.14 -9.75
CA ALA A 771 23.40 -20.55 -9.40
C ALA A 771 23.60 -20.72 -7.90
N TYR A 772 24.40 -19.84 -7.28
CA TYR A 772 24.62 -19.89 -5.85
C TYR A 772 23.33 -19.65 -5.08
N LEU A 773 22.57 -18.61 -5.46
CA LEU A 773 21.29 -18.36 -4.81
C LEU A 773 20.33 -19.53 -5.00
N ARG A 774 20.23 -20.03 -6.24
CA ARG A 774 19.30 -21.13 -6.48
C ARG A 774 19.69 -22.38 -5.69
N LYS A 775 20.98 -22.58 -5.45
CA LYS A 775 21.42 -23.73 -4.67
C LYS A 775 21.20 -23.53 -3.18
N HIS A 776 21.33 -22.29 -2.68
CA HIS A 776 21.26 -22.04 -1.25
C HIS A 776 20.10 -21.13 -0.83
N PHE A 777 19.31 -20.62 -1.77
CA PHE A 777 18.22 -19.71 -1.43
C PHE A 777 17.10 -19.93 -2.45
N SER A 778 16.16 -20.82 -2.10
CA SER A 778 15.06 -21.18 -2.99
C SER A 778 13.79 -20.49 -2.52
N MET A 779 13.03 -19.94 -3.47
CA MET A 779 11.93 -19.05 -3.15
C MET A 779 10.67 -19.42 -3.92
N MET A 780 9.53 -19.21 -3.28
CA MET A 780 8.21 -19.21 -3.93
C MET A 780 7.74 -17.76 -3.95
N ILE A 781 8.13 -17.02 -4.98
CA ILE A 781 7.86 -15.58 -5.04
C ILE A 781 6.52 -15.41 -5.73
N LEU A 782 5.46 -15.36 -4.93
CA LEU A 782 4.18 -14.88 -5.39
C LEU A 782 4.07 -13.39 -5.05
N SER A 783 3.03 -12.74 -5.57
CA SER A 783 2.83 -11.32 -5.33
C SER A 783 2.80 -11.02 -3.83
N ASP A 784 3.83 -10.32 -3.36
CA ASP A 784 3.90 -9.80 -1.99
C ASP A 784 4.05 -10.91 -0.95
N ASP A 785 4.01 -12.17 -1.38
CA ASP A 785 4.13 -13.30 -0.48
C ASP A 785 5.26 -14.22 -0.96
N ALA A 786 6.07 -14.69 -0.01
CA ALA A 786 7.24 -15.48 -0.35
C ALA A 786 7.52 -16.51 0.73
N VAL A 787 8.00 -17.67 0.32
CA VAL A 787 8.50 -18.71 1.21
C VAL A 787 9.89 -19.09 0.74
N VAL A 788 10.86 -19.09 1.66
CA VAL A 788 12.26 -19.28 1.33
C VAL A 788 12.77 -20.53 2.01
N CYS A 789 13.36 -21.43 1.23
CA CYS A 789 14.08 -22.59 1.76
C CYS A 789 15.57 -22.33 1.59
N PHE A 790 16.25 -22.07 2.70
CA PHE A 790 17.64 -21.62 2.68
C PHE A 790 18.52 -22.56 3.48
N ASN A 791 19.82 -22.52 3.18
CA ASN A 791 20.80 -23.31 3.91
C ASN A 791 20.97 -22.75 5.32
N SER A 792 20.88 -23.63 6.32
CA SER A 792 20.96 -23.17 7.71
C SER A 792 22.38 -22.78 8.08
N THR A 793 23.36 -23.62 7.72
CA THR A 793 24.75 -23.35 8.10
C THR A 793 25.36 -22.18 7.34
N TYR A 794 24.81 -21.82 6.18
CA TYR A 794 25.29 -20.64 5.48
C TYR A 794 24.71 -19.37 6.07
N ALA A 795 23.45 -19.40 6.49
CA ALA A 795 22.88 -18.25 7.18
C ALA A 795 23.49 -18.07 8.56
N SER A 796 23.89 -19.17 9.21
CA SER A 796 24.57 -19.05 10.50
C SER A 796 25.90 -18.33 10.35
N GLN A 797 26.64 -18.61 9.28
CA GLN A 797 27.90 -17.94 9.02
C GLN A 797 27.74 -16.63 8.27
N GLY A 798 26.50 -16.20 8.01
CA GLY A 798 26.27 -14.98 7.29
C GLY A 798 26.67 -15.02 5.82
N LEU A 799 26.40 -16.14 5.15
CA LEU A 799 26.68 -16.26 3.73
C LEU A 799 25.44 -16.11 2.86
N VAL A 800 24.24 -16.20 3.44
CA VAL A 800 22.99 -15.97 2.74
C VAL A 800 22.11 -15.08 3.61
N ALA A 801 21.02 -14.61 3.02
CA ALA A 801 20.13 -13.69 3.72
C ALA A 801 19.40 -14.38 4.87
N SER A 802 19.07 -13.59 5.89
CA SER A 802 18.31 -14.07 7.04
C SER A 802 17.20 -13.10 7.38
N ILE A 803 16.52 -13.32 8.51
CA ILE A 803 15.49 -12.39 8.95
C ILE A 803 16.09 -11.03 9.27
N LYS A 804 17.21 -11.01 9.98
CA LYS A 804 17.85 -9.75 10.33
C LYS A 804 18.32 -8.99 9.09
N ASN A 805 18.90 -9.71 8.13
CA ASN A 805 19.37 -9.06 6.90
C ASN A 805 18.21 -8.52 6.08
N PHE A 806 17.12 -9.27 5.98
CA PHE A 806 15.95 -8.79 5.25
C PHE A 806 15.34 -7.57 5.94
N LYS A 807 15.27 -7.59 7.26
CA LYS A 807 14.76 -6.44 8.00
C LYS A 807 15.65 -5.21 7.79
N SER A 808 16.97 -5.40 7.82
CA SER A 808 17.88 -4.29 7.58
C SER A 808 17.72 -3.74 6.17
N VAL A 809 17.54 -4.63 5.19
CA VAL A 809 17.33 -4.19 3.82
C VAL A 809 16.05 -3.38 3.70
N LEU A 810 14.97 -3.86 4.33
CA LEU A 810 13.71 -3.13 4.27
C LEU A 810 13.81 -1.78 4.97
N TYR A 811 14.63 -1.69 6.02
CA TYR A 811 14.75 -0.44 6.76
C TYR A 811 15.26 0.69 5.88
N TYR A 812 16.24 0.40 5.01
CA TYR A 812 16.88 1.45 4.23
C TYR A 812 16.48 1.44 2.76
N GLN A 813 15.69 0.46 2.30
CA GLN A 813 15.18 0.47 0.94
C GLN A 813 13.67 0.28 0.85
N ASN A 814 12.95 0.42 1.96
CA ASN A 814 11.49 0.43 1.91
C ASN A 814 10.87 1.44 2.86
N ASN A 815 11.68 2.14 3.67
CA ASN A 815 11.19 3.14 4.62
C ASN A 815 10.16 2.56 5.58
N VAL A 816 10.29 1.28 5.92
CA VAL A 816 9.43 0.61 6.88
C VAL A 816 10.26 -0.33 7.72
N PHE A 817 9.83 -0.53 8.97
CA PHE A 817 10.46 -1.49 9.87
C PHE A 817 9.59 -2.74 9.91
N MET A 818 10.18 -3.87 9.53
CA MET A 818 9.46 -5.14 9.49
C MET A 818 9.55 -5.82 10.85
N SER A 819 8.41 -5.94 11.52
CA SER A 819 8.38 -6.53 12.86
C SER A 819 8.67 -8.01 12.82
N GLU A 820 9.32 -8.50 13.88
CA GLU A 820 9.62 -9.93 13.96
C GLU A 820 8.35 -10.77 14.06
N ALA A 821 7.29 -10.22 14.65
CA ALA A 821 6.03 -10.95 14.74
C ALA A 821 5.37 -11.15 13.38
N LYS A 822 5.73 -10.33 12.40
CA LYS A 822 5.22 -10.48 11.04
C LYS A 822 5.99 -11.51 10.23
N CYS A 823 7.06 -12.07 10.80
CA CYS A 823 7.90 -13.06 10.13
C CYS A 823 7.78 -14.40 10.85
N TRP A 824 8.21 -15.45 10.16
CA TRP A 824 8.19 -16.80 10.71
C TRP A 824 9.36 -17.58 10.15
N THR A 825 9.72 -18.65 10.87
CA THR A 825 10.77 -19.55 10.44
C THR A 825 10.42 -20.96 10.89
N GLU A 826 10.95 -21.95 10.17
CA GLU A 826 10.66 -23.35 10.43
C GLU A 826 11.95 -24.14 10.39
N THR A 827 12.29 -24.80 11.49
CA THR A 827 13.47 -25.66 11.55
C THR A 827 13.19 -27.10 11.14
N ASP A 828 11.93 -27.43 10.87
CA ASP A 828 11.54 -28.78 10.49
C ASP A 828 10.74 -28.72 9.20
N LEU A 829 11.11 -29.57 8.23
CA LEU A 829 10.46 -29.57 6.93
C LEU A 829 9.32 -30.57 6.82
N THR A 830 9.14 -31.47 7.80
CA THR A 830 7.96 -32.32 7.80
C THR A 830 6.68 -31.50 7.95
N LYS A 831 6.78 -30.31 8.52
CA LYS A 831 5.70 -29.33 8.51
C LYS A 831 6.07 -28.24 7.52
N GLY A 832 5.14 -27.91 6.62
CA GLY A 832 5.42 -26.96 5.57
C GLY A 832 5.57 -25.54 6.06
N PRO A 833 5.39 -24.59 5.16
CA PRO A 833 5.47 -23.17 5.56
C PRO A 833 4.42 -22.86 6.62
N HIS A 834 4.79 -21.98 7.55
CA HIS A 834 3.88 -21.62 8.63
C HIS A 834 2.61 -20.97 8.09
N GLU A 835 2.75 -20.06 7.13
CA GLU A 835 1.60 -19.43 6.51
C GLU A 835 2.03 -18.87 5.15
N PHE A 836 1.52 -19.47 4.07
CA PHE A 836 1.73 -18.96 2.72
C PHE A 836 0.37 -18.80 2.06
N CYS A 837 0.10 -17.60 1.55
CA CYS A 837 -1.18 -17.29 0.91
C CYS A 837 -2.35 -17.57 1.86
N SER A 838 -2.15 -17.29 3.14
CA SER A 838 -3.09 -17.49 4.23
C SER A 838 -3.49 -18.95 4.42
N GLN A 839 -2.79 -19.89 3.80
CA GLN A 839 -3.08 -21.32 3.94
C GLN A 839 -1.96 -21.98 4.71
N HIS A 840 -2.32 -22.68 5.79
CA HIS A 840 -1.36 -23.47 6.53
C HIS A 840 -1.13 -24.81 5.85
N THR A 841 0.07 -25.36 6.05
CA THR A 841 0.48 -26.60 5.41
C THR A 841 0.68 -27.68 6.46
N MET A 842 0.17 -28.87 6.16
CA MET A 842 0.36 -30.03 7.02
C MET A 842 0.60 -31.25 6.16
N LEU A 843 1.40 -32.19 6.66
CA LEU A 843 1.76 -33.39 5.92
C LEU A 843 0.77 -34.50 6.28
N VAL A 844 0.00 -34.95 5.29
CA VAL A 844 -1.00 -35.99 5.49
C VAL A 844 -0.66 -37.18 4.59
N LYS A 845 -1.21 -38.34 4.96
CA LYS A 845 -1.06 -39.55 4.16
C LYS A 845 -2.26 -39.66 3.23
N GLN A 846 -2.01 -39.55 1.92
CA GLN A 846 -3.04 -39.65 0.90
C GLN A 846 -2.75 -40.90 0.07
N GLY A 847 -3.52 -41.96 0.32
CA GLY A 847 -3.28 -43.22 -0.35
C GLY A 847 -2.18 -44.00 0.33
N ASP A 848 -1.00 -44.03 -0.30
CA ASP A 848 0.17 -44.68 0.28
C ASP A 848 1.38 -43.74 0.38
N ASP A 849 1.23 -42.48 -0.01
CA ASP A 849 2.33 -41.52 0.02
C ASP A 849 1.92 -40.29 0.81
N TYR A 850 2.90 -39.63 1.40
CA TYR A 850 2.67 -38.42 2.18
C TYR A 850 2.73 -37.20 1.27
N VAL A 851 1.71 -36.35 1.36
CA VAL A 851 1.63 -35.14 0.55
C VAL A 851 1.29 -33.97 1.47
N TYR A 852 1.58 -32.76 0.99
CA TYR A 852 1.29 -31.53 1.70
C TYR A 852 -0.05 -30.98 1.23
N LEU A 853 -0.93 -30.67 2.18
CA LEU A 853 -2.24 -30.14 1.86
C LEU A 853 -2.44 -28.79 2.52
N PRO A 854 -2.87 -27.78 1.76
CA PRO A 854 -3.08 -26.44 2.32
C PRO A 854 -4.45 -26.34 2.98
N TYR A 855 -4.46 -26.08 4.29
CA TYR A 855 -5.73 -25.84 4.94
C TYR A 855 -5.82 -24.42 5.46
N PRO A 856 -6.95 -23.76 5.30
CA PRO A 856 -7.07 -22.37 5.72
C PRO A 856 -7.38 -22.23 7.21
N ASP A 857 -7.58 -21.01 7.67
CA ASP A 857 -8.01 -20.77 9.04
C ASP A 857 -9.49 -21.11 9.16
N PRO A 858 -9.88 -22.00 10.06
CA PRO A 858 -11.31 -22.34 10.17
C PRO A 858 -12.18 -21.15 10.51
N SER A 859 -11.65 -20.17 11.24
CA SER A 859 -12.41 -18.96 11.54
C SER A 859 -12.76 -18.22 10.26
N ARG A 860 -11.85 -18.19 9.28
CA ARG A 860 -12.16 -17.53 8.00
C ARG A 860 -13.31 -18.21 7.28
N ILE A 861 -13.30 -19.54 7.23
CA ILE A 861 -14.37 -20.26 6.56
C ILE A 861 -15.69 -20.07 7.29
N LEU A 862 -15.68 -20.13 8.62
CA LEU A 862 -16.91 -19.92 9.39
C LEU A 862 -17.45 -18.51 9.20
N GLY A 863 -16.56 -17.51 9.18
CA GLY A 863 -17.00 -16.15 8.96
C GLY A 863 -17.57 -15.93 7.57
N ALA A 864 -16.95 -16.57 6.57
CA ALA A 864 -17.50 -16.51 5.22
C ALA A 864 -18.87 -17.16 5.15
N GLY A 865 -19.07 -18.25 5.88
CA GLY A 865 -20.37 -18.89 5.91
C GLY A 865 -21.41 -18.10 6.68
N CYS A 866 -20.99 -17.31 7.66
CA CYS A 866 -21.92 -16.58 8.50
C CYS A 866 -22.20 -15.16 8.01
N PHE A 867 -21.18 -14.42 7.63
CA PHE A 867 -21.39 -13.06 7.24
C PHE A 867 -21.25 -12.93 5.75
N VAL A 868 -22.34 -12.61 5.08
CA VAL A 868 -22.36 -12.46 3.63
C VAL A 868 -22.52 -11.00 3.23
N ASP A 869 -22.32 -10.69 1.96
CA ASP A 869 -22.43 -9.31 1.48
C ASP A 869 -23.85 -8.83 1.25
N ASP A 870 -24.69 -9.65 0.67
CA ASP A 870 -26.05 -9.23 0.35
C ASP A 870 -27.10 -10.09 1.02
N ILE A 871 -28.36 -9.68 0.94
CA ILE A 871 -29.42 -10.40 1.63
C ILE A 871 -29.92 -11.58 0.85
N VAL A 872 -29.66 -11.61 -0.45
CA VAL A 872 -30.06 -12.79 -1.27
C VAL A 872 -29.19 -13.95 -0.83
N LYS A 873 -27.97 -13.67 -0.37
CA LYS A 873 -27.03 -14.75 0.02
C LYS A 873 -27.41 -15.31 1.38
N THR A 874 -28.21 -14.58 2.15
CA THR A 874 -28.68 -15.08 3.47
C THR A 874 -29.62 -16.26 3.21
N ASP A 875 -30.39 -16.21 2.13
CA ASP A 875 -31.28 -17.36 1.76
C ASP A 875 -30.37 -18.49 1.29
N GLY A 876 -30.18 -19.52 2.12
CA GLY A 876 -29.27 -20.57 1.76
C GLY A 876 -29.75 -21.46 0.66
N THR A 877 -31.06 -21.65 0.54
CA THR A 877 -31.58 -22.57 -0.47
C THR A 877 -31.26 -22.07 -1.85
N LEU A 878 -31.18 -20.77 -2.02
CA LEU A 878 -30.90 -20.19 -3.32
C LEU A 878 -29.45 -20.41 -3.69
N MET A 879 -28.64 -20.80 -2.71
CA MET A 879 -27.23 -21.03 -2.95
C MET A 879 -26.70 -22.27 -2.23
N ILE A 880 -26.89 -23.46 -2.78
CA ILE A 880 -26.28 -24.66 -2.19
C ILE A 880 -24.92 -24.39 -2.72
N GLU A 881 -24.84 -23.85 -3.94
CA GLU A 881 -23.56 -23.36 -4.41
C GLU A 881 -23.04 -22.29 -3.45
N ARG A 882 -21.73 -22.06 -3.52
CA ARG A 882 -20.92 -21.24 -2.62
C ARG A 882 -20.68 -21.96 -1.30
N PHE A 883 -21.52 -22.95 -0.99
CA PHE A 883 -21.24 -23.80 0.16
C PHE A 883 -20.45 -25.03 -0.24
N VAL A 884 -20.72 -25.58 -1.42
CA VAL A 884 -19.80 -26.53 -2.03
C VAL A 884 -18.43 -25.88 -2.21
N SER A 885 -18.41 -24.62 -2.63
CA SER A 885 -17.16 -23.89 -2.82
C SER A 885 -16.43 -23.62 -1.51
N LEU A 886 -17.15 -23.29 -0.43
CA LEU A 886 -16.49 -23.13 0.86
C LEU A 886 -16.01 -24.45 1.44
N ALA A 887 -16.74 -25.54 1.19
CA ALA A 887 -16.30 -26.86 1.65
C ALA A 887 -15.14 -27.40 0.84
N ILE A 888 -15.00 -26.99 -0.42
CA ILE A 888 -13.84 -27.39 -1.22
C ILE A 888 -12.56 -26.88 -0.58
N ASP A 889 -12.56 -25.61 -0.17
CA ASP A 889 -11.39 -25.02 0.48
C ASP A 889 -11.20 -25.52 1.90
N ALA A 890 -12.26 -26.04 2.53
CA ALA A 890 -12.19 -26.48 3.92
C ALA A 890 -12.03 -27.98 4.06
N TYR A 891 -11.84 -28.70 2.95
CA TYR A 891 -11.65 -30.15 3.05
C TYR A 891 -10.39 -30.55 3.81
N PRO A 892 -9.20 -29.96 3.55
CA PRO A 892 -7.99 -30.46 4.23
C PRO A 892 -8.04 -30.34 5.74
N LEU A 893 -8.95 -29.54 6.29
CA LEU A 893 -9.11 -29.47 7.73
C LEU A 893 -9.60 -30.78 8.33
N THR A 894 -10.23 -31.64 7.53
CA THR A 894 -10.76 -32.90 8.04
C THR A 894 -9.67 -33.85 8.50
N LYS A 895 -8.43 -33.64 8.06
CA LYS A 895 -7.30 -34.47 8.48
C LYS A 895 -6.47 -33.81 9.57
N HIS A 896 -6.87 -32.63 10.03
CA HIS A 896 -6.14 -31.95 11.09
C HIS A 896 -6.31 -32.72 12.40
N PRO A 897 -5.26 -32.80 13.23
CA PRO A 897 -5.40 -33.48 14.52
C PRO A 897 -6.46 -32.86 15.43
N ASN A 898 -6.67 -31.55 15.35
CA ASN A 898 -7.67 -30.91 16.17
C ASN A 898 -9.07 -31.32 15.73
N GLN A 899 -9.90 -31.73 16.69
CA GLN A 899 -11.24 -32.18 16.37
C GLN A 899 -12.13 -31.02 15.93
N GLU A 900 -12.01 -29.87 16.59
CA GLU A 900 -12.80 -28.71 16.19
C GLU A 900 -12.41 -28.23 14.80
N TYR A 901 -11.13 -28.35 14.44
CA TYR A 901 -10.71 -28.02 13.08
C TYR A 901 -11.29 -29.00 12.06
N ALA A 902 -11.38 -30.28 12.44
CA ALA A 902 -11.88 -31.29 11.52
C ALA A 902 -13.40 -31.28 11.39
N ASP A 903 -14.12 -30.71 12.36
CA ASP A 903 -15.57 -30.76 12.36
C ASP A 903 -16.21 -29.73 11.44
N VAL A 904 -15.48 -28.71 10.99
CA VAL A 904 -16.08 -27.68 10.15
C VAL A 904 -16.49 -28.25 8.79
N PHE A 905 -15.68 -29.18 8.26
CA PHE A 905 -16.01 -29.80 6.98
C PHE A 905 -17.31 -30.61 7.09
N HIS A 906 -17.44 -31.39 8.15
CA HIS A 906 -18.68 -32.14 8.36
C HIS A 906 -19.86 -31.20 8.57
N LEU A 907 -19.64 -30.09 9.28
CA LEU A 907 -20.68 -29.10 9.45
C LEU A 907 -21.15 -28.56 8.10
N TYR A 908 -20.20 -28.24 7.22
CA TYR A 908 -20.57 -27.70 5.92
C TYR A 908 -21.31 -28.74 5.08
N LEU A 909 -20.86 -30.00 5.15
CA LEU A 909 -21.56 -31.05 4.40
C LEU A 909 -22.99 -31.24 4.90
N GLN A 910 -23.17 -31.26 6.22
CA GLN A 910 -24.51 -31.40 6.77
C GLN A 910 -25.38 -30.20 6.42
N TYR A 911 -24.81 -29.00 6.41
CA TYR A 911 -25.58 -27.83 6.03
C TYR A 911 -25.97 -27.87 4.57
N ILE A 912 -25.08 -28.37 3.70
CA ILE A 912 -25.41 -28.52 2.29
C ILE A 912 -26.56 -29.51 2.12
N ARG A 913 -26.50 -30.63 2.83
CA ARG A 913 -27.60 -31.59 2.77
C ARG A 913 -28.91 -30.98 3.25
N LYS A 914 -28.86 -30.22 4.34
CA LYS A 914 -30.06 -29.55 4.86
C LYS A 914 -30.60 -28.55 3.86
N LEU A 915 -29.72 -27.78 3.22
CA LEU A 915 -30.15 -26.81 2.22
C LEU A 915 -30.85 -27.52 1.06
N HIS A 916 -30.26 -28.63 0.59
CA HIS A 916 -30.88 -29.36 -0.51
C HIS A 916 -32.25 -29.92 -0.12
N ASP A 917 -32.35 -30.49 1.09
CA ASP A 917 -33.63 -31.08 1.48
C ASP A 917 -34.70 -30.02 1.69
N GLU A 918 -34.33 -28.85 2.23
CA GLU A 918 -35.33 -27.80 2.40
C GLU A 918 -35.68 -27.14 1.06
N LEU A 919 -34.75 -27.13 0.09
CA LEU A 919 -35.13 -26.72 -1.26
C LEU A 919 -36.13 -27.68 -1.86
N THR A 920 -35.92 -28.99 -1.66
CA THR A 920 -36.90 -29.96 -2.16
C THR A 920 -38.25 -29.76 -1.48
N GLY A 921 -38.24 -29.50 -0.18
CA GLY A 921 -39.50 -29.20 0.52
C GLY A 921 -40.19 -27.96 -0.04
N HIS A 922 -39.42 -26.92 -0.34
CA HIS A 922 -40.00 -25.72 -0.93
C HIS A 922 -40.60 -26.00 -2.30
N MET A 923 -39.90 -26.80 -3.12
CA MET A 923 -40.42 -27.18 -4.42
C MET A 923 -41.68 -28.04 -4.33
N LEU A 924 -41.78 -28.93 -3.35
CA LEU A 924 -43.03 -29.65 -3.11
C LEU A 924 -44.15 -28.75 -2.61
N ASP A 925 -43.80 -27.70 -1.86
CA ASP A 925 -44.84 -26.79 -1.36
C ASP A 925 -45.28 -25.81 -2.45
N MET A 926 -44.32 -25.18 -3.13
CA MET A 926 -44.67 -24.19 -4.15
C MET A 926 -45.17 -24.87 -5.43
N TYR A 927 -44.51 -25.95 -5.83
CA TYR A 927 -44.81 -26.64 -7.08
C TYR A 927 -45.21 -28.08 -6.80
N SER A 928 -45.44 -28.86 -7.83
CA SER A 928 -45.83 -30.23 -7.60
C SER A 928 -44.67 -31.00 -8.10
N VAL A 929 -44.05 -30.47 -9.14
CA VAL A 929 -42.96 -31.19 -9.74
C VAL A 929 -41.73 -31.00 -8.89
N MET A 930 -41.04 -32.09 -8.61
CA MET A 930 -39.80 -31.98 -7.86
C MET A 930 -38.69 -31.57 -8.80
N LEU A 931 -37.57 -32.28 -8.74
CA LEU A 931 -36.46 -31.97 -9.61
C LEU A 931 -35.83 -33.27 -9.99
N THR A 932 -35.41 -33.40 -11.25
CA THR A 932 -34.67 -34.60 -11.62
C THR A 932 -33.26 -34.34 -11.14
N ASN A 933 -32.93 -34.78 -9.93
CA ASN A 933 -31.63 -34.47 -9.37
C ASN A 933 -30.63 -35.61 -9.37
N ASP A 934 -30.41 -36.24 -8.21
CA ASP A 934 -29.43 -37.34 -8.06
C ASP A 934 -28.01 -36.99 -8.47
N ASN A 935 -27.69 -35.70 -8.52
CA ASN A 935 -26.36 -35.26 -8.84
C ASN A 935 -26.16 -34.18 -7.85
N THR A 936 -26.77 -34.35 -6.70
CA THR A 936 -26.65 -33.36 -5.67
C THR A 936 -26.08 -34.07 -4.48
N SER A 937 -26.05 -35.38 -4.54
CA SER A 937 -25.58 -36.15 -3.40
C SER A 937 -24.10 -36.15 -3.30
N ARG A 938 -23.45 -35.90 -4.42
CA ARG A 938 -22.01 -35.85 -4.42
C ARG A 938 -21.60 -34.67 -3.63
N TYR A 939 -22.52 -33.77 -3.37
CA TYR A 939 -22.12 -32.50 -2.76
C TYR A 939 -22.06 -32.56 -1.24
N TRP A 940 -22.61 -33.60 -0.62
CA TRP A 940 -22.45 -33.82 0.81
C TRP A 940 -21.74 -35.14 1.11
N GLU A 941 -20.99 -35.66 0.15
CA GLU A 941 -20.14 -36.82 0.31
C GLU A 941 -18.67 -36.42 0.28
N PRO A 942 -17.83 -36.97 1.16
CA PRO A 942 -16.43 -36.56 1.20
C PRO A 942 -15.65 -36.90 -0.06
N GLU A 943 -16.13 -37.83 -0.89
CA GLU A 943 -15.35 -38.27 -2.04
C GLU A 943 -15.21 -37.18 -3.10
N PHE A 944 -16.24 -36.35 -3.27
CA PHE A 944 -16.17 -35.30 -4.28
C PHE A 944 -15.08 -34.28 -3.97
N TYR A 945 -14.94 -33.92 -2.70
CA TYR A 945 -13.94 -32.94 -2.30
C TYR A 945 -12.56 -33.55 -2.11
N GLU A 946 -12.49 -34.83 -1.77
CA GLU A 946 -11.20 -35.50 -1.65
C GLU A 946 -10.49 -35.60 -2.99
N ALA A 947 -11.25 -35.80 -4.07
CA ALA A 947 -10.69 -35.98 -5.39
C ALA A 947 -10.02 -34.71 -5.93
N MET A 948 -10.22 -33.57 -5.30
CA MET A 948 -9.63 -32.32 -5.76
C MET A 948 -8.26 -32.05 -5.14
N TYR A 949 -7.75 -32.95 -4.32
CA TYR A 949 -6.40 -32.84 -3.78
C TYR A 949 -5.53 -34.03 -4.13
N THR A 950 -6.06 -35.02 -4.83
CA THR A 950 -5.28 -36.15 -5.33
C THR A 950 -4.72 -35.80 -6.71
N PRO A 951 -3.40 -35.90 -6.90
CA PRO A 951 -2.81 -35.44 -8.16
C PRO A 951 -3.11 -36.36 -9.33
N HIS A 952 -4.31 -36.23 -9.92
CA HIS A 952 -4.66 -37.00 -11.10
C HIS A 952 -5.37 -36.15 -12.14
N THR A 953 -5.55 -34.86 -11.89
CA THR A 953 -6.22 -33.98 -12.84
C THR A 953 -5.70 -32.55 -12.73
N ASN B 65 -35.63 -46.66 -51.01
CA ASN B 65 -34.27 -46.96 -50.55
C ASN B 65 -33.28 -45.95 -51.08
N VAL B 66 -33.57 -45.40 -52.25
CA VAL B 66 -32.71 -44.40 -52.89
C VAL B 66 -33.25 -42.99 -52.71
N ALA B 67 -34.11 -42.77 -51.71
CA ALA B 67 -34.70 -41.46 -51.44
C ALA B 67 -33.92 -40.68 -50.39
N LYS B 68 -32.60 -40.90 -50.29
CA LYS B 68 -31.81 -40.22 -49.27
C LYS B 68 -31.82 -38.71 -49.48
N SER B 69 -31.73 -38.26 -50.73
CA SER B 69 -31.69 -36.83 -51.01
C SER B 69 -32.98 -36.13 -50.59
N GLU B 70 -34.08 -36.86 -50.44
CA GLU B 70 -35.35 -36.25 -50.07
C GLU B 70 -35.42 -35.87 -48.59
N PHE B 71 -34.56 -36.44 -47.75
CA PHE B 71 -34.54 -36.09 -46.34
C PHE B 71 -33.15 -35.82 -45.78
N ASP B 72 -32.08 -36.13 -46.51
CA ASP B 72 -30.73 -35.81 -46.07
C ASP B 72 -30.18 -34.53 -46.69
N ARG B 73 -30.70 -34.12 -47.84
CA ARG B 73 -30.31 -32.86 -48.47
C ARG B 73 -31.48 -31.91 -48.67
N ASP B 74 -32.70 -32.41 -48.86
CA ASP B 74 -33.87 -31.55 -48.98
C ASP B 74 -34.45 -31.14 -47.63
N ALA B 75 -33.97 -31.73 -46.53
CA ALA B 75 -34.44 -31.39 -45.20
C ALA B 75 -33.33 -31.17 -44.19
N ALA B 76 -32.10 -31.57 -44.49
CA ALA B 76 -30.97 -31.39 -43.57
C ALA B 76 -29.93 -30.44 -44.13
N MET B 77 -29.45 -30.69 -45.35
CA MET B 77 -28.50 -29.76 -45.97
C MET B 77 -29.12 -28.40 -46.23
N GLN B 78 -30.40 -28.37 -46.63
CA GLN B 78 -31.10 -27.11 -46.79
C GLN B 78 -31.35 -26.40 -45.45
N ARG B 79 -31.12 -27.08 -44.33
CA ARG B 79 -31.19 -26.47 -43.02
C ARG B 79 -29.82 -26.10 -42.47
N LYS B 80 -28.75 -26.70 -42.99
CA LYS B 80 -27.42 -26.43 -42.48
C LYS B 80 -26.98 -24.99 -42.74
N LEU B 81 -27.26 -24.47 -43.93
CA LEU B 81 -26.87 -23.09 -44.23
C LEU B 81 -27.68 -22.09 -43.40
N GLU B 82 -28.89 -22.49 -42.98
CA GLU B 82 -29.73 -21.60 -42.18
C GLU B 82 -29.07 -21.27 -40.84
N LYS B 83 -28.32 -22.21 -40.26
CA LYS B 83 -27.74 -21.99 -38.95
C LYS B 83 -26.73 -20.85 -38.95
N MET B 84 -25.73 -20.91 -39.84
CA MET B 84 -24.78 -19.82 -39.86
C MET B 84 -25.33 -18.59 -40.55
N ALA B 85 -26.34 -18.72 -41.42
CA ALA B 85 -27.04 -17.52 -41.88
C ALA B 85 -27.68 -16.78 -40.73
N ASP B 86 -28.34 -17.51 -39.83
CA ASP B 86 -28.98 -16.89 -38.67
C ASP B 86 -27.95 -16.29 -37.72
N GLN B 87 -26.83 -16.99 -37.48
CA GLN B 87 -25.84 -16.40 -36.58
C GLN B 87 -25.17 -15.19 -37.21
N ALA B 88 -25.03 -15.17 -38.54
CA ALA B 88 -24.55 -13.96 -39.21
C ALA B 88 -25.53 -12.81 -39.06
N MET B 89 -26.84 -13.11 -39.15
CA MET B 89 -27.85 -12.08 -38.90
C MET B 89 -27.74 -11.54 -37.48
N THR B 90 -27.57 -12.43 -36.50
CA THR B 90 -27.40 -11.98 -35.13
C THR B 90 -26.12 -11.16 -34.96
N GLN B 91 -25.05 -11.57 -35.63
CA GLN B 91 -23.79 -10.85 -35.57
C GLN B 91 -23.93 -9.45 -36.16
N MET B 92 -24.64 -9.31 -37.29
CA MET B 92 -24.78 -7.99 -37.87
C MET B 92 -25.71 -7.10 -37.03
N TYR B 93 -26.73 -7.69 -36.41
CA TYR B 93 -27.55 -6.90 -35.47
C TYR B 93 -26.72 -6.42 -34.30
N LYS B 94 -25.88 -7.29 -33.74
CA LYS B 94 -25.04 -6.89 -32.61
C LYS B 94 -24.00 -5.86 -33.04
N GLN B 95 -23.52 -5.95 -34.28
CA GLN B 95 -22.59 -4.95 -34.80
C GLN B 95 -23.28 -3.59 -34.95
N ALA B 96 -24.53 -3.59 -35.41
CA ALA B 96 -25.28 -2.34 -35.48
C ALA B 96 -25.49 -1.75 -34.09
N ARG B 97 -25.80 -2.59 -33.11
CA ARG B 97 -25.93 -2.11 -31.74
C ARG B 97 -24.62 -1.54 -31.21
N SER B 98 -23.50 -2.21 -31.51
CA SER B 98 -22.20 -1.70 -31.10
C SER B 98 -21.89 -0.36 -31.76
N GLU B 99 -22.24 -0.21 -33.04
CA GLU B 99 -22.04 1.07 -33.72
C GLU B 99 -22.89 2.17 -33.09
N ASP B 100 -24.13 1.86 -32.73
CA ASP B 100 -24.97 2.85 -32.07
C ASP B 100 -24.39 3.24 -30.72
N LYS B 101 -23.88 2.26 -29.96
CA LYS B 101 -23.24 2.57 -28.68
C LYS B 101 -22.00 3.43 -28.89
N ARG B 102 -21.21 3.15 -29.93
CA ARG B 102 -20.05 3.97 -30.24
C ARG B 102 -20.47 5.40 -30.56
N ALA B 103 -21.52 5.57 -31.36
CA ALA B 103 -21.98 6.91 -31.69
C ALA B 103 -22.45 7.66 -30.46
N LYS B 104 -23.22 6.99 -29.58
CA LYS B 104 -23.72 7.68 -28.39
C LYS B 104 -22.61 8.02 -27.41
N VAL B 105 -21.63 7.14 -27.21
CA VAL B 105 -20.52 7.48 -26.33
C VAL B 105 -19.63 8.56 -26.95
N THR B 106 -19.47 8.58 -28.26
CA THR B 106 -18.74 9.67 -28.91
C THR B 106 -19.44 11.00 -28.67
N SER B 107 -20.76 11.03 -28.85
CA SER B 107 -21.52 12.26 -28.62
C SER B 107 -21.55 12.66 -27.15
N ALA B 108 -21.44 11.70 -26.23
CA ALA B 108 -21.36 12.01 -24.81
C ALA B 108 -20.00 12.58 -24.41
N MET B 109 -18.90 11.98 -24.87
CA MET B 109 -17.59 12.52 -24.54
C MET B 109 -17.35 13.87 -25.21
N GLN B 110 -17.81 14.03 -26.44
CA GLN B 110 -17.69 15.32 -27.10
C GLN B 110 -18.48 16.39 -26.37
N THR B 111 -19.69 16.06 -25.93
CA THR B 111 -20.49 17.01 -25.16
C THR B 111 -19.83 17.35 -23.83
N MET B 112 -19.24 16.35 -23.16
CA MET B 112 -18.51 16.59 -21.92
C MET B 112 -17.35 17.55 -22.13
N LEU B 113 -16.54 17.30 -23.17
CA LEU B 113 -15.39 18.16 -23.43
C LEU B 113 -15.82 19.57 -23.82
N PHE B 114 -16.87 19.70 -24.63
CA PHE B 114 -17.35 21.00 -25.03
C PHE B 114 -18.13 21.71 -23.93
N THR B 115 -18.55 20.99 -22.90
CA THR B 115 -19.25 21.58 -21.76
C THR B 115 -18.28 22.13 -20.73
N MET B 116 -17.24 21.37 -20.37
CA MET B 116 -16.32 21.90 -19.38
C MET B 116 -15.17 22.72 -19.98
N LEU B 117 -15.36 23.33 -21.15
CA LEU B 117 -14.46 24.40 -21.57
C LEU B 117 -15.04 25.78 -21.33
N ARG B 118 -16.37 25.89 -21.18
CA ARG B 118 -16.98 27.18 -20.86
C ARG B 118 -16.66 27.61 -19.43
N LYS B 119 -16.37 26.64 -18.55
CA LYS B 119 -15.99 26.94 -17.18
C LYS B 119 -14.52 27.26 -17.03
N LEU B 120 -13.75 27.22 -18.13
CA LEU B 120 -12.31 27.42 -18.04
C LEU B 120 -11.94 28.84 -17.63
N ASP B 121 -12.86 29.80 -17.72
CA ASP B 121 -12.59 31.20 -17.41
C ASP B 121 -11.43 31.72 -18.27
N ASN B 122 -11.69 31.78 -19.57
CA ASN B 122 -10.64 32.08 -20.54
C ASN B 122 -10.30 33.57 -20.55
N ASP B 123 -10.00 34.11 -19.38
CA ASP B 123 -9.43 35.45 -19.27
C ASP B 123 -8.25 35.53 -18.30
N ALA B 124 -8.14 34.62 -17.33
CA ALA B 124 -6.98 34.52 -16.46
C ALA B 124 -6.12 33.30 -16.78
N LEU B 125 -6.62 32.39 -17.61
CA LEU B 125 -5.84 31.26 -18.09
C LEU B 125 -5.03 31.62 -19.33
N ASN B 126 -5.60 32.43 -20.22
CA ASN B 126 -4.84 33.00 -21.32
C ASN B 126 -3.80 34.00 -20.86
N ASN B 127 -3.94 34.54 -19.64
CA ASN B 127 -2.96 35.46 -19.10
C ASN B 127 -1.78 34.75 -18.44
N ILE B 128 -1.90 33.45 -18.17
CA ILE B 128 -0.81 32.68 -17.62
C ILE B 128 -0.17 31.74 -18.65
N ILE B 129 -0.94 31.26 -19.63
CA ILE B 129 -0.33 30.47 -20.69
C ILE B 129 0.52 31.35 -21.60
N ASN B 130 0.03 32.55 -21.91
CA ASN B 130 0.80 33.48 -22.72
C ASN B 130 2.09 33.90 -22.02
N ASN B 131 2.06 33.99 -20.69
CA ASN B 131 3.26 34.35 -19.94
C ASN B 131 4.32 33.26 -19.99
N ALA B 132 3.93 32.03 -20.29
CA ALA B 132 4.90 30.94 -20.40
C ALA B 132 5.79 31.12 -21.61
N ARG B 133 7.05 30.71 -21.47
CA ARG B 133 8.00 30.87 -22.56
C ARG B 133 7.68 29.93 -23.71
N ASP B 134 7.66 28.63 -23.45
CA ASP B 134 7.37 27.63 -24.47
C ASP B 134 5.88 27.45 -24.71
N GLY B 135 5.02 28.00 -23.85
CA GLY B 135 3.59 27.80 -23.94
C GLY B 135 3.06 26.70 -23.06
N CYS B 136 3.92 25.92 -22.42
CA CYS B 136 3.52 24.85 -21.53
C CYS B 136 3.66 25.29 -20.08
N VAL B 137 2.66 24.97 -19.27
CA VAL B 137 2.69 25.24 -17.83
C VAL B 137 2.30 23.96 -17.10
N PRO B 138 2.77 23.75 -15.88
CA PRO B 138 2.31 22.58 -15.11
C PRO B 138 0.81 22.63 -14.88
N LEU B 139 0.19 21.45 -14.87
CA LEU B 139 -1.24 21.38 -14.63
C LEU B 139 -1.59 21.74 -13.19
N ASN B 140 -0.68 21.47 -12.25
CA ASN B 140 -0.97 21.68 -10.84
C ASN B 140 -1.09 23.14 -10.45
N ILE B 141 -0.71 24.09 -11.32
CA ILE B 141 -0.84 25.50 -11.02
C ILE B 141 -2.04 26.15 -11.69
N ILE B 142 -2.72 25.43 -12.58
CA ILE B 142 -3.91 25.99 -13.22
C ILE B 142 -5.02 26.27 -12.21
N PRO B 143 -5.40 25.34 -11.32
CA PRO B 143 -6.39 25.72 -10.30
C PRO B 143 -5.89 26.77 -9.33
N LEU B 144 -4.59 26.75 -9.01
CA LEU B 144 -4.06 27.70 -8.03
C LEU B 144 -4.11 29.14 -8.56
N THR B 145 -4.09 29.32 -9.87
CA THR B 145 -3.98 30.64 -10.46
C THR B 145 -5.24 31.12 -11.18
N THR B 146 -6.05 30.19 -11.70
CA THR B 146 -7.20 30.57 -12.52
C THR B 146 -8.55 30.25 -11.89
N ALA B 147 -8.62 29.31 -10.95
CA ALA B 147 -9.90 28.94 -10.37
C ALA B 147 -10.46 30.08 -9.53
N ALA B 148 -11.74 30.36 -9.70
CA ALA B 148 -12.43 31.42 -8.96
C ALA B 148 -13.13 30.92 -7.72
N LYS B 149 -13.08 29.62 -7.43
CA LYS B 149 -13.72 29.05 -6.26
C LYS B 149 -12.73 28.16 -5.53
N LEU B 150 -12.75 28.22 -4.21
CA LEU B 150 -11.88 27.41 -3.37
C LEU B 150 -12.73 26.61 -2.38
N MET B 151 -12.42 25.31 -2.27
CA MET B 151 -13.07 24.42 -1.32
C MET B 151 -12.02 23.94 -0.33
N VAL B 152 -12.28 24.18 0.96
CA VAL B 152 -11.36 23.81 2.02
C VAL B 152 -12.07 22.82 2.93
N VAL B 153 -11.45 21.67 3.16
CA VAL B 153 -11.99 20.64 4.04
C VAL B 153 -11.21 20.66 5.34
N ILE B 154 -11.91 20.91 6.44
CA ILE B 154 -11.30 21.13 7.75
C ILE B 154 -11.64 19.94 8.64
N PRO B 155 -10.64 19.22 9.15
CA PRO B 155 -10.94 18.05 9.99
C PRO B 155 -11.13 18.37 11.47
N ASP B 156 -10.60 19.49 11.94
CA ASP B 156 -10.66 19.84 13.34
C ASP B 156 -10.66 21.35 13.50
N TYR B 157 -11.16 21.81 14.65
CA TYR B 157 -11.29 23.24 14.88
C TYR B 157 -9.95 23.96 14.89
N ASN B 158 -8.88 23.27 15.29
CA ASN B 158 -7.56 23.87 15.24
C ASN B 158 -7.15 24.20 13.81
N THR B 159 -7.46 23.31 12.87
CA THR B 159 -7.18 23.59 11.47
C THR B 159 -7.98 24.79 10.97
N TYR B 160 -9.24 24.91 11.39
CA TYR B 160 -10.04 26.05 11.00
C TYR B 160 -9.47 27.34 11.58
N LYS B 161 -8.99 27.29 12.82
CA LYS B 161 -8.37 28.46 13.42
C LYS B 161 -7.09 28.85 12.67
N ASN B 162 -6.30 27.85 12.27
CA ASN B 162 -5.03 28.14 11.61
C ASN B 162 -5.20 28.38 10.11
N THR B 163 -5.81 27.43 9.40
CA THR B 163 -5.88 27.48 7.95
C THR B 163 -7.11 28.20 7.42
N CYS B 164 -7.95 28.74 8.30
CA CYS B 164 -9.11 29.52 7.88
C CYS B 164 -9.25 30.72 8.80
N ASP B 165 -10.22 31.57 8.49
CA ASP B 165 -10.44 32.81 9.22
C ASP B 165 -11.93 33.13 9.14
N GLY B 166 -12.28 34.39 9.38
CA GLY B 166 -13.66 34.82 9.28
C GLY B 166 -14.07 35.02 7.84
N THR B 167 -14.65 36.15 7.48
CA THR B 167 -15.12 36.25 6.11
C THR B 167 -14.03 36.25 5.06
N THR B 168 -12.76 36.32 5.44
CA THR B 168 -11.69 36.39 4.44
C THR B 168 -10.41 35.77 4.91
N PHE B 169 -9.84 34.88 4.11
CA PHE B 169 -8.55 34.30 4.45
C PHE B 169 -7.65 34.37 3.23
N THR B 170 -6.44 33.82 3.31
CA THR B 170 -5.51 33.87 2.19
C THR B 170 -4.75 32.57 1.95
N TYR B 171 -4.99 31.93 0.80
CA TYR B 171 -4.29 30.70 0.47
C TYR B 171 -3.79 30.88 -0.93
N ALA B 172 -2.55 30.45 -1.23
CA ALA B 172 -1.96 30.58 -2.55
C ALA B 172 -2.09 31.99 -2.99
N SER B 173 -1.36 32.90 -2.36
CA SER B 173 -1.51 34.33 -2.61
C SER B 173 -2.98 34.63 -2.41
N ALA B 174 -3.62 35.32 -3.33
CA ALA B 174 -5.06 35.57 -3.26
C ALA B 174 -5.69 36.12 -1.99
N LEU B 175 -7.01 36.15 -1.98
CA LEU B 175 -7.72 36.64 -0.83
C LEU B 175 -9.03 35.98 -1.03
N TRP B 176 -9.34 35.01 -0.21
CA TRP B 176 -10.53 34.25 -0.42
C TRP B 176 -11.69 34.64 0.45
N GLU B 177 -12.62 35.39 -0.09
CA GLU B 177 -13.79 35.78 0.66
C GLU B 177 -14.73 34.62 0.82
N ILE B 178 -14.96 34.17 2.03
CA ILE B 178 -15.79 33.00 2.29
C ILE B 178 -17.25 33.33 1.97
N GLN B 179 -17.88 32.45 1.20
CA GLN B 179 -19.28 32.62 0.83
C GLN B 179 -20.22 31.73 1.62
N GLN B 180 -19.78 30.55 2.04
CA GLN B 180 -20.61 29.64 2.83
C GLN B 180 -19.74 28.56 3.43
N VAL B 181 -20.19 28.02 4.56
CA VAL B 181 -19.54 26.90 5.24
C VAL B 181 -20.57 25.81 5.45
N VAL B 182 -20.19 24.57 5.15
CA VAL B 182 -21.11 23.45 5.22
C VAL B 182 -20.40 22.27 5.87
N ASP B 183 -21.17 21.36 6.46
CA ASP B 183 -20.65 20.25 7.23
C ASP B 183 -20.70 18.94 6.44
N ALA B 184 -20.37 17.84 7.10
CA ALA B 184 -20.44 16.52 6.46
C ALA B 184 -21.88 16.16 6.10
N ASP B 185 -22.84 16.51 6.95
CA ASP B 185 -24.24 16.33 6.63
C ASP B 185 -24.68 17.20 5.47
N SER B 186 -23.86 18.18 5.08
CA SER B 186 -24.07 19.01 3.89
C SER B 186 -25.36 19.83 3.97
N LYS B 187 -25.87 20.07 5.18
CA LYS B 187 -27.06 20.92 5.30
C LYS B 187 -26.70 22.41 5.32
N ILE B 188 -26.04 22.87 6.38
CA ILE B 188 -25.53 24.24 6.50
C ILE B 188 -24.66 24.33 7.74
N VAL B 189 -23.72 25.27 7.75
CA VAL B 189 -23.01 25.67 8.97
C VAL B 189 -22.91 27.19 8.97
N GLN B 190 -23.40 27.81 10.04
CA GLN B 190 -23.27 29.25 10.17
C GLN B 190 -21.85 29.63 10.57
N LEU B 191 -21.45 30.84 10.18
CA LEU B 191 -20.11 31.32 10.51
C LEU B 191 -19.94 31.67 11.99
N SER B 192 -21.04 31.89 12.71
CA SER B 192 -20.98 32.19 14.13
C SER B 192 -21.06 30.94 15.01
N GLU B 193 -21.31 29.78 14.42
CA GLU B 193 -21.42 28.54 15.18
C GLU B 193 -20.11 27.78 15.28
N ILE B 194 -19.06 28.25 14.63
CA ILE B 194 -17.77 27.56 14.61
C ILE B 194 -16.92 28.20 15.70
N SER B 195 -16.98 27.64 16.90
CA SER B 195 -16.21 28.12 18.04
C SER B 195 -15.73 26.92 18.85
N MET B 196 -14.79 27.19 19.75
CA MET B 196 -14.27 26.13 20.60
C MET B 196 -15.36 25.51 21.47
N ASP B 197 -16.28 26.34 21.97
CA ASP B 197 -17.37 25.81 22.80
C ASP B 197 -18.34 24.97 21.98
N ASN B 198 -18.65 25.40 20.77
CA ASN B 198 -19.62 24.72 19.92
C ASN B 198 -19.00 23.71 18.97
N SER B 199 -17.68 23.53 19.03
CA SER B 199 -17.03 22.58 18.14
C SER B 199 -17.51 21.14 18.32
N PRO B 200 -17.62 20.59 19.54
CA PRO B 200 -18.10 19.20 19.67
C PRO B 200 -19.50 18.98 19.13
N ASN B 201 -20.34 20.01 19.09
CA ASN B 201 -21.72 19.89 18.61
C ASN B 201 -21.82 20.00 17.09
N LEU B 202 -20.71 19.91 16.38
CA LEU B 202 -20.70 20.02 14.93
C LEU B 202 -20.01 18.79 14.33
N ALA B 203 -20.54 18.30 13.23
CA ALA B 203 -19.83 17.32 12.42
C ALA B 203 -18.62 18.02 11.80
N TRP B 204 -17.45 17.40 11.93
CA TRP B 204 -16.26 18.21 11.64
C TRP B 204 -15.37 17.69 10.51
N PRO B 205 -15.93 17.19 9.40
CA PRO B 205 -15.22 17.35 8.12
C PRO B 205 -15.71 18.60 7.39
N LEU B 206 -15.63 19.77 8.05
CA LEU B 206 -16.27 20.96 7.52
C LEU B 206 -15.73 21.33 6.15
N ILE B 207 -16.64 21.66 5.23
CA ILE B 207 -16.28 22.11 3.89
C ILE B 207 -16.54 23.61 3.83
N VAL B 208 -15.49 24.38 3.54
CA VAL B 208 -15.58 25.83 3.42
C VAL B 208 -15.43 26.19 1.95
N THR B 209 -16.41 26.93 1.42
CA THR B 209 -16.40 27.38 0.04
C THR B 209 -16.16 28.88 0.02
N ALA B 210 -15.11 29.29 -0.69
CA ALA B 210 -14.72 30.69 -0.75
C ALA B 210 -14.50 31.11 -2.20
N LEU B 211 -14.69 32.39 -2.47
CA LEU B 211 -14.50 32.97 -3.79
C LEU B 211 -13.33 33.93 -3.77
N ARG B 212 -12.53 33.90 -4.85
CA ARG B 212 -11.43 34.85 -4.99
C ARG B 212 -11.97 36.27 -5.01
N ALA B 213 -11.39 37.14 -4.20
CA ALA B 213 -11.81 38.53 -4.09
C ALA B 213 -10.84 39.41 -4.85
N ASN B 214 -11.33 40.07 -5.89
CA ASN B 214 -10.51 40.98 -6.69
C ASN B 214 -11.35 42.16 -7.19
N LYS C 3 -21.64 -14.44 25.95
CA LYS C 3 -21.07 -15.22 24.86
C LYS C 3 -20.77 -14.32 23.65
N MET C 4 -19.52 -14.37 23.17
CA MET C 4 -19.13 -13.53 22.06
C MET C 4 -19.83 -13.93 20.77
N SER C 5 -20.08 -15.23 20.58
CA SER C 5 -20.77 -15.66 19.38
C SER C 5 -22.17 -15.07 19.28
N ASP C 6 -22.80 -14.79 20.41
CA ASP C 6 -24.13 -14.20 20.43
C ASP C 6 -24.12 -12.68 20.53
N VAL C 7 -22.97 -12.07 20.75
CA VAL C 7 -22.86 -10.61 20.87
C VAL C 7 -22.30 -9.98 19.60
N LYS C 8 -21.20 -10.53 19.09
CA LYS C 8 -20.58 -9.99 17.88
C LYS C 8 -21.46 -10.19 16.64
N CYS C 9 -22.49 -11.01 16.72
CA CYS C 9 -23.46 -11.17 15.65
C CYS C 9 -24.68 -10.28 15.82
N THR C 10 -25.19 -10.16 17.05
CA THR C 10 -26.31 -9.25 17.27
C THR C 10 -25.89 -7.80 17.12
N SER C 11 -24.62 -7.48 17.37
CA SER C 11 -24.14 -6.13 17.08
C SER C 11 -24.14 -5.85 15.58
N VAL C 12 -23.74 -6.85 14.78
CA VAL C 12 -23.80 -6.72 13.33
C VAL C 12 -25.24 -6.52 12.87
N VAL C 13 -26.16 -7.30 13.45
CA VAL C 13 -27.57 -7.15 13.10
C VAL C 13 -28.08 -5.77 13.47
N LEU C 14 -27.70 -5.28 14.66
CA LEU C 14 -28.14 -3.95 15.09
C LEU C 14 -27.61 -2.86 14.16
N LEU C 15 -26.34 -2.95 13.77
CA LEU C 15 -25.80 -1.94 12.87
C LEU C 15 -26.46 -2.03 11.50
N SER C 16 -26.77 -3.23 11.02
CA SER C 16 -27.49 -3.37 9.76
C SER C 16 -28.86 -2.73 9.84
N VAL C 17 -29.58 -2.94 10.95
CA VAL C 17 -30.89 -2.33 11.12
C VAL C 17 -30.77 -0.81 11.15
N LEU C 18 -29.78 -0.29 11.88
CA LEU C 18 -29.60 1.15 11.95
C LEU C 18 -29.29 1.73 10.58
N GLN C 19 -28.42 1.08 9.80
CA GLN C 19 -28.14 1.54 8.46
C GLN C 19 -29.40 1.47 7.59
N GLN C 20 -30.23 0.46 7.79
CA GLN C 20 -31.46 0.34 7.03
C GLN C 20 -32.42 1.50 7.33
N LEU C 21 -32.49 1.92 8.60
CA LEU C 21 -33.38 3.03 8.96
C LEU C 21 -32.68 4.39 8.92
N ARG C 22 -31.67 4.52 8.06
CA ARG C 22 -31.09 5.82 7.68
C ARG C 22 -30.49 6.54 8.89
N VAL C 23 -29.45 5.94 9.47
CA VAL C 23 -28.61 6.63 10.43
C VAL C 23 -27.38 7.26 9.78
N GLU C 24 -26.98 6.79 8.59
CA GLU C 24 -25.82 7.35 7.92
C GLU C 24 -26.01 8.81 7.53
N SER C 25 -27.25 9.31 7.53
CA SER C 25 -27.48 10.71 7.23
C SER C 25 -26.81 11.61 8.26
N SER C 26 -26.88 11.25 9.54
CA SER C 26 -26.19 11.97 10.59
C SER C 26 -24.80 11.38 10.73
N SER C 27 -23.78 12.15 10.33
CA SER C 27 -22.43 11.62 10.30
C SER C 27 -21.88 11.34 11.69
N LYS C 28 -22.21 12.19 12.68
CA LYS C 28 -21.72 11.97 14.03
C LYS C 28 -22.27 10.69 14.62
N LEU C 29 -23.59 10.48 14.51
CA LEU C 29 -24.21 9.28 15.04
C LEU C 29 -23.69 8.04 14.33
N TRP C 30 -23.54 8.12 13.01
CA TRP C 30 -23.01 6.98 12.26
C TRP C 30 -21.59 6.66 12.69
N ALA C 31 -20.75 7.68 12.87
CA ALA C 31 -19.38 7.44 13.29
C ALA C 31 -19.34 6.81 14.67
N GLN C 32 -20.16 7.30 15.60
CA GLN C 32 -20.18 6.72 16.94
C GLN C 32 -20.64 5.27 16.91
N CYS C 33 -21.73 5.00 16.19
CA CYS C 33 -22.31 3.66 16.17
C CYS C 33 -21.53 2.70 15.26
N VAL C 34 -20.59 3.19 14.46
CA VAL C 34 -19.73 2.30 13.69
C VAL C 34 -18.47 2.04 14.50
N GLN C 35 -18.02 3.02 15.28
CA GLN C 35 -16.90 2.79 16.18
C GLN C 35 -17.28 1.76 17.24
N LEU C 36 -18.48 1.88 17.82
CA LEU C 36 -18.93 0.89 18.79
C LEU C 36 -19.03 -0.49 18.17
N HIS C 37 -19.57 -0.57 16.95
CA HIS C 37 -19.73 -1.86 16.28
C HIS C 37 -18.38 -2.51 16.00
N ASN C 38 -17.41 -1.71 15.52
CA ASN C 38 -16.08 -2.25 15.28
C ASN C 38 -15.40 -2.68 16.57
N ASP C 39 -15.60 -1.92 17.65
CA ASP C 39 -14.99 -2.27 18.92
C ASP C 39 -15.59 -3.55 19.50
N ILE C 40 -16.89 -3.76 19.31
CA ILE C 40 -17.52 -5.00 19.75
C ILE C 40 -16.93 -6.19 19.00
N LEU C 41 -16.75 -6.05 17.69
CA LEU C 41 -16.24 -7.13 16.86
C LEU C 41 -14.80 -7.50 17.20
N LEU C 42 -14.05 -6.62 17.85
CA LEU C 42 -12.67 -6.88 18.24
C LEU C 42 -12.52 -7.09 19.73
N ALA C 43 -13.62 -7.25 20.47
CA ALA C 43 -13.55 -7.36 21.92
C ALA C 43 -12.95 -8.69 22.34
N LYS C 44 -12.41 -8.70 23.57
CA LYS C 44 -11.83 -9.90 24.14
C LYS C 44 -12.41 -10.28 25.50
N ASP C 45 -13.20 -9.42 26.13
CA ASP C 45 -13.88 -9.73 27.38
C ASP C 45 -15.36 -9.40 27.24
N THR C 46 -16.22 -10.36 27.59
CA THR C 46 -17.65 -10.17 27.41
C THR C 46 -18.19 -9.07 28.30
N THR C 47 -17.58 -8.84 29.46
CA THR C 47 -18.04 -7.79 30.36
C THR C 47 -17.92 -6.41 29.72
N GLU C 48 -16.80 -6.15 29.07
CA GLU C 48 -16.59 -4.88 28.37
C GLU C 48 -17.16 -4.87 26.96
N ALA C 49 -17.58 -6.02 26.44
CA ALA C 49 -18.27 -6.08 25.17
C ALA C 49 -19.76 -5.80 25.32
N PHE C 50 -20.37 -6.25 26.42
CA PHE C 50 -21.76 -5.95 26.67
C PHE C 50 -21.98 -4.46 26.92
N GLU C 51 -20.99 -3.78 27.50
CA GLU C 51 -21.10 -2.33 27.69
C GLU C 51 -21.18 -1.61 26.34
N LYS C 52 -20.30 -1.99 25.41
CA LYS C 52 -20.34 -1.38 24.08
C LYS C 52 -21.58 -1.81 23.32
N MET C 53 -22.10 -3.01 23.58
CA MET C 53 -23.37 -3.43 22.99
C MET C 53 -24.50 -2.54 23.49
N VAL C 54 -24.50 -2.23 24.78
CA VAL C 54 -25.49 -1.32 25.35
C VAL C 54 -25.37 0.06 24.72
N SER C 55 -24.13 0.54 24.55
CA SER C 55 -23.92 1.85 23.94
C SER C 55 -24.35 1.87 22.47
N LEU C 56 -24.16 0.75 21.75
CA LEU C 56 -24.64 0.66 20.38
C LEU C 56 -26.16 0.67 20.34
N LEU C 57 -26.80 -0.05 21.26
CA LEU C 57 -28.22 0.15 21.52
C LEU C 57 -28.41 1.54 22.13
N SER C 58 -29.67 1.90 22.35
CA SER C 58 -30.09 3.24 22.79
C SER C 58 -29.80 4.29 21.73
N VAL C 59 -29.26 3.91 20.58
CA VAL C 59 -29.29 4.76 19.40
C VAL C 59 -30.56 4.51 18.60
N LEU C 60 -30.95 3.24 18.49
CA LEU C 60 -32.24 2.90 17.90
C LEU C 60 -33.38 3.20 18.86
N LEU C 61 -33.14 3.05 20.16
CA LEU C 61 -34.21 3.25 21.14
C LEU C 61 -34.42 4.72 21.49
N SER C 62 -33.39 5.54 21.35
CA SER C 62 -33.52 6.96 21.70
C SER C 62 -34.48 7.68 20.76
N MET C 63 -34.38 7.41 19.47
CA MET C 63 -35.22 8.06 18.47
C MET C 63 -36.35 7.12 18.06
N GLN C 64 -37.56 7.67 17.97
CA GLN C 64 -38.75 6.86 17.75
C GLN C 64 -38.96 6.57 16.27
N GLY C 65 -37.97 5.94 15.64
CA GLY C 65 -38.11 5.54 14.25
C GLY C 65 -38.84 4.23 14.10
N ALA C 66 -38.33 3.19 14.76
CA ALA C 66 -38.95 1.87 14.72
C ALA C 66 -39.81 1.66 15.95
N VAL C 67 -41.04 1.19 15.73
CA VAL C 67 -41.95 0.88 16.82
C VAL C 67 -41.43 -0.34 17.57
N ASP C 68 -41.52 -0.31 18.90
CA ASP C 68 -40.89 -1.32 19.74
C ASP C 68 -41.90 -2.27 20.38
N ILE C 69 -43.14 -1.83 20.58
CA ILE C 69 -44.11 -2.62 21.32
C ILE C 69 -44.47 -3.90 20.56
N ASN C 70 -44.58 -3.82 19.23
CA ASN C 70 -44.95 -5.00 18.45
C ASN C 70 -43.78 -5.93 18.16
N LYS C 71 -42.55 -5.42 18.19
CA LYS C 71 -41.39 -6.27 17.96
C LYS C 71 -41.14 -7.25 19.10
N LEU C 72 -41.84 -7.09 20.23
CA LEU C 72 -41.65 -7.92 21.40
C LEU C 72 -42.94 -8.67 21.76
N CYS C 73 -43.72 -9.05 20.75
CA CYS C 73 -44.97 -9.76 21.01
C CYS C 73 -44.72 -11.16 21.56
N GLU C 74 -43.54 -11.72 21.32
CA GLU C 74 -43.21 -13.06 21.81
C GLU C 74 -43.15 -13.11 23.33
N LEU D 60 -34.95 -61.85 -38.94
CA LEU D 60 -35.55 -62.04 -37.63
C LEU D 60 -35.50 -60.75 -36.82
N LYS D 61 -34.62 -59.85 -37.22
CA LYS D 61 -34.47 -58.56 -36.55
C LYS D 61 -35.46 -57.55 -37.15
N LYS D 62 -35.26 -56.27 -36.84
CA LYS D 62 -36.07 -55.16 -37.34
C LYS D 62 -37.51 -55.23 -36.85
N SER D 63 -37.78 -55.98 -35.79
CA SER D 63 -39.08 -55.99 -35.14
C SER D 63 -39.02 -55.35 -33.76
N LEU D 64 -38.15 -55.85 -32.87
CA LEU D 64 -37.81 -55.19 -31.63
C LEU D 64 -36.44 -54.53 -31.69
N ASN D 65 -35.82 -54.48 -32.86
CA ASN D 65 -34.48 -53.95 -33.04
C ASN D 65 -34.51 -52.51 -33.54
N VAL D 66 -35.36 -52.22 -34.53
CA VAL D 66 -35.45 -50.86 -35.06
C VAL D 66 -35.96 -49.91 -33.99
N ALA D 67 -36.85 -50.39 -33.11
CA ALA D 67 -37.35 -49.56 -32.02
C ALA D 67 -36.36 -49.53 -30.86
N LYS D 68 -35.09 -49.24 -31.17
CA LYS D 68 -34.07 -49.07 -30.15
C LYS D 68 -33.34 -47.76 -30.40
N SER D 69 -33.25 -47.36 -31.67
CA SER D 69 -32.70 -46.06 -32.05
C SER D 69 -33.76 -45.02 -32.30
N GLU D 70 -34.93 -45.41 -32.82
CA GLU D 70 -36.05 -44.50 -32.96
C GLU D 70 -36.84 -44.36 -31.68
N PHE D 71 -36.83 -45.38 -30.82
CA PHE D 71 -37.41 -45.26 -29.49
C PHE D 71 -36.61 -44.33 -28.59
N ASP D 72 -35.29 -44.28 -28.79
CA ASP D 72 -34.45 -43.32 -28.08
C ASP D 72 -34.63 -41.90 -28.61
N ARG D 73 -35.21 -41.75 -29.81
CA ARG D 73 -35.38 -40.43 -30.39
C ARG D 73 -36.41 -39.61 -29.62
N ASP D 74 -37.65 -40.10 -29.56
CA ASP D 74 -38.70 -39.35 -28.87
C ASP D 74 -38.48 -39.31 -27.37
N ALA D 75 -37.91 -40.38 -26.80
CA ALA D 75 -37.63 -40.38 -25.36
C ALA D 75 -36.60 -39.32 -25.00
N ALA D 76 -35.54 -39.18 -25.81
CA ALA D 76 -34.55 -38.14 -25.55
C ALA D 76 -35.13 -36.75 -25.75
N MET D 77 -36.00 -36.59 -26.75
CA MET D 77 -36.66 -35.31 -26.98
C MET D 77 -37.53 -34.93 -25.77
N GLN D 78 -38.26 -35.90 -25.22
CA GLN D 78 -38.98 -35.68 -23.98
C GLN D 78 -38.02 -35.35 -22.84
N ARG D 79 -36.83 -35.96 -22.84
CA ARG D 79 -35.85 -35.67 -21.82
C ARG D 79 -35.40 -34.21 -21.86
N LYS D 80 -35.12 -33.70 -23.06
CA LYS D 80 -34.79 -32.27 -23.15
C LYS D 80 -35.96 -31.39 -22.78
N LEU D 81 -37.19 -31.76 -23.16
CA LEU D 81 -38.33 -30.93 -22.76
C LEU D 81 -38.47 -30.88 -21.24
N GLU D 82 -38.33 -32.02 -20.58
CA GLU D 82 -38.41 -32.05 -19.12
C GLU D 82 -37.26 -31.26 -18.50
N LYS D 83 -36.06 -31.38 -19.06
CA LYS D 83 -34.92 -30.62 -18.56
C LYS D 83 -35.16 -29.12 -18.67
N MET D 84 -35.68 -28.66 -19.81
CA MET D 84 -35.96 -27.24 -19.98
C MET D 84 -37.05 -26.78 -19.01
N ALA D 85 -38.08 -27.60 -18.83
CA ALA D 85 -39.15 -27.26 -17.88
C ALA D 85 -38.60 -27.13 -16.47
N ASP D 86 -37.73 -28.07 -16.06
CA ASP D 86 -37.16 -28.02 -14.72
C ASP D 86 -36.24 -26.81 -14.56
N GLN D 87 -35.45 -26.49 -15.59
CA GLN D 87 -34.60 -25.31 -15.53
C GLN D 87 -35.42 -24.03 -15.39
N ALA D 88 -36.51 -23.92 -16.17
CA ALA D 88 -37.39 -22.77 -16.03
C ALA D 88 -38.04 -22.71 -14.66
N MET D 89 -38.47 -23.86 -14.12
CA MET D 89 -39.08 -23.88 -12.80
C MET D 89 -38.11 -23.43 -11.73
N THR D 90 -36.86 -23.93 -11.77
CA THR D 90 -35.90 -23.53 -10.75
C THR D 90 -35.48 -22.08 -10.91
N GLN D 91 -35.41 -21.57 -12.14
CA GLN D 91 -35.11 -20.15 -12.32
C GLN D 91 -36.24 -19.28 -11.79
N MET D 92 -37.49 -19.67 -12.04
CA MET D 92 -38.62 -18.91 -11.50
C MET D 92 -38.63 -18.95 -9.99
N TYR D 93 -38.31 -20.10 -9.39
CA TYR D 93 -38.22 -20.19 -7.94
C TYR D 93 -37.14 -19.27 -7.40
N LYS D 94 -35.95 -19.33 -7.98
CA LYS D 94 -34.83 -18.53 -7.48
C LYS D 94 -35.10 -17.05 -7.59
N GLN D 95 -36.16 -16.69 -8.30
CA GLN D 95 -36.50 -15.28 -8.43
C GLN D 95 -37.53 -14.91 -7.41
N ALA D 96 -38.56 -15.71 -7.28
CA ALA D 96 -39.59 -15.45 -6.31
C ALA D 96 -38.99 -15.25 -4.95
N ARG D 97 -38.12 -16.16 -4.54
CA ARG D 97 -37.53 -16.09 -3.22
C ARG D 97 -36.59 -14.92 -3.06
N SER D 98 -35.83 -14.59 -4.09
CA SER D 98 -34.89 -13.51 -4.00
C SER D 98 -35.61 -12.20 -3.87
N GLU D 99 -36.74 -12.05 -4.55
CA GLU D 99 -37.44 -10.78 -4.52
C GLU D 99 -38.28 -10.65 -3.29
N ASP D 100 -38.66 -11.77 -2.69
CA ASP D 100 -39.40 -11.72 -1.44
C ASP D 100 -38.43 -11.34 -0.35
N LYS D 101 -37.21 -11.85 -0.43
CA LYS D 101 -36.20 -11.52 0.56
C LYS D 101 -35.99 -10.04 0.51
N ARG D 102 -35.64 -9.53 -0.66
CA ARG D 102 -35.33 -8.11 -0.76
C ARG D 102 -36.54 -7.21 -0.57
N ALA D 103 -37.75 -7.74 -0.50
CA ALA D 103 -38.88 -6.87 -0.21
C ALA D 103 -39.06 -6.67 1.29
N LYS D 104 -39.06 -7.77 2.06
CA LYS D 104 -39.21 -7.71 3.51
C LYS D 104 -37.83 -7.84 4.17
N VAL D 105 -37.06 -6.76 4.11
CA VAL D 105 -35.75 -6.70 4.74
C VAL D 105 -35.81 -6.01 6.09
N THR D 106 -36.49 -4.87 6.19
CA THR D 106 -36.50 -4.11 7.43
C THR D 106 -37.18 -4.88 8.55
N SER D 107 -38.38 -5.39 8.29
CA SER D 107 -39.12 -6.15 9.31
C SER D 107 -38.36 -7.41 9.70
N ALA D 108 -37.80 -8.11 8.72
CA ALA D 108 -37.06 -9.34 9.02
C ALA D 108 -35.84 -9.05 9.89
N MET D 109 -35.09 -8.00 9.55
CA MET D 109 -33.92 -7.65 10.34
C MET D 109 -34.31 -7.22 11.75
N GLN D 110 -35.39 -6.45 11.89
CA GLN D 110 -35.81 -6.01 13.22
C GLN D 110 -36.25 -7.20 14.06
N THR D 111 -37.02 -8.13 13.49
CA THR D 111 -37.43 -9.31 14.24
C THR D 111 -36.24 -10.17 14.62
N MET D 112 -35.29 -10.34 13.70
CA MET D 112 -34.08 -11.10 14.03
C MET D 112 -33.32 -10.44 15.17
N LEU D 113 -33.15 -9.12 15.11
CA LEU D 113 -32.45 -8.39 16.16
C LEU D 113 -33.13 -8.57 17.50
N PHE D 114 -34.45 -8.43 17.55
CA PHE D 114 -35.13 -8.53 18.84
C PHE D 114 -35.29 -9.97 19.32
N THR D 115 -35.12 -10.96 18.43
CA THR D 115 -35.01 -12.33 18.91
C THR D 115 -33.66 -12.60 19.54
N MET D 116 -32.57 -12.13 18.90
CA MET D 116 -31.26 -12.31 19.50
C MET D 116 -31.09 -11.51 20.79
N LEU D 117 -31.78 -10.36 20.89
CA LEU D 117 -31.69 -9.58 22.13
C LEU D 117 -32.28 -10.34 23.32
N ARG D 118 -33.40 -11.03 23.12
CA ARG D 118 -33.94 -11.88 24.19
C ARG D 118 -33.14 -13.18 24.37
N LYS D 119 -32.54 -13.71 23.30
CA LYS D 119 -31.69 -14.88 23.48
C LYS D 119 -30.39 -14.54 24.21
N LEU D 120 -29.99 -13.27 24.21
CA LEU D 120 -28.81 -12.87 24.98
C LEU D 120 -29.05 -13.02 26.47
N ASP D 121 -30.26 -12.69 26.94
CA ASP D 121 -30.63 -12.78 28.35
C ASP D 121 -29.68 -11.97 29.23
N ASN D 122 -29.42 -10.74 28.80
CA ASN D 122 -28.61 -9.82 29.58
C ASN D 122 -29.45 -9.15 30.67
N ASP D 123 -28.84 -8.24 31.41
CA ASP D 123 -29.54 -7.43 32.40
C ASP D 123 -29.61 -5.96 32.03
N ALA D 124 -28.51 -5.38 31.55
CA ALA D 124 -28.54 -3.98 31.11
C ALA D 124 -29.44 -3.81 29.91
N LEU D 125 -29.28 -4.68 28.90
CA LEU D 125 -30.14 -4.60 27.72
C LEU D 125 -31.59 -4.89 28.08
N ASN D 126 -31.83 -5.89 28.94
CA ASN D 126 -33.18 -6.23 29.34
C ASN D 126 -33.81 -5.18 30.25
N ASN D 127 -33.02 -4.29 30.84
CA ASN D 127 -33.58 -3.15 31.56
C ASN D 127 -33.86 -1.98 30.63
N ILE D 128 -32.93 -1.70 29.70
CA ILE D 128 -33.13 -0.60 28.76
C ILE D 128 -34.35 -0.87 27.89
N ILE D 129 -34.47 -2.09 27.35
CA ILE D 129 -35.58 -2.40 26.47
C ILE D 129 -36.90 -2.42 27.23
N ASN D 130 -36.88 -2.94 28.46
CA ASN D 130 -38.10 -2.93 29.27
C ASN D 130 -38.55 -1.51 29.57
N ASN D 131 -37.61 -0.61 29.86
CA ASN D 131 -37.98 0.79 30.05
C ASN D 131 -38.51 1.41 28.77
N ALA D 132 -37.86 1.10 27.63
CA ALA D 132 -38.27 1.70 26.37
C ALA D 132 -39.61 1.17 25.88
N ARG D 133 -40.06 0.02 26.38
CA ARG D 133 -41.36 -0.51 25.99
C ARG D 133 -42.48 0.48 26.27
N ASP D 134 -42.58 0.96 27.51
CA ASP D 134 -43.69 1.79 27.92
C ASP D 134 -43.22 2.92 28.82
N GLY D 135 -42.13 3.58 28.45
CA GLY D 135 -41.59 4.62 29.30
C GLY D 135 -40.24 5.15 28.92
N CYS D 136 -39.33 5.18 29.90
CA CYS D 136 -38.03 5.81 29.78
C CYS D 136 -37.26 5.38 28.53
N VAL D 137 -36.96 6.34 27.66
CA VAL D 137 -36.06 6.14 26.52
C VAL D 137 -35.00 7.22 26.59
N PRO D 138 -33.77 6.97 26.15
CA PRO D 138 -32.73 8.00 26.22
C PRO D 138 -32.92 9.05 25.14
N LEU D 139 -32.15 10.13 25.27
CA LEU D 139 -32.07 11.14 24.23
C LEU D 139 -30.74 11.15 23.51
N ASN D 140 -29.69 10.55 24.10
CA ASN D 140 -28.39 10.45 23.47
C ASN D 140 -27.83 9.06 23.74
N ILE D 141 -26.66 8.79 23.15
CA ILE D 141 -25.99 7.52 23.35
C ILE D 141 -25.61 7.36 24.82
N ILE D 142 -25.83 6.17 25.37
CA ILE D 142 -25.51 5.89 26.77
C ILE D 142 -24.01 6.02 26.98
N PRO D 143 -23.55 6.89 27.87
CA PRO D 143 -22.12 6.97 28.16
C PRO D 143 -21.68 5.87 29.11
N LEU D 144 -20.43 5.44 28.92
CA LEU D 144 -19.87 4.38 29.74
C LEU D 144 -18.79 4.84 30.71
N THR D 145 -18.11 5.94 30.38
CA THR D 145 -17.13 6.52 31.26
C THR D 145 -17.86 7.08 32.46
N THR D 146 -17.15 7.23 33.58
CA THR D 146 -17.77 7.78 34.79
C THR D 146 -18.12 9.26 34.63
N ALA D 147 -17.64 9.88 33.56
CA ALA D 147 -18.01 11.26 33.27
C ALA D 147 -19.13 11.23 32.25
N ALA D 148 -19.44 12.36 31.61
CA ALA D 148 -20.49 12.50 30.59
C ALA D 148 -21.88 12.29 31.19
N LYS D 149 -22.85 13.03 30.69
CA LYS D 149 -24.21 13.01 31.22
C LYS D 149 -25.14 12.20 30.32
N LEU D 150 -26.25 11.76 30.88
CA LEU D 150 -27.23 11.01 30.11
C LEU D 150 -28.58 11.62 30.37
N MET D 151 -29.29 12.04 29.33
CA MET D 151 -30.63 12.52 29.57
C MET D 151 -31.59 11.42 29.17
N VAL D 152 -32.58 11.12 30.01
CA VAL D 152 -33.56 10.07 29.72
C VAL D 152 -34.96 10.56 30.06
N VAL D 153 -35.90 10.53 29.11
CA VAL D 153 -37.26 10.93 29.40
C VAL D 153 -37.90 10.09 30.46
N ILE D 154 -38.82 10.63 31.24
CA ILE D 154 -39.54 9.82 32.21
C ILE D 154 -40.95 10.20 31.89
N PRO D 155 -41.66 9.32 31.20
CA PRO D 155 -42.99 9.72 30.77
C PRO D 155 -44.13 9.63 31.76
N ASP D 156 -43.92 9.11 32.96
CA ASP D 156 -44.98 9.05 33.93
C ASP D 156 -44.46 8.83 35.32
N TYR D 157 -45.37 8.84 36.29
CA TYR D 157 -44.95 8.68 37.66
C TYR D 157 -44.44 7.30 37.92
N ASN D 158 -45.03 6.31 37.28
CA ASN D 158 -44.60 4.96 37.59
C ASN D 158 -43.22 4.73 37.02
N THR D 159 -42.94 5.23 35.83
CA THR D 159 -41.61 5.08 35.31
C THR D 159 -40.62 5.82 36.16
N TYR D 160 -41.04 6.93 36.76
CA TYR D 160 -40.16 7.63 37.68
C TYR D 160 -39.85 6.70 38.81
N LYS D 161 -40.86 6.25 39.54
CA LYS D 161 -40.64 5.42 40.70
C LYS D 161 -39.98 4.09 40.43
N ASN D 162 -40.07 3.60 39.21
CA ASN D 162 -39.37 2.35 38.91
C ASN D 162 -37.91 2.67 38.72
N THR D 163 -37.62 3.79 38.05
CA THR D 163 -36.24 4.18 37.86
C THR D 163 -35.72 5.04 38.99
N CYS D 164 -35.80 6.35 38.86
CA CYS D 164 -35.29 7.24 39.88
C CYS D 164 -36.09 7.20 41.15
N ASP D 165 -35.41 6.90 42.23
CA ASP D 165 -36.11 6.80 43.50
C ASP D 165 -35.82 8.02 44.32
N GLY D 166 -34.55 8.41 44.36
CA GLY D 166 -34.16 9.59 45.12
C GLY D 166 -32.69 9.77 44.89
N THR D 167 -32.29 10.78 44.12
CA THR D 167 -30.88 11.01 43.75
C THR D 167 -30.17 9.88 42.99
N THR D 168 -30.79 8.71 42.86
CA THR D 168 -30.22 7.62 42.12
C THR D 168 -31.16 7.45 40.94
N PHE D 169 -30.80 6.66 39.94
CA PHE D 169 -31.64 6.58 38.77
C PHE D 169 -31.81 5.16 38.29
N THR D 170 -31.09 4.21 38.84
CA THR D 170 -31.13 2.86 38.30
C THR D 170 -30.84 2.96 36.80
N TYR D 171 -31.64 2.40 35.90
CA TYR D 171 -31.36 2.42 34.45
C TYR D 171 -30.11 1.69 33.95
N ALA D 172 -30.27 0.79 32.98
CA ALA D 172 -29.14 0.08 32.38
C ALA D 172 -28.21 -0.53 33.38
N SER D 173 -28.75 -1.23 34.38
CA SER D 173 -27.94 -1.93 35.39
C SER D 173 -26.85 -1.13 36.09
N ALA D 174 -26.96 0.18 36.11
CA ALA D 174 -26.01 0.99 36.83
C ALA D 174 -26.90 1.80 37.70
N LEU D 175 -26.36 2.81 38.34
CA LEU D 175 -27.17 3.69 39.15
C LEU D 175 -26.64 5.02 38.72
N TRP D 176 -27.50 5.89 38.26
CA TRP D 176 -27.02 7.15 37.77
C TRP D 176 -27.44 8.19 38.78
N GLU D 177 -26.61 9.18 39.07
CA GLU D 177 -27.05 10.26 39.95
C GLU D 177 -27.66 11.38 39.10
N ILE D 178 -28.82 11.85 39.53
CA ILE D 178 -29.53 12.88 38.77
C ILE D 178 -28.92 14.24 39.03
N GLN D 179 -28.97 15.11 38.04
CA GLN D 179 -28.40 16.45 38.11
C GLN D 179 -29.42 17.54 37.83
N GLN D 180 -30.30 17.34 36.84
CA GLN D 180 -31.19 18.41 36.40
C GLN D 180 -32.48 17.75 35.89
N VAL D 181 -33.51 17.77 36.73
CA VAL D 181 -34.82 17.22 36.36
C VAL D 181 -35.60 18.37 35.73
N VAL D 182 -35.49 18.49 34.42
CA VAL D 182 -36.19 19.55 33.69
C VAL D 182 -37.48 18.99 33.16
N ASP D 183 -38.55 19.78 33.18
CA ASP D 183 -39.85 19.33 32.71
C ASP D 183 -40.07 19.32 31.22
N ALA D 184 -41.33 19.29 30.82
CA ALA D 184 -41.67 19.24 29.41
C ALA D 184 -41.20 20.46 28.66
N ASP D 185 -41.50 21.64 29.18
CA ASP D 185 -41.03 22.87 28.55
C ASP D 185 -39.58 23.06 28.92
N SER D 186 -39.33 23.52 30.14
CA SER D 186 -37.97 23.72 30.60
C SER D 186 -37.87 23.87 32.11
N LYS D 187 -38.99 24.11 32.77
CA LYS D 187 -38.96 24.36 34.20
C LYS D 187 -38.21 23.29 34.94
N ILE D 188 -37.11 23.66 35.57
CA ILE D 188 -36.37 22.70 36.35
C ILE D 188 -37.19 22.37 37.55
N VAL D 189 -37.69 21.15 37.61
CA VAL D 189 -38.46 20.72 38.77
C VAL D 189 -37.53 20.24 39.82
N GLN D 190 -37.65 20.81 41.00
CA GLN D 190 -36.84 20.36 42.11
C GLN D 190 -37.51 19.09 42.56
N LEU D 191 -36.78 18.22 43.23
CA LEU D 191 -37.34 16.93 43.62
C LEU D 191 -38.39 17.08 44.69
N SER D 192 -39.62 17.39 44.30
CA SER D 192 -40.66 17.65 45.26
C SER D 192 -42.00 17.22 44.77
N GLU D 193 -42.50 17.87 43.74
CA GLU D 193 -43.83 17.57 43.23
C GLU D 193 -43.79 16.24 42.53
N ILE D 194 -42.60 15.70 42.32
CA ILE D 194 -42.44 14.40 41.73
C ILE D 194 -42.63 13.37 42.83
N SER D 195 -43.69 13.50 43.62
CA SER D 195 -43.99 12.56 44.67
C SER D 195 -45.40 12.11 44.42
N MET D 196 -45.94 11.29 45.30
CA MET D 196 -47.27 10.73 45.10
C MET D 196 -48.33 11.80 45.06
N ASP D 197 -48.08 12.92 45.74
CA ASP D 197 -49.02 14.03 45.70
C ASP D 197 -49.25 14.39 44.25
N ASN D 198 -50.50 14.63 43.88
CA ASN D 198 -50.83 14.95 42.50
C ASN D 198 -49.72 15.67 41.80
N SER D 199 -49.10 15.01 40.85
CA SER D 199 -48.02 15.62 40.13
C SER D 199 -48.58 16.13 38.85
N PRO D 200 -48.82 17.44 38.75
CA PRO D 200 -49.26 17.95 37.47
C PRO D 200 -48.03 18.57 36.88
N ASN D 201 -46.87 17.90 37.02
CA ASN D 201 -45.61 18.41 36.52
C ASN D 201 -45.66 18.54 35.02
N LEU D 202 -46.25 19.62 34.53
CA LEU D 202 -46.39 19.85 33.09
C LEU D 202 -46.80 18.63 32.31
N ALA D 203 -46.26 18.49 31.11
CA ALA D 203 -46.53 17.27 30.38
C ALA D 203 -45.54 16.41 31.08
N TRP D 204 -45.95 15.23 31.50
CA TRP D 204 -45.06 14.43 32.30
C TRP D 204 -43.64 14.13 31.78
N PRO D 205 -43.34 14.10 30.42
CA PRO D 205 -41.93 13.92 30.05
C PRO D 205 -40.96 14.76 30.86
N LEU D 206 -40.40 14.22 31.94
CA LEU D 206 -39.54 14.97 32.81
C LEU D 206 -38.18 14.54 32.50
N ILE D 207 -37.63 15.05 31.41
CA ILE D 207 -36.30 14.70 31.03
C ILE D 207 -35.32 14.84 32.17
N VAL D 208 -34.87 13.73 32.72
CA VAL D 208 -33.93 13.74 33.82
C VAL D 208 -32.57 13.74 33.20
N THR D 209 -31.73 14.71 33.54
CA THR D 209 -30.36 14.66 33.05
C THR D 209 -29.64 14.05 34.20
N ALA D 210 -28.84 13.03 33.93
CA ALA D 210 -28.23 12.31 35.00
C ALA D 210 -26.80 11.91 34.67
N LEU D 211 -25.93 11.98 35.66
CA LEU D 211 -24.56 11.61 35.44
C LEU D 211 -24.25 10.23 36.01
N ARG D 212 -23.26 9.56 35.45
CA ARG D 212 -22.84 8.23 35.88
C ARG D 212 -22.05 8.32 37.17
N ALA D 213 -22.37 7.45 38.12
CA ALA D 213 -21.69 7.43 39.41
C ALA D 213 -20.25 6.94 39.26
ZN ZN G . 21.47 8.25 -18.43
ZN ZN H . 7.09 -3.91 -27.41
MG MG I . 41.75 4.47 7.13
C1' AT9 J . 40.50 4.24 13.56
C2 AT9 J . 38.01 7.79 14.00
C2' AT9 J . 39.60 3.85 12.37
C3 AT9 J . 38.13 3.73 12.70
C3' AT9 J . 39.94 4.92 11.32
C4 AT9 J . 39.13 6.01 14.75
C4' AT9 J . 41.43 5.07 11.59
C5 AT9 J . 38.81 6.23 16.07
C5' AT9 J . 42.08 6.30 11.02
C6 AT9 J . 38.01 7.34 16.42
C8 AT9 J . 40.03 4.47 16.04
F4 AT9 J . 40.00 2.66 11.90
N1 AT9 J . 37.64 8.08 15.29
N2 AT9 J . 37.56 8.62 13.05
N3 AT9 J . 38.77 6.74 13.66
N7 AT9 J . 39.38 5.25 16.88
N9 AT9 J . 39.89 4.87 14.73
O1A AT9 J . 44.73 5.76 8.42
O1B AT9 J . 42.81 1.50 7.90
O2A AT9 J . 44.46 4.84 10.79
O2B AT9 J . 44.84 1.95 9.42
O3' AT9 J . 39.65 4.52 9.99
O3A AT9 J . 43.22 3.79 8.87
O3B AT9 J . 44.74 2.92 7.11
O4' AT9 J . 41.48 5.12 13.04
O5' AT9 J . 42.55 6.04 9.68
O6 AT9 J . 37.63 7.69 17.55
PA AT9 J . 43.85 5.13 9.46
PB AT9 J . 43.88 2.42 8.38
C1' AT9 K . -2.30 -5.99 -3.55
C2 AT9 K . -5.92 -5.90 -5.85
C2' AT9 K . -1.75 -4.66 -3.03
C3 AT9 K . -2.68 -3.93 -2.07
C3' AT9 K . -0.38 -5.00 -2.43
C4 AT9 K . -4.76 -6.29 -4.01
C4' AT9 K . -0.35 -6.51 -2.29
C5 AT9 K . -5.83 -6.73 -3.29
C5' AT9 K . -0.46 -7.06 -0.90
C6 AT9 K . -7.11 -6.77 -3.89
C8 AT9 K . -4.15 -6.86 -1.97
F4 AT9 K . -1.55 -3.84 -4.09
N1 AT9 K . -7.05 -6.32 -5.21
N2 AT9 K . -6.08 -5.50 -7.12
N3 AT9 K . -4.71 -5.86 -5.29
N7 AT9 K . -5.44 -7.08 -2.00
N9 AT9 K . -3.68 -6.36 -3.17
O1A AT9 K . -1.54 -7.81 1.53
O1B AT9 K . -2.22 -4.48 3.98
O1G AT9 K . 1.28 -4.31 6.93
O2A AT9 K . -2.75 -5.58 1.28
O2B AT9 K . -0.27 -3.25 2.85
O2G AT9 K . -0.85 -3.15 6.35
O3' AT9 K . 0.66 -4.58 -3.29
O3A AT9 K . -0.57 -5.72 2.55
O3B AT9 K . 0.12 -4.81 4.77
O3G AT9 K . -0.87 -5.60 6.90
O4' AT9 K . -1.42 -7.03 -3.11
O5' AT9 K . -0.59 -6.00 0.07
O6 AT9 K . -8.18 -7.13 -3.41
PA AT9 K . -1.47 -6.33 1.37
PB AT9 K . -0.80 -4.46 3.51
PG AT9 K . -0.08 -4.45 6.32
MG MG L . 1.40 -7.04 3.26
MG MG M . 45.42 3.15 4.92
C1' AT9 N . -2.34 -11.66 -3.71
C2 AT9 N . -4.30 -9.54 -6.91
C2' AT9 N . -1.62 -10.80 -2.67
C3 AT9 N . -2.54 -9.77 -2.03
C3' AT9 N . -1.05 -11.78 -1.65
C4 AT9 N . -4.23 -10.62 -4.97
C4' AT9 N . -1.37 -13.17 -2.16
C5 AT9 N . -5.57 -10.48 -4.73
C5' AT9 N . -2.04 -13.97 -1.09
C6 AT9 N . -6.38 -9.82 -5.67
C8 AT9 N . -4.75 -11.54 -3.06
F4 AT9 N . -0.63 -10.14 -3.27
N1 AT9 N . -5.65 -9.37 -6.76
N2 AT9 N . -3.76 -9.04 -8.03
N3 AT9 N . -3.52 -10.17 -6.03
N7 AT9 N . -5.90 -11.07 -3.52
N9 AT9 N . -3.72 -11.29 -3.89
O1A AT9 N . -3.20 -13.76 1.80
O3' AT9 N . 0.35 -11.70 -1.42
O3A AT9 N . -5.26 -12.98 0.64
O4' AT9 N . -2.31 -12.99 -3.23
O5' AT9 N . -3.10 -13.17 -0.57
O6 AT9 N . -7.60 -9.60 -5.61
PA AT9 N . -4.01 -13.78 0.56
#